data_3V8X
#
_entry.id   3V8X
#
_cell.length_a   91.014
_cell.length_b   129.362
_cell.length_c   198.589
_cell.angle_alpha   90.00
_cell.angle_beta   90.00
_cell.angle_gamma   90.00
#
_symmetry.space_group_name_H-M   'P 21 21 21'
#
loop_
_entity.id
_entity.type
_entity.pdbx_description
1 polymer 'Transferrin-binding protein 1'
2 polymer Serotransferrin
3 branched 'N-acetyl-alpha-neuraminic acid-(2-6)-beta-D-galactopyranose-(1-4)-2-acetamido-2-deoxy-beta-D-glucopyranose-(1-4)-alpha-D-mannopyranose-(1-3)-[beta-D-galactopyranose-(1-4)-2-acetamido-2-deoxy-beta-D-glucopyranose-(1-4)-alpha-D-mannopyranose-(1-6)]beta-D-mannopyranose-(1-4)-2-acetamido-2-deoxy-beta-D-glucopyranose-(1-4)-2-acetamido-2-deoxy-beta-D-glucopyranose'
4 branched 'N-acetyl-alpha-neuraminic acid-(2-6)-beta-D-galactopyranose-(1-4)-2-acetamido-2-deoxy-beta-D-glucopyranose-(1-4)-alpha-D-mannopyranose-(1-6)-[2-acetamido-2-deoxy-beta-D-glucopyranose-(1-4)-alpha-D-mannopyranose-(1-3)]beta-D-mannopyranose-(1-4)-2-acetamido-2-deoxy-beta-D-glucopyranose-(1-4)-2-acetamido-2-deoxy-beta-D-glucopyranose'
5 non-polymer (HYDROXYETHYLOXY)TRI(ETHYLOXY)OCTANE
6 water water
#
loop_
_entity_poly.entity_id
_entity_poly.type
_entity_poly.pdbx_seq_one_letter_code
_entity_poly.pdbx_strand_id
1 'polypeptide(L)'
;MDIHHHHHHHHHHENVQAGQAQEKQLDTIQVKAKKQKTRRDNEVTGLGKLVKSSDTLSKEQVLNIRDLTRYDPGIAVVEQ
GRGASSGYSIRGMDKNRVSLTVDGVSQIQSYTAQAALGGTRTAGSSGAINEIEYENVKAVEISKGSNSVEQGSGALAGSV
AFQTKTADDVIGEGRQWGIQSKTAYSGKNRGLTQSIALAGRIGGAEALLIHTGRRAGEIRAHEDAGRGVQSFNRLVPVED
SSNYAYFIVKEECKNGSYETCKANPKKDVVGKDERQTVSTRDYTGPNRFLADPLSYESRSWLFRPGFRFENKRHYIGGIL
EHTQQTFDTRDMTVPAFLTKAVFDANKKQAGSLPGNGKYAGNHKYGGLFTNGENGALVGAEYGTGVFYDETHTKSRYGLE
YVYTNADKDTWADYARLSYDRQGVGLDNHFQQTHCSADGSDKYCRPSADKPFSYYKSDRVIYGESHRLLQAAFKKSFDTA
KIRHNLSVNLGFDRFGSNLRHQDYYYQHANRAYSSNTPPQNNGKKISPNGSETSPYWVTIGRGNVVTGQICRLGNNTYTD
CTPRSINGKSYYAAVRDNVRLGRWADVGAGLRYDYRSTHSDDGSVSTGTHRTLSWNAGIVLKPTDWLDLTYRTSTGFRLP
SFAEMYGWRAGVQSKAVKIDPEKSFNKEAGIVFKGDFGNLEASWFNNAYRDLIVRGYEAQIKDGKEEAKGDPAYLNAQSA
RITGINILGKIDWNGVWDKLPEGWYSTFAYNRVRVRDIKKRADRTDIQSHLFDAIQPSRYVVGLGYDQPEGKWGVNGMLT
YSKAKEITELLGSRALLNGNSRNTKATARRTRPWYIVDVSGYYTVKKHFTLRAGVYNLLNYRYVTWENVRQTAGGAVNQH
KNVGVYNRYAAPGRNYTFSLEYKF
;
A
2 'polypeptide(L)'
;MRLAVGALLVCAVLGLCLAVPDKTVRWCAVSEHEATKCQSFRDHMKSVIPSDGPSVACVKKASYLDCIRAIAANEADAVT
LDAGLVYDAYLAPNNLKPVVAEFYGSKEDPQTFYYAVAVVKKDSGFQMNQLRGKKSCHTGLGRSAGWNIPIGLLYCDLPE
PRKPLEKAVANFFSGSCAPCADGTDFPQLCQLCPGCGCSTLNQYFGYSGAFKCLKDGAGDVAFVKHSTIFENLANKADRD
QYELLCLDNTRKPVDEYKDCHLAQVPSHTVVARSMGGKEDLIWELLNQAQEHFGKDKSKEFQLFSSPHGKDLLFKDSAHG
FLKVPPRMDAKMYLGYEYVTAIRNLREGTCPEAPTDECKPVKWCALSHHERLKCDEWSVNSVGKIECVSAETTEDCIAKI
MNGEADAMSLDGGFVYIAGKCGLVPVLAENYNKSDNCEDTPEAGYFAVAVVKKSASDLTWDNLKGKKSCHTAVGRTAGWN
IPMGLLYNKINHCRFDEFFSEGCAPGSKKDSSLCKLCMGSGLNLCEPNNKEGYYGYTGAFRCLVEKGDVAFVKHQTVPQN
TGGKNPDPWAKNLNEKDYELLCLDGTRKPVEEYANCHLARAPNHAVVTRKDKEACVHKILRQQQHLFGSNVTDCSGNFCL
FRSETKDLLFRDDTVCLAKLHDRNTYEKYLGEEYVKAVGNLRKCSTSSLLEACTFRRP
;
B
#
loop_
_chem_comp.id
_chem_comp.type
_chem_comp.name
_chem_comp.formula
BMA D-saccharide, beta linking beta-D-mannopyranose 'C6 H12 O6'
C8E non-polymer (HYDROXYETHYLOXY)TRI(ETHYLOXY)OCTANE 'C16 H34 O5'
GAL D-saccharide, beta linking beta-D-galactopyranose 'C6 H12 O6'
MAN D-saccharide, alpha linking alpha-D-mannopyranose 'C6 H12 O6'
NAG D-saccharide, beta linking 2-acetamido-2-deoxy-beta-D-glucopyranose 'C8 H15 N O6'
SIA D-saccharide, alpha linking 'N-acetyl-alpha-neuraminic acid' 'C11 H19 N O9'
#
# COMPACT_ATOMS: atom_id res chain seq x y z
N GLU A 43 10.06 5.36 53.19
CA GLU A 43 9.54 4.00 53.00
C GLU A 43 9.58 3.56 51.54
N VAL A 44 9.93 2.30 51.33
CA VAL A 44 10.12 1.74 49.99
C VAL A 44 8.91 1.90 49.08
N THR A 45 7.72 1.59 49.59
CA THR A 45 6.50 1.76 48.81
C THR A 45 5.73 3.01 49.25
N GLY A 46 5.77 4.03 48.41
CA GLY A 46 6.47 3.94 47.14
C GLY A 46 7.39 5.11 46.84
N LEU A 47 8.65 4.78 46.55
CA LEU A 47 9.58 5.77 46.01
C LEU A 47 9.43 5.81 44.50
N GLY A 48 9.85 6.93 43.90
CA GLY A 48 9.68 7.11 42.46
C GLY A 48 8.25 7.41 42.09
N LYS A 49 7.43 7.69 43.11
CA LYS A 49 6.03 8.02 42.90
C LYS A 49 5.81 9.52 42.87
N LEU A 50 4.59 9.90 42.50
CA LEU A 50 4.20 11.30 42.47
C LEU A 50 2.71 11.35 42.69
N VAL A 51 2.31 11.64 43.92
CA VAL A 51 0.91 11.58 44.30
C VAL A 51 0.27 12.97 44.31
N LYS A 52 -0.92 13.07 43.72
CA LYS A 52 -1.70 14.30 43.73
C LYS A 52 -3.09 13.98 44.26
N SER A 53 -3.59 14.85 45.13
CA SER A 53 -4.91 14.64 45.72
C SER A 53 -5.96 15.50 45.04
N SER A 54 -7.21 15.31 45.43
CA SER A 54 -8.30 16.11 44.91
C SER A 54 -8.11 17.58 45.26
N ASP A 55 -7.60 17.83 46.47
CA ASP A 55 -7.38 19.19 46.93
C ASP A 55 -6.24 19.85 46.16
N THR A 56 -5.16 19.11 45.95
CA THR A 56 -4.02 19.60 45.16
C THR A 56 -4.47 20.05 43.78
N LEU A 57 -5.42 19.31 43.22
CA LEU A 57 -5.96 19.62 41.90
C LEU A 57 -6.75 20.93 41.89
N SER A 58 -7.65 21.09 42.85
CA SER A 58 -8.48 22.29 42.92
C SER A 58 -7.64 23.53 43.24
N LYS A 59 -6.55 23.34 43.96
CA LYS A 59 -5.67 24.45 44.33
C LYS A 59 -4.90 24.95 43.12
N GLU A 60 -4.44 24.03 42.28
CA GLU A 60 -3.66 24.39 41.11
C GLU A 60 -4.56 24.73 39.91
N GLN A 61 -5.88 24.63 40.13
CA GLN A 61 -6.87 24.93 39.09
C GLN A 61 -6.63 24.14 37.80
N VAL A 62 -6.51 22.82 37.93
CA VAL A 62 -6.35 21.96 36.77
C VAL A 62 -7.70 21.51 36.22
N LEU A 63 -7.99 21.91 34.99
CA LEU A 63 -9.26 21.62 34.35
C LEU A 63 -9.02 20.77 33.12
N ASN A 64 -7.88 20.98 32.48
CA ASN A 64 -7.49 20.23 31.30
C ASN A 64 -6.49 19.14 31.64
N ILE A 65 -6.39 18.12 30.78
CA ILE A 65 -5.46 17.02 31.01
C ILE A 65 -4.03 17.54 30.95
N ARG A 66 -3.84 18.66 30.27
CA ARG A 66 -2.52 19.26 30.11
C ARG A 66 -2.07 20.04 31.33
N ASP A 67 -3.03 20.51 32.12
CA ASP A 67 -2.73 21.24 33.35
C ASP A 67 -2.15 20.34 34.42
N LEU A 68 -2.52 19.06 34.37
CA LEU A 68 -2.24 18.11 35.45
C LEU A 68 -0.75 17.87 35.72
N THR A 69 0.03 17.70 34.66
CA THR A 69 1.47 17.47 34.81
C THR A 69 2.26 18.67 34.31
N ARG A 70 1.60 19.82 34.29
CA ARG A 70 2.14 21.08 33.79
C ARG A 70 3.40 21.54 34.52
N TYR A 71 3.50 21.20 35.81
CA TYR A 71 4.65 21.62 36.60
C TYR A 71 5.53 20.43 36.96
N ASP A 72 5.28 19.29 36.33
CA ASP A 72 6.07 18.09 36.55
C ASP A 72 6.90 17.74 35.33
N PRO A 73 8.18 18.14 35.34
CA PRO A 73 9.05 17.86 34.18
C PRO A 73 9.33 16.37 34.06
N GLY A 74 9.41 15.89 32.83
CA GLY A 74 9.70 14.48 32.58
C GLY A 74 8.45 13.66 32.37
N ILE A 75 7.30 14.29 32.54
CA ILE A 75 6.01 13.63 32.31
C ILE A 75 5.06 14.55 31.54
N ALA A 76 4.70 14.12 30.33
CA ALA A 76 3.91 14.96 29.41
C ALA A 76 2.74 14.24 28.75
N VAL A 77 1.80 15.03 28.23
CA VAL A 77 0.63 14.50 27.53
C VAL A 77 0.86 14.51 26.03
N VAL A 78 0.65 13.35 25.40
CA VAL A 78 0.84 13.23 23.96
C VAL A 78 -0.40 13.63 23.16
N GLU A 79 -0.25 14.67 22.33
CA GLU A 79 -1.34 15.17 21.52
C GLU A 79 -1.80 14.12 20.51
N GLN A 80 -3.11 14.08 20.28
CA GLN A 80 -3.73 13.05 19.44
C GLN A 80 -3.87 13.52 17.99
N GLY A 81 -3.77 14.82 17.78
CA GLY A 81 -3.79 15.39 16.44
C GLY A 81 -5.05 16.20 16.13
N ARG A 82 -6.18 15.78 16.68
CA ARG A 82 -7.42 16.50 16.43
C ARG A 82 -8.05 17.03 17.72
N GLY A 83 -7.21 17.41 18.67
CA GLY A 83 -7.69 18.06 19.88
C GLY A 83 -7.82 17.14 21.10
N ALA A 84 -7.91 15.83 20.85
CA ALA A 84 -7.93 14.88 21.94
C ALA A 84 -6.51 14.62 22.42
N SER A 85 -6.36 13.66 23.32
CA SER A 85 -5.03 13.26 23.78
C SER A 85 -4.90 11.74 23.75
N SER A 86 -3.67 11.26 23.73
CA SER A 86 -3.43 9.83 23.64
C SER A 86 -2.53 9.32 24.76
N GLY A 87 -2.87 9.64 26.00
CA GLY A 87 -2.10 9.15 27.14
C GLY A 87 -0.88 9.99 27.48
N TYR A 88 0.09 9.36 28.13
CA TYR A 88 1.22 10.12 28.70
C TYR A 88 2.58 9.72 28.13
N SER A 89 3.62 10.44 28.55
CA SER A 89 4.97 10.20 28.07
C SER A 89 5.99 10.26 29.21
N ILE A 90 6.52 9.10 29.59
CA ILE A 90 7.45 9.01 30.71
C ILE A 90 8.71 8.22 30.35
N ARG A 91 9.87 8.71 30.81
CA ARG A 91 11.15 8.03 30.63
C ARG A 91 11.46 7.67 29.17
N GLY A 92 10.95 8.48 28.24
CA GLY A 92 11.24 8.28 26.83
C GLY A 92 10.15 7.57 26.04
N MET A 93 9.29 6.83 26.73
CA MET A 93 8.22 6.11 26.05
C MET A 93 6.88 6.79 26.28
N ASP A 94 5.90 6.45 25.43
CA ASP A 94 4.58 7.07 25.54
C ASP A 94 3.47 6.14 25.06
N LYS A 95 2.25 6.69 24.99
CA LYS A 95 1.07 5.94 24.57
C LYS A 95 0.87 4.65 25.36
N ASN A 96 0.88 3.53 24.65
CA ASN A 96 0.61 2.21 25.23
C ASN A 96 1.78 1.66 26.04
N ARG A 97 2.83 2.45 26.20
CA ARG A 97 4.00 2.05 26.97
C ARG A 97 3.97 2.60 28.40
N VAL A 98 2.92 3.36 28.71
CA VAL A 98 2.63 3.70 30.09
C VAL A 98 1.16 3.41 30.37
N SER A 99 0.90 2.64 31.42
CA SER A 99 -0.45 2.17 31.71
C SER A 99 -1.30 3.24 32.38
N LEU A 100 -2.58 3.25 32.05
CA LEU A 100 -3.53 4.23 32.54
C LEU A 100 -4.67 3.47 33.21
N THR A 101 -4.81 3.60 34.51
CA THR A 101 -5.86 2.86 35.22
C THR A 101 -6.79 3.74 36.02
N VAL A 102 -8.02 3.28 36.18
CA VAL A 102 -9.01 3.92 37.04
C VAL A 102 -9.64 2.85 37.92
N ASP A 103 -9.38 2.94 39.23
CA ASP A 103 -9.89 1.96 40.19
C ASP A 103 -9.53 0.52 39.84
N GLY A 104 -8.31 0.33 39.33
CA GLY A 104 -7.81 -0.99 39.03
C GLY A 104 -8.15 -1.48 37.64
N VAL A 105 -8.92 -0.67 36.91
CA VAL A 105 -9.35 -1.06 35.58
C VAL A 105 -8.61 -0.26 34.52
N SER A 106 -7.92 -0.95 33.63
CA SER A 106 -7.18 -0.29 32.57
C SER A 106 -8.12 0.39 31.59
N GLN A 107 -7.66 1.49 31.00
CA GLN A 107 -8.45 2.21 30.03
C GLN A 107 -8.12 1.78 28.61
N ILE A 108 -8.63 2.55 27.65
CA ILE A 108 -8.51 2.21 26.23
C ILE A 108 -7.07 2.26 25.73
N GLN A 109 -6.74 1.33 24.83
CA GLN A 109 -5.45 1.36 24.15
C GLN A 109 -5.51 2.35 23.01
N SER A 110 -4.38 2.96 22.67
CA SER A 110 -4.29 3.75 21.47
C SER A 110 -4.30 2.78 20.30
N TYR A 111 -5.24 2.95 19.39
CA TYR A 111 -5.37 2.09 18.22
C TYR A 111 -5.29 2.92 16.95
N THR A 112 -4.24 2.70 16.16
CA THR A 112 -4.13 3.37 14.87
C THR A 112 -4.24 2.39 13.71
N ALA A 113 -5.31 2.50 12.93
CA ALA A 113 -5.49 1.68 11.75
C ALA A 113 -4.49 2.07 10.67
N GLN A 114 -4.02 1.08 9.92
CA GLN A 114 -3.14 1.33 8.78
C GLN A 114 -3.80 2.30 7.81
N ALA A 115 -3.01 3.17 7.20
CA ALA A 115 -3.54 4.25 6.39
C ALA A 115 -4.03 3.81 5.01
N ALA A 116 -4.91 4.62 4.44
CA ALA A 116 -5.54 4.29 3.17
C ALA A 116 -4.77 4.81 1.96
N LEU A 117 -4.67 3.99 0.92
CA LEU A 117 -4.14 4.43 -0.36
C LEU A 117 -5.27 5.05 -1.15
N GLY A 118 -4.93 5.86 -2.15
CA GLY A 118 -5.92 6.42 -3.05
C GLY A 118 -5.83 7.92 -3.20
N GLY A 119 -5.07 8.56 -2.32
CA GLY A 119 -4.86 9.99 -2.38
C GLY A 119 -6.08 10.80 -1.96
N THR A 120 -6.88 10.23 -1.07
CA THR A 120 -8.05 10.93 -0.56
C THR A 120 -7.99 11.06 0.96
N ARG A 121 -8.77 11.98 1.49
CA ARG A 121 -8.92 12.10 2.92
C ARG A 121 -9.86 11.01 3.46
N THR A 122 -9.49 10.40 4.59
CA THR A 122 -10.32 9.38 5.22
C THR A 122 -10.40 9.60 6.73
N ALA A 123 -11.21 8.78 7.39
CA ALA A 123 -11.42 8.90 8.83
C ALA A 123 -10.25 8.44 9.65
N GLY A 124 -9.87 7.18 9.45
CA GLY A 124 -8.90 6.53 10.30
C GLY A 124 -9.50 6.26 11.66
N SER A 125 -8.81 5.49 12.50
CA SER A 125 -9.27 5.31 13.87
C SER A 125 -8.99 6.58 14.67
N SER A 126 -9.64 6.71 15.82
CA SER A 126 -9.42 7.88 16.67
C SER A 126 -7.96 8.01 17.11
N GLY A 127 -7.39 6.92 17.61
CA GLY A 127 -6.02 6.89 18.07
C GLY A 127 -5.88 7.38 19.50
N ALA A 128 -6.91 8.06 19.98
CA ALA A 128 -6.88 8.67 21.29
C ALA A 128 -6.95 7.65 22.41
N ILE A 129 -6.61 8.10 23.61
CA ILE A 129 -6.95 7.38 24.84
C ILE A 129 -7.89 8.28 25.62
N ASN A 130 -8.88 7.68 26.26
CA ASN A 130 -9.95 8.45 26.91
C ASN A 130 -9.50 9.27 28.12
N GLU A 131 -9.85 10.55 28.11
CA GLU A 131 -9.49 11.47 29.18
C GLU A 131 -10.40 11.27 30.39
N ILE A 132 -9.80 11.26 31.57
CA ILE A 132 -10.55 11.05 32.80
C ILE A 132 -11.19 12.36 33.26
N GLU A 133 -12.39 12.25 33.82
CA GLU A 133 -13.05 13.39 34.45
C GLU A 133 -12.44 13.60 35.83
N TYR A 134 -11.68 14.69 36.00
CA TYR A 134 -10.95 14.92 37.23
C TYR A 134 -11.86 15.21 38.41
N GLU A 135 -13.07 15.67 38.12
CA GLU A 135 -14.04 15.96 39.18
C GLU A 135 -14.56 14.70 39.88
N ASN A 136 -14.11 13.53 39.43
CA ASN A 136 -14.52 12.28 40.04
C ASN A 136 -13.39 11.58 40.77
N VAL A 137 -12.18 12.14 40.73
CA VAL A 137 -11.03 11.47 41.33
C VAL A 137 -10.62 12.03 42.69
N LYS A 138 -10.29 11.14 43.61
CA LYS A 138 -9.76 11.53 44.90
C LYS A 138 -8.25 11.71 44.81
N ALA A 139 -7.57 10.71 44.26
CA ALA A 139 -6.12 10.75 44.16
C ALA A 139 -5.64 10.34 42.78
N VAL A 140 -4.40 10.71 42.47
CA VAL A 140 -3.74 10.29 41.24
C VAL A 140 -2.34 9.83 41.60
N GLU A 141 -1.98 8.61 41.20
CA GLU A 141 -0.66 8.07 41.50
C GLU A 141 0.15 7.86 40.22
N ILE A 142 1.10 8.74 39.98
CA ILE A 142 1.96 8.62 38.81
C ILE A 142 3.28 7.95 39.18
N SER A 143 3.59 6.84 38.53
CA SER A 143 4.84 6.13 38.80
C SER A 143 5.78 6.26 37.60
N LYS A 144 7.02 6.68 37.86
CA LYS A 144 8.01 6.72 36.79
C LYS A 144 8.77 5.40 36.74
N GLY A 145 9.23 5.02 35.56
CA GLY A 145 9.95 3.77 35.37
C GLY A 145 9.02 2.58 35.30
N SER A 146 9.60 1.39 35.12
CA SER A 146 8.83 0.15 35.06
C SER A 146 7.96 -0.03 36.30
N ASN A 147 6.85 -0.74 36.14
CA ASN A 147 5.88 -0.92 37.23
C ASN A 147 4.84 -1.99 36.97
N SER A 148 5.24 -3.08 36.33
CA SER A 148 4.31 -4.13 35.94
C SER A 148 3.78 -4.96 37.10
N VAL A 149 4.56 -5.08 38.17
CA VAL A 149 4.12 -5.82 39.33
C VAL A 149 2.90 -5.14 39.98
N GLU A 150 2.81 -3.82 39.83
CA GLU A 150 1.65 -3.08 40.31
C GLU A 150 0.55 -2.93 39.26
N GLN A 151 0.92 -2.65 38.02
CA GLN A 151 -0.05 -2.28 36.99
C GLN A 151 -0.07 -3.20 35.77
N GLY A 152 0.71 -4.27 35.81
CA GLY A 152 0.67 -5.28 34.76
C GLY A 152 1.21 -4.86 33.40
N SER A 153 0.59 -5.39 32.35
CA SER A 153 0.97 -5.06 30.98
C SER A 153 0.69 -3.60 30.68
N GLY A 154 1.67 -2.93 30.07
CA GLY A 154 1.53 -1.53 29.72
C GLY A 154 2.36 -0.62 30.60
N ALA A 155 2.90 -1.16 31.68
CA ALA A 155 3.73 -0.37 32.59
C ALA A 155 5.21 -0.47 32.21
N LEU A 156 5.49 -0.28 30.93
CA LEU A 156 6.87 -0.35 30.42
C LEU A 156 7.72 0.77 30.98
N ALA A 157 7.22 1.99 30.86
CA ALA A 157 8.00 3.18 31.19
C ALA A 157 7.40 3.95 32.35
N GLY A 158 6.22 3.52 32.79
CA GLY A 158 5.52 4.21 33.85
C GLY A 158 4.06 3.82 33.94
N SER A 159 3.35 4.45 34.86
CA SER A 159 1.93 4.17 35.04
C SER A 159 1.24 5.36 35.69
N VAL A 160 -0.02 5.56 35.31
CA VAL A 160 -0.85 6.60 35.89
C VAL A 160 -2.12 5.93 36.43
N ALA A 161 -2.34 6.04 37.74
CA ALA A 161 -3.48 5.39 38.36
C ALA A 161 -4.37 6.40 39.07
N PHE A 162 -5.67 6.34 38.79
CA PHE A 162 -6.65 7.22 39.45
C PHE A 162 -7.51 6.41 40.41
N GLN A 163 -7.89 7.02 41.52
CA GLN A 163 -8.92 6.43 42.38
C GLN A 163 -10.12 7.38 42.49
N THR A 164 -11.32 6.81 42.35
CA THR A 164 -12.54 7.61 42.32
C THR A 164 -12.93 8.07 43.72
N LYS A 165 -13.61 9.22 43.79
CA LYS A 165 -14.09 9.77 45.06
C LYS A 165 -15.09 8.85 45.75
N THR A 166 -15.38 9.16 47.02
CA THR A 166 -16.44 8.50 47.77
C THR A 166 -17.32 9.53 48.46
N ALA A 167 -18.33 9.07 49.18
CA ALA A 167 -19.24 9.96 49.89
C ALA A 167 -18.53 10.78 50.96
N ASP A 168 -17.48 10.19 51.56
CA ASP A 168 -16.74 10.86 52.62
C ASP A 168 -15.90 12.03 52.14
N ASP A 169 -15.64 12.08 50.84
CA ASP A 169 -14.85 13.17 50.27
C ASP A 169 -15.70 14.42 50.08
N VAL A 170 -17.00 14.27 50.26
CA VAL A 170 -17.94 15.38 50.12
C VAL A 170 -18.62 15.68 51.45
N ILE A 171 -18.72 14.65 52.29
CA ILE A 171 -19.38 14.78 53.59
C ILE A 171 -18.40 15.14 54.69
N GLY A 172 -18.64 16.30 55.31
CA GLY A 172 -17.73 16.86 56.31
C GLY A 172 -17.58 16.05 57.59
N GLU A 173 -16.67 16.51 58.45
CA GLU A 173 -16.30 15.81 59.68
C GLU A 173 -17.48 15.44 60.58
N GLY A 174 -18.25 16.44 60.99
CA GLY A 174 -19.35 16.21 61.91
C GLY A 174 -20.72 16.42 61.29
N ARG A 175 -20.86 16.06 60.02
CA ARG A 175 -22.12 16.23 59.30
C ARG A 175 -22.62 14.92 58.69
N GLN A 176 -23.91 14.87 58.37
CA GLN A 176 -24.52 13.65 57.84
C GLN A 176 -24.63 13.69 56.33
N TRP A 177 -24.49 14.87 55.76
CA TRP A 177 -24.50 15.04 54.31
C TRP A 177 -23.55 16.15 53.87
N GLY A 178 -23.65 16.53 52.61
CA GLY A 178 -22.80 17.57 52.05
C GLY A 178 -23.02 17.77 50.56
N ILE A 179 -22.66 18.95 50.08
CA ILE A 179 -22.75 19.24 48.65
C ILE A 179 -21.69 20.25 48.24
N GLN A 180 -20.90 19.87 47.23
CA GLN A 180 -19.84 20.71 46.71
C GLN A 180 -20.20 21.24 45.33
N SER A 181 -19.54 22.32 44.92
CA SER A 181 -19.91 22.99 43.67
C SER A 181 -18.75 23.76 43.04
N LYS A 182 -18.05 23.12 42.12
CA LYS A 182 -17.00 23.80 41.37
C LYS A 182 -17.53 24.31 40.03
N THR A 183 -17.30 25.59 39.77
CA THR A 183 -17.63 26.17 38.47
C THR A 183 -16.48 27.05 38.00
N ALA A 184 -15.95 26.76 36.81
CA ALA A 184 -14.69 27.39 36.38
C ALA A 184 -14.69 27.87 34.93
N TYR A 185 -14.06 29.01 34.71
CA TYR A 185 -13.86 29.52 33.36
C TYR A 185 -12.38 29.63 33.01
N SER A 186 -11.99 29.00 31.90
CA SER A 186 -10.62 29.08 31.42
C SER A 186 -10.57 29.86 30.10
N GLY A 187 -9.95 31.04 30.14
CA GLY A 187 -9.94 31.93 29.00
C GLY A 187 -9.17 31.44 27.78
N LYS A 188 -8.21 30.55 27.98
CA LYS A 188 -7.32 30.14 26.90
C LYS A 188 -8.05 29.35 25.83
N ASN A 189 -9.13 28.69 26.23
CA ASN A 189 -9.93 27.92 25.30
C ASN A 189 -11.42 28.19 25.48
N ARG A 190 -11.73 29.35 26.04
CA ARG A 190 -13.11 29.77 26.31
C ARG A 190 -13.89 28.65 26.97
N GLY A 191 -13.25 27.99 27.92
CA GLY A 191 -13.79 26.77 28.49
C GLY A 191 -14.50 26.93 29.81
N LEU A 192 -15.81 26.73 29.78
CA LEU A 192 -16.61 26.72 30.99
C LEU A 192 -16.77 25.30 31.51
N THR A 193 -16.54 25.12 32.81
CA THR A 193 -16.74 23.83 33.43
C THR A 193 -17.58 23.98 34.70
N GLN A 194 -18.58 23.13 34.83
CA GLN A 194 -19.52 23.20 35.93
C GLN A 194 -19.69 21.82 36.56
N SER A 195 -19.55 21.74 37.88
CA SER A 195 -19.64 20.46 38.56
C SER A 195 -20.39 20.57 39.88
N ILE A 196 -21.24 19.58 40.16
CA ILE A 196 -21.95 19.52 41.42
C ILE A 196 -21.82 18.11 42.00
N ALA A 197 -21.59 18.01 43.31
CA ALA A 197 -21.41 16.73 43.98
C ALA A 197 -22.31 16.61 45.21
N LEU A 198 -23.23 15.65 45.17
CA LEU A 198 -24.12 15.40 46.30
C LEU A 198 -23.69 14.14 47.05
N ALA A 199 -23.69 14.22 48.37
CA ALA A 199 -23.36 13.05 49.19
C ALA A 199 -24.10 13.08 50.51
N GLY A 200 -24.70 11.94 50.86
CA GLY A 200 -25.47 11.84 52.09
C GLY A 200 -25.37 10.46 52.71
N ARG A 201 -25.56 10.41 54.02
CA ARG A 201 -25.49 9.15 54.75
C ARG A 201 -26.54 9.06 55.85
N ILE A 202 -27.38 8.05 55.78
CA ILE A 202 -28.31 7.73 56.87
C ILE A 202 -28.24 6.25 57.22
N GLY A 203 -27.18 5.90 57.94
CA GLY A 203 -26.91 4.53 58.30
C GLY A 203 -25.47 4.39 58.76
N GLY A 204 -24.76 3.39 58.25
CA GLY A 204 -25.34 2.42 57.32
C GLY A 204 -25.21 2.79 55.86
N ALA A 205 -26.34 3.14 55.26
CA ALA A 205 -26.39 3.44 53.85
C ALA A 205 -25.74 4.78 53.51
N GLU A 206 -24.92 4.80 52.46
CA GLU A 206 -24.32 6.04 51.97
C GLU A 206 -24.49 6.15 50.45
N ALA A 207 -24.42 7.37 49.94
CA ALA A 207 -24.51 7.57 48.49
C ALA A 207 -23.72 8.78 48.01
N LEU A 208 -23.21 8.69 46.79
CA LEU A 208 -22.47 9.78 46.15
C LEU A 208 -23.03 9.95 44.75
N LEU A 209 -23.27 11.21 44.37
CA LEU A 209 -23.77 11.53 43.05
C LEU A 209 -23.03 12.76 42.54
N ILE A 210 -22.33 12.61 41.42
CA ILE A 210 -21.60 13.74 40.85
C ILE A 210 -21.96 13.95 39.38
N HIS A 211 -22.24 15.20 39.02
CA HIS A 211 -22.50 15.54 37.63
C HIS A 211 -21.54 16.65 37.22
N THR A 212 -20.89 16.46 36.07
CA THR A 212 -19.97 17.49 35.57
C THR A 212 -20.29 17.79 34.12
N GLY A 213 -20.36 19.07 33.79
CA GLY A 213 -20.59 19.51 32.43
C GLY A 213 -19.50 20.45 31.99
N ARG A 214 -18.89 20.16 30.84
CA ARG A 214 -17.82 21.00 30.32
C ARG A 214 -18.02 21.30 28.85
N ARG A 215 -17.89 22.58 28.50
CA ARG A 215 -17.83 23.00 27.11
C ARG A 215 -16.62 23.90 26.90
N ALA A 216 -15.87 23.64 25.83
CA ALA A 216 -14.71 24.46 25.54
C ALA A 216 -14.46 24.52 24.05
N GLY A 217 -13.46 25.30 23.67
CA GLY A 217 -13.08 25.40 22.27
C GLY A 217 -11.62 25.04 22.10
N GLU A 218 -11.09 25.39 20.93
CA GLU A 218 -9.68 25.29 20.65
C GLU A 218 -8.85 26.06 21.68
N ILE A 219 -7.72 25.51 22.08
CA ILE A 219 -6.77 26.24 22.90
C ILE A 219 -6.10 27.28 22.00
N ARG A 220 -6.34 28.55 22.29
CA ARG A 220 -5.83 29.62 21.45
C ARG A 220 -4.32 29.81 21.62
N ALA A 221 -3.70 30.51 20.67
CA ALA A 221 -2.27 30.73 20.73
C ALA A 221 -1.97 32.19 21.03
N HIS A 222 -0.69 32.51 21.24
CA HIS A 222 -0.26 33.89 21.42
C HIS A 222 -0.83 34.74 20.30
N GLU A 223 -1.42 35.87 20.67
CA GLU A 223 -2.13 36.74 19.73
C GLU A 223 -1.30 37.14 18.51
N ASP A 224 0.01 37.32 18.69
CA ASP A 224 0.86 37.76 17.59
C ASP A 224 1.19 36.61 16.66
N ALA A 225 1.37 35.42 17.22
CA ALA A 225 1.58 34.24 16.40
C ALA A 225 0.31 33.89 15.67
N GLY A 226 0.24 34.23 14.39
CA GLY A 226 -0.90 33.87 13.58
C GLY A 226 -1.94 34.97 13.46
N ARG A 227 -1.52 36.20 13.64
CA ARG A 227 -2.38 37.34 13.35
C ARG A 227 -2.07 37.81 11.94
N GLY A 228 -3.00 38.52 11.32
CA GLY A 228 -2.75 39.10 10.02
C GLY A 228 -3.69 38.67 8.91
N VAL A 229 -3.12 38.48 7.73
CA VAL A 229 -3.90 38.31 6.53
C VAL A 229 -3.16 37.44 5.52
N GLN A 230 -3.89 36.66 4.73
CA GLN A 230 -3.27 35.88 3.66
C GLN A 230 -4.11 35.73 2.40
N SER A 231 -3.45 35.40 1.29
CA SER A 231 -4.11 35.33 -0.01
C SER A 231 -4.13 33.93 -0.60
N PHE A 232 -5.05 33.75 -1.55
CA PHE A 232 -5.21 32.48 -2.24
C PHE A 232 -5.97 32.73 -3.53
N ASN A 233 -6.01 31.71 -4.39
CA ASN A 233 -6.71 31.84 -5.66
C ASN A 233 -8.08 31.16 -5.65
N ARG A 234 -8.94 31.58 -6.56
CA ARG A 234 -10.29 31.04 -6.65
C ARG A 234 -10.74 31.17 -8.09
N LEU A 235 -11.17 30.07 -8.69
CA LEU A 235 -11.57 30.08 -10.09
C LEU A 235 -12.90 30.81 -10.29
N VAL A 236 -12.94 31.71 -11.26
CA VAL A 236 -14.15 32.47 -11.57
C VAL A 236 -14.44 32.42 -13.08
N PRO A 237 -15.72 32.47 -13.45
CA PRO A 237 -16.13 32.39 -14.86
C PRO A 237 -15.76 33.61 -15.70
N VAL A 238 -15.28 33.36 -16.91
CA VAL A 238 -14.95 34.41 -17.86
C VAL A 238 -15.26 33.94 -19.28
N GLU A 239 -15.81 34.84 -20.11
CA GLU A 239 -16.16 34.53 -21.49
C GLU A 239 -14.97 33.98 -22.28
N ASP A 240 -15.17 32.83 -22.91
CA ASP A 240 -14.16 32.24 -23.78
C ASP A 240 -13.98 33.13 -25.01
N SER A 241 -12.74 33.30 -25.44
CA SER A 241 -12.43 34.24 -26.51
C SER A 241 -12.46 33.59 -27.89
N SER A 242 -12.47 32.26 -27.92
CA SER A 242 -12.48 31.50 -29.16
C SER A 242 -13.73 31.79 -29.98
N ASN A 243 -13.56 31.88 -31.30
CA ASN A 243 -14.68 32.11 -32.21
C ASN A 243 -15.50 30.84 -32.47
N TYR A 244 -15.21 29.78 -31.73
CA TYR A 244 -15.93 28.53 -31.87
C TYR A 244 -16.54 28.12 -30.54
N ALA A 245 -16.81 29.10 -29.70
CA ALA A 245 -17.33 28.88 -28.36
C ALA A 245 -18.80 29.26 -28.25
N TYR A 246 -19.60 28.87 -29.24
CA TYR A 246 -21.02 29.19 -29.25
C TYR A 246 -21.90 27.95 -29.13
N PHE A 247 -23.04 28.11 -28.49
CA PHE A 247 -23.97 27.01 -28.28
C PHE A 247 -25.36 27.55 -27.93
N ILE A 248 -26.38 26.76 -28.19
CA ILE A 248 -27.71 27.02 -27.63
C ILE A 248 -28.18 25.81 -26.85
N VAL A 249 -29.13 26.00 -25.95
CA VAL A 249 -29.63 24.88 -25.18
C VAL A 249 -31.11 24.63 -25.47
N LYS A 250 -31.43 23.36 -25.68
CA LYS A 250 -32.75 22.91 -26.13
C LYS A 250 -33.89 23.49 -25.29
N GLU A 251 -33.73 23.42 -23.98
CA GLU A 251 -34.78 23.90 -23.07
C GLU A 251 -35.01 25.40 -23.18
N GLU A 252 -34.05 26.12 -23.75
CA GLU A 252 -34.16 27.56 -23.85
C GLU A 252 -34.69 27.95 -25.22
N CYS A 253 -34.98 26.94 -26.04
CA CYS A 253 -35.62 27.14 -27.33
C CYS A 253 -37.12 26.90 -27.15
N LYS A 254 -37.85 27.97 -26.80
CA LYS A 254 -39.24 27.82 -26.37
C LYS A 254 -40.22 27.76 -27.54
N ASN A 255 -39.83 28.37 -28.66
CA ASN A 255 -40.57 28.29 -29.91
C ASN A 255 -39.61 27.85 -31.01
N GLY A 256 -40.09 27.08 -31.97
CA GLY A 256 -39.27 26.65 -33.09
C GLY A 256 -38.31 25.52 -32.77
N SER A 257 -37.15 25.57 -33.41
CA SER A 257 -36.16 24.50 -33.34
C SER A 257 -34.76 25.08 -33.49
N TYR A 258 -33.77 24.19 -33.57
CA TYR A 258 -32.38 24.60 -33.76
C TYR A 258 -32.21 25.58 -34.92
N GLU A 259 -32.89 25.30 -36.03
CA GLU A 259 -32.79 26.13 -37.22
C GLU A 259 -33.14 27.59 -36.94
N THR A 260 -34.14 27.80 -36.09
CA THR A 260 -34.58 29.15 -35.77
C THR A 260 -33.88 29.71 -34.53
N CYS A 261 -33.52 28.83 -33.61
CA CYS A 261 -32.99 29.25 -32.31
C CYS A 261 -31.50 29.52 -32.33
N LYS A 262 -30.80 29.06 -33.36
CA LYS A 262 -29.36 29.25 -33.46
C LYS A 262 -29.01 30.71 -33.74
N ALA A 263 -30.02 31.51 -34.00
CA ALA A 263 -29.85 32.93 -34.27
C ALA A 263 -29.48 33.69 -32.99
N ASN A 264 -29.66 33.05 -31.85
CA ASN A 264 -29.33 33.68 -30.58
C ASN A 264 -28.45 32.78 -29.72
N PRO A 265 -27.20 32.56 -30.14
CA PRO A 265 -26.31 31.68 -29.38
C PRO A 265 -25.83 32.31 -28.09
N LYS A 266 -25.49 31.47 -27.14
CA LYS A 266 -24.78 31.91 -25.94
C LYS A 266 -23.31 31.55 -26.13
N LYS A 267 -22.42 32.27 -25.43
CA LYS A 267 -20.99 31.98 -25.57
C LYS A 267 -20.47 31.18 -24.39
N ASP A 268 -19.50 30.32 -24.65
CA ASP A 268 -18.92 29.47 -23.61
C ASP A 268 -18.27 30.30 -22.51
N VAL A 269 -17.91 29.62 -21.43
CA VAL A 269 -17.28 30.28 -20.29
C VAL A 269 -15.98 29.52 -19.95
N VAL A 270 -14.96 30.23 -19.51
CA VAL A 270 -13.76 29.56 -19.00
C VAL A 270 -13.37 30.11 -17.64
N GLY A 271 -12.53 29.35 -16.94
CA GLY A 271 -12.07 29.77 -15.64
C GLY A 271 -10.72 30.44 -15.66
N LYS A 272 -10.66 31.63 -15.07
CA LYS A 272 -9.41 32.26 -14.67
C LYS A 272 -9.55 32.47 -13.17
N ASP A 273 -8.49 32.23 -12.41
CA ASP A 273 -8.61 32.45 -10.97
C ASP A 273 -8.33 33.91 -10.63
N GLU A 274 -8.79 34.35 -9.47
CA GLU A 274 -8.56 35.71 -9.03
C GLU A 274 -8.04 35.76 -7.59
N ARG A 275 -7.04 36.62 -7.35
CA ARG A 275 -6.47 36.80 -6.03
C ARG A 275 -7.51 37.27 -5.05
N GLN A 276 -7.56 36.62 -3.89
CA GLN A 276 -8.45 37.03 -2.82
C GLN A 276 -7.69 37.05 -1.50
N THR A 277 -8.03 38.01 -0.65
CA THR A 277 -7.35 38.14 0.63
C THR A 277 -8.32 37.96 1.79
N VAL A 278 -7.99 37.07 2.71
CA VAL A 278 -8.82 36.87 3.89
C VAL A 278 -8.00 36.92 5.17
N SER A 279 -8.69 36.90 6.31
CA SER A 279 -8.01 36.86 7.59
C SER A 279 -7.37 35.51 7.77
N THR A 280 -6.38 35.42 8.64
CA THR A 280 -5.71 34.16 8.90
C THR A 280 -6.69 33.13 9.47
N ARG A 281 -7.72 33.61 10.17
CA ARG A 281 -8.69 32.73 10.79
C ARG A 281 -9.57 32.08 9.73
N ASP A 282 -9.83 32.81 8.64
CA ASP A 282 -10.75 32.35 7.59
C ASP A 282 -10.07 31.57 6.47
N TYR A 283 -8.75 31.73 6.34
CA TYR A 283 -7.99 31.04 5.31
C TYR A 283 -8.06 29.52 5.40
N THR A 284 -8.28 28.88 4.24
CA THR A 284 -8.18 27.43 4.13
C THR A 284 -7.05 27.09 3.17
N GLY A 285 -6.22 26.14 3.55
CA GLY A 285 -5.08 25.75 2.73
C GLY A 285 -3.90 25.23 3.54
N PRO A 286 -2.82 24.83 2.85
CA PRO A 286 -1.60 24.28 3.43
C PRO A 286 -0.85 25.24 4.36
N ASN A 287 -0.73 26.50 3.97
CA ASN A 287 0.02 27.48 4.76
C ASN A 287 -0.85 28.12 5.84
N ARG A 288 -1.21 27.32 6.83
CA ARG A 288 -2.16 27.72 7.85
C ARG A 288 -1.46 28.27 9.10
N PHE A 289 -2.01 29.35 9.66
CA PHE A 289 -1.40 30.03 10.81
C PHE A 289 -2.05 29.73 12.15
N LEU A 290 -3.23 29.13 12.11
CA LEU A 290 -4.02 28.88 13.32
C LEU A 290 -4.43 27.41 13.41
N ALA A 291 -4.61 26.93 14.64
CA ALA A 291 -5.06 25.56 14.85
C ALA A 291 -6.46 25.36 14.28
N ASP A 292 -6.80 24.12 13.98
CA ASP A 292 -8.16 23.80 13.54
C ASP A 292 -9.13 24.20 14.63
N PRO A 293 -10.25 24.82 14.24
CA PRO A 293 -11.34 25.13 15.17
C PRO A 293 -11.87 23.87 15.83
N LEU A 294 -11.89 23.86 17.16
CA LEU A 294 -12.39 22.73 17.92
C LEU A 294 -13.67 23.11 18.64
N SER A 295 -14.61 22.18 18.69
CA SER A 295 -15.82 22.34 19.48
C SER A 295 -15.94 21.17 20.45
N TYR A 296 -15.68 21.44 21.73
CA TYR A 296 -15.54 20.39 22.73
C TYR A 296 -16.66 20.41 23.77
N GLU A 297 -17.15 19.23 24.12
CA GLU A 297 -18.17 19.08 25.14
C GLU A 297 -17.93 17.81 25.94
N SER A 298 -18.26 17.86 27.22
CA SER A 298 -18.10 16.71 28.10
C SER A 298 -19.24 16.68 29.10
N ARG A 299 -19.83 15.49 29.29
CA ARG A 299 -20.83 15.28 30.33
C ARG A 299 -20.48 14.01 31.08
N SER A 300 -20.51 14.07 32.41
CA SER A 300 -20.10 12.94 33.22
C SER A 300 -21.03 12.70 34.40
N TRP A 301 -21.46 11.45 34.57
CA TRP A 301 -22.27 11.05 35.71
C TRP A 301 -21.54 10.01 36.54
N LEU A 302 -21.51 10.21 37.85
CA LEU A 302 -20.92 9.26 38.78
C LEU A 302 -21.86 9.01 39.94
N PHE A 303 -22.24 7.75 40.13
CA PHE A 303 -23.10 7.38 41.25
C PHE A 303 -22.48 6.23 42.03
N ARG A 304 -22.41 6.38 43.36
CA ARG A 304 -21.76 5.39 44.19
C ARG A 304 -22.48 5.18 45.51
N PRO A 305 -23.43 4.23 45.53
CA PRO A 305 -24.17 3.86 46.74
C PRO A 305 -23.35 2.88 47.56
N GLY A 306 -23.55 2.85 48.87
CA GLY A 306 -22.81 1.97 49.73
C GLY A 306 -23.51 1.67 51.04
N PHE A 307 -23.13 0.56 51.65
CA PHE A 307 -23.72 0.18 52.92
C PHE A 307 -22.69 -0.36 53.90
N ARG A 308 -22.65 0.23 55.08
CA ARG A 308 -21.82 -0.25 56.18
C ARG A 308 -22.66 -1.17 57.06
N PHE A 309 -22.15 -2.36 57.33
CA PHE A 309 -22.89 -3.36 58.11
C PHE A 309 -22.66 -3.25 59.61
N GLU A 310 -22.98 -4.35 60.29
CA GLU A 310 -22.56 -4.60 61.65
C GLU A 310 -22.02 -6.03 61.71
N ASN A 311 -20.73 -6.22 62.01
CA ASN A 311 -19.84 -5.15 62.45
C ASN A 311 -19.42 -4.12 61.40
N LYS A 312 -18.90 -3.00 61.87
CA LYS A 312 -18.51 -1.88 61.01
C LYS A 312 -17.33 -2.23 60.09
N ARG A 313 -16.97 -3.50 60.04
CA ARG A 313 -15.84 -3.97 59.25
C ARG A 313 -16.27 -4.57 57.91
N HIS A 314 -17.57 -4.62 57.67
CA HIS A 314 -18.10 -5.12 56.41
C HIS A 314 -18.78 -4.02 55.60
N TYR A 315 -18.44 -3.95 54.32
CA TYR A 315 -18.99 -2.92 53.45
C TYR A 315 -19.24 -3.45 52.05
N ILE A 316 -20.47 -3.29 51.58
CA ILE A 316 -20.78 -3.55 50.17
C ILE A 316 -21.04 -2.21 49.50
N GLY A 317 -20.60 -2.09 48.25
CA GLY A 317 -20.72 -0.84 47.53
C GLY A 317 -20.75 -1.01 46.02
N GLY A 318 -21.54 -0.18 45.37
CA GLY A 318 -21.64 -0.21 43.92
C GLY A 318 -21.03 1.04 43.32
N ILE A 319 -20.74 1.00 42.03
CA ILE A 319 -20.17 2.15 41.34
C ILE A 319 -20.73 2.26 39.93
N LEU A 320 -21.10 3.47 39.54
CA LEU A 320 -21.76 3.69 38.26
C LEU A 320 -21.22 4.97 37.62
N GLU A 321 -20.36 4.81 36.63
CA GLU A 321 -19.78 5.95 35.93
C GLU A 321 -20.19 5.96 34.46
N HIS A 322 -20.54 7.14 33.97
CA HIS A 322 -20.80 7.31 32.55
C HIS A 322 -20.39 8.70 32.12
N THR A 323 -19.24 8.80 31.45
CA THR A 323 -18.77 10.09 30.96
C THR A 323 -18.60 10.04 29.44
N GLN A 324 -18.98 11.12 28.77
CA GLN A 324 -18.89 11.20 27.33
C GLN A 324 -18.34 12.54 26.86
N GLN A 325 -17.36 12.49 25.98
CA GLN A 325 -16.73 13.68 25.45
C GLN A 325 -16.84 13.74 23.93
N THR A 326 -16.97 14.95 23.38
CA THR A 326 -16.99 15.12 21.94
C THR A 326 -15.94 16.13 21.49
N PHE A 327 -15.16 15.73 20.48
CA PHE A 327 -14.15 16.59 19.88
C PHE A 327 -14.46 16.80 18.40
N ASP A 328 -15.17 17.88 18.09
CA ASP A 328 -15.55 18.13 16.70
C ASP A 328 -14.68 19.21 16.07
N THR A 329 -13.97 18.86 15.00
CA THR A 329 -13.15 19.84 14.32
C THR A 329 -13.45 19.96 12.84
N ARG A 330 -12.91 21.01 12.23
CA ARG A 330 -12.88 21.14 10.79
C ARG A 330 -11.42 21.34 10.37
N ASP A 331 -10.97 20.52 9.44
CA ASP A 331 -9.59 20.56 8.95
C ASP A 331 -9.43 21.71 7.98
N MET A 332 -8.82 22.79 8.44
CA MET A 332 -8.72 23.99 7.61
C MET A 332 -7.53 23.93 6.65
N THR A 333 -6.77 22.84 6.73
CA THR A 333 -5.64 22.62 5.82
C THR A 333 -6.14 22.33 4.40
N VAL A 334 -7.42 22.02 4.29
CA VAL A 334 -8.02 21.68 3.02
C VAL A 334 -8.54 22.94 2.35
N PRO A 335 -7.99 23.26 1.18
CA PRO A 335 -8.47 24.38 0.36
C PRO A 335 -9.97 24.25 0.10
N ALA A 336 -10.72 25.28 0.43
CA ALA A 336 -12.15 25.27 0.20
C ALA A 336 -12.47 25.42 -1.28
N PHE A 337 -11.74 26.31 -1.95
CA PHE A 337 -12.08 26.68 -3.31
C PHE A 337 -11.15 26.10 -4.37
N LEU A 338 -11.74 25.72 -5.50
CA LEU A 338 -11.00 25.16 -6.62
C LEU A 338 -10.22 26.25 -7.34
N THR A 339 -9.01 25.93 -7.78
CA THR A 339 -8.19 26.86 -8.53
C THR A 339 -7.85 26.31 -9.90
N LYS A 340 -7.47 27.19 -10.82
CA LYS A 340 -7.11 26.80 -12.18
C LYS A 340 -5.99 25.77 -12.21
N ALA A 341 -5.14 25.80 -11.19
CA ALA A 341 -4.02 24.87 -11.13
C ALA A 341 -4.49 23.42 -11.05
N VAL A 342 -5.62 23.20 -10.38
CA VAL A 342 -6.15 21.85 -10.20
C VAL A 342 -7.04 21.45 -11.36
N PHE A 343 -7.66 22.45 -12.00
CA PHE A 343 -8.45 22.20 -13.20
C PHE A 343 -7.54 21.70 -14.30
N ASP A 344 -6.44 22.41 -14.53
CA ASP A 344 -5.47 22.04 -15.55
C ASP A 344 -4.87 20.67 -15.25
N ALA A 345 -4.60 20.41 -13.98
CA ALA A 345 -4.05 19.13 -13.55
C ALA A 345 -4.97 17.99 -13.95
N ASN A 346 -6.26 18.14 -13.64
CA ASN A 346 -7.23 17.12 -14.00
C ASN A 346 -7.32 16.90 -15.50
N LYS A 347 -7.25 17.98 -16.26
CA LYS A 347 -7.31 17.89 -17.71
C LYS A 347 -6.15 17.06 -18.24
N LYS A 348 -4.96 17.31 -17.71
CA LYS A 348 -3.78 16.57 -18.11
C LYS A 348 -3.99 15.06 -17.98
N GLN A 349 -4.68 14.66 -16.91
CA GLN A 349 -4.93 13.25 -16.68
C GLN A 349 -6.21 12.73 -17.33
N ALA A 350 -7.30 13.48 -17.18
CA ALA A 350 -8.61 13.01 -17.63
C ALA A 350 -9.10 13.64 -18.93
N GLY A 351 -8.44 14.72 -19.36
CA GLY A 351 -8.89 15.46 -20.52
C GLY A 351 -10.02 16.41 -20.16
N SER A 352 -10.50 17.16 -21.15
CA SER A 352 -11.65 18.03 -20.96
C SER A 352 -12.91 17.24 -20.64
N LEU A 353 -13.92 17.92 -20.09
CA LEU A 353 -15.17 17.27 -19.72
C LEU A 353 -16.34 17.76 -20.56
N PRO A 354 -17.21 16.84 -20.99
CA PRO A 354 -18.44 17.19 -21.69
C PRO A 354 -19.23 18.23 -20.91
N GLY A 355 -19.63 19.30 -21.57
CA GLY A 355 -20.43 20.32 -20.93
C GLY A 355 -19.66 21.49 -20.37
N ASN A 356 -18.34 21.38 -20.30
CA ASN A 356 -17.54 22.45 -19.72
C ASN A 356 -17.65 23.75 -20.51
N GLY A 357 -17.86 24.85 -19.79
CA GLY A 357 -18.05 26.13 -20.42
C GLY A 357 -19.49 26.43 -20.74
N LYS A 358 -20.33 25.38 -20.72
CA LYS A 358 -21.73 25.53 -21.06
C LYS A 358 -22.60 25.51 -19.80
N TYR A 359 -23.72 26.23 -19.85
CA TYR A 359 -24.49 26.54 -18.66
C TYR A 359 -25.96 26.86 -18.97
N ALA A 360 -26.84 26.50 -18.05
CA ALA A 360 -28.26 26.81 -18.20
C ALA A 360 -28.48 28.28 -17.85
N GLY A 361 -29.37 28.93 -18.59
CA GLY A 361 -29.70 30.33 -18.35
C GLY A 361 -28.50 31.25 -18.35
N ASN A 362 -28.44 32.15 -17.37
CA ASN A 362 -27.28 33.03 -17.20
C ASN A 362 -26.40 32.59 -16.04
N HIS A 363 -26.63 31.37 -15.55
CA HIS A 363 -25.86 30.82 -14.43
C HIS A 363 -24.44 30.45 -14.86
N LYS A 364 -23.62 31.47 -15.09
CA LYS A 364 -22.27 31.30 -15.63
C LYS A 364 -21.34 30.34 -14.87
N TYR A 365 -21.68 30.02 -13.63
CA TYR A 365 -20.69 29.53 -12.67
C TYR A 365 -20.84 28.09 -12.15
N GLY A 366 -21.01 27.06 -12.98
CA GLY A 366 -21.17 27.14 -14.41
C GLY A 366 -21.58 25.79 -14.97
N GLY A 367 -20.91 25.35 -16.02
CA GLY A 367 -19.83 26.11 -16.61
C GLY A 367 -18.48 25.66 -16.10
N LEU A 368 -18.23 25.88 -14.82
CA LEU A 368 -16.94 25.55 -14.22
C LEU A 368 -17.04 24.36 -13.29
N PHE A 369 -16.54 23.22 -13.76
CA PHE A 369 -16.56 22.01 -12.96
C PHE A 369 -15.39 21.13 -13.40
N THR A 370 -14.89 20.30 -12.50
CA THR A 370 -13.75 19.45 -12.80
C THR A 370 -13.86 18.14 -12.03
N ASN A 371 -12.85 17.28 -12.19
CA ASN A 371 -12.87 15.98 -11.56
C ASN A 371 -12.67 16.06 -10.06
N GLY A 372 -13.51 15.37 -9.32
CA GLY A 372 -13.28 15.17 -7.90
C GLY A 372 -12.65 13.82 -7.67
N GLU A 373 -13.09 13.15 -6.63
CA GLU A 373 -12.68 11.78 -6.36
C GLU A 373 -13.89 10.87 -6.54
N ASN A 374 -13.65 9.57 -6.64
CA ASN A 374 -14.73 8.59 -6.74
C ASN A 374 -15.70 8.86 -7.89
N GLY A 375 -15.19 9.46 -8.96
CA GLY A 375 -15.97 9.62 -10.18
C GLY A 375 -16.94 10.79 -10.16
N ALA A 376 -16.81 11.64 -9.16
CA ALA A 376 -17.67 12.80 -9.02
C ALA A 376 -17.17 13.94 -9.89
N LEU A 377 -18.08 14.80 -10.33
CA LEU A 377 -17.70 16.07 -10.93
C LEU A 377 -18.04 17.19 -9.95
N VAL A 378 -17.05 18.02 -9.63
CA VAL A 378 -17.21 19.06 -8.60
C VAL A 378 -17.18 20.47 -9.16
N GLY A 379 -18.10 21.30 -8.70
CA GLY A 379 -18.26 22.64 -9.26
C GLY A 379 -17.52 23.72 -8.49
N ALA A 380 -17.13 24.77 -9.20
CA ALA A 380 -16.35 25.85 -8.61
C ALA A 380 -17.18 26.78 -7.71
N GLU A 381 -18.50 26.70 -7.82
CA GLU A 381 -19.37 27.60 -7.05
C GLU A 381 -19.59 27.12 -5.61
N TYR A 382 -19.17 25.90 -5.32
CA TYR A 382 -19.20 25.43 -3.94
C TYR A 382 -17.77 25.35 -3.44
N GLY A 383 -17.61 25.51 -2.14
CA GLY A 383 -16.34 25.24 -1.49
C GLY A 383 -16.42 23.89 -0.81
N THR A 384 -15.29 23.21 -0.67
CA THR A 384 -15.30 21.95 0.06
C THR A 384 -14.91 22.14 1.52
N GLY A 385 -15.44 21.28 2.38
CA GLY A 385 -15.13 21.30 3.80
C GLY A 385 -14.95 19.91 4.37
N VAL A 386 -13.95 19.75 5.24
CA VAL A 386 -13.65 18.46 5.85
C VAL A 386 -13.80 18.52 7.37
N PHE A 387 -14.54 17.56 7.92
CA PHE A 387 -14.88 17.57 9.33
C PHE A 387 -14.58 16.25 10.01
N TYR A 388 -14.20 16.31 11.27
CA TYR A 388 -14.08 15.12 12.09
C TYR A 388 -14.90 15.31 13.34
N ASP A 389 -15.84 14.40 13.56
CA ASP A 389 -16.65 14.41 14.76
C ASP A 389 -16.33 13.18 15.59
N GLU A 390 -15.54 13.40 16.64
CA GLU A 390 -15.08 12.31 17.49
C GLU A 390 -15.95 12.24 18.73
N THR A 391 -16.33 11.03 19.14
CA THR A 391 -17.17 10.84 20.31
C THR A 391 -16.59 9.76 21.23
N HIS A 392 -16.14 10.19 22.40
CA HIS A 392 -15.47 9.29 23.33
C HIS A 392 -16.39 8.97 24.50
N THR A 393 -16.75 7.71 24.64
CA THR A 393 -17.71 7.31 25.67
C THR A 393 -17.15 6.23 26.57
N LYS A 394 -17.16 6.50 27.88
CA LYS A 394 -16.79 5.50 28.86
C LYS A 394 -17.99 5.13 29.71
N SER A 395 -18.19 3.83 29.88
CA SER A 395 -19.26 3.32 30.72
C SER A 395 -18.70 2.32 31.72
N ARG A 396 -19.01 2.52 33.00
CA ARG A 396 -18.49 1.66 34.05
C ARG A 396 -19.60 1.21 34.98
N TYR A 397 -19.62 -0.08 35.27
CA TYR A 397 -20.52 -0.62 36.26
C TYR A 397 -19.77 -1.60 37.13
N GLY A 398 -19.80 -1.39 38.45
CA GLY A 398 -19.03 -2.23 39.34
C GLY A 398 -19.63 -2.45 40.71
N LEU A 399 -19.28 -3.58 41.32
CA LEU A 399 -19.67 -3.91 42.68
C LEU A 399 -18.43 -4.25 43.49
N GLU A 400 -18.41 -3.83 44.75
CA GLU A 400 -17.28 -4.14 45.63
C GLU A 400 -17.70 -4.54 47.04
N TYR A 401 -16.97 -5.49 47.61
CA TYR A 401 -17.07 -5.81 49.03
C TYR A 401 -15.73 -5.49 49.68
N VAL A 402 -15.76 -4.76 50.79
CA VAL A 402 -14.54 -4.35 51.45
C VAL A 402 -14.54 -4.75 52.92
N TYR A 403 -13.52 -5.50 53.31
CA TYR A 403 -13.38 -5.93 54.71
C TYR A 403 -12.20 -5.22 55.36
N THR A 404 -12.51 -4.31 56.28
CA THR A 404 -11.47 -3.65 57.06
C THR A 404 -11.35 -4.34 58.42
N ASN A 405 -10.23 -4.13 59.10
CA ASN A 405 -10.04 -4.73 60.42
C ASN A 405 -8.92 -4.07 61.23
N ALA A 406 -9.29 -3.04 61.99
CA ALA A 406 -8.41 -2.44 62.98
C ALA A 406 -9.31 -2.17 64.17
N ASP A 407 -9.16 -2.91 65.28
CA ASP A 407 -8.07 -3.84 65.60
C ASP A 407 -7.81 -5.02 64.67
N LYS A 408 -6.60 -5.57 64.75
CA LYS A 408 -6.10 -6.55 63.79
C LYS A 408 -6.00 -7.97 64.35
N ASP A 409 -7.14 -8.63 64.53
CA ASP A 409 -7.15 -9.94 65.18
C ASP A 409 -7.42 -11.12 64.24
N THR A 410 -7.81 -10.84 63.00
CA THR A 410 -8.10 -11.89 62.03
C THR A 410 -6.96 -12.04 61.03
N TRP A 411 -7.03 -13.07 60.18
CA TRP A 411 -5.94 -13.39 59.26
C TRP A 411 -5.66 -12.31 58.20
N ALA A 412 -6.63 -11.44 57.99
CA ALA A 412 -6.45 -10.32 57.08
C ALA A 412 -6.86 -9.00 57.74
N ASP A 413 -6.00 -8.00 57.65
CA ASP A 413 -6.33 -6.69 58.21
C ASP A 413 -7.16 -5.91 57.22
N TYR A 414 -7.09 -6.31 55.95
CA TYR A 414 -7.83 -5.67 54.88
C TYR A 414 -8.05 -6.65 53.73
N ALA A 415 -9.26 -6.62 53.17
CA ALA A 415 -9.60 -7.49 52.06
C ALA A 415 -10.59 -6.77 51.16
N ARG A 416 -10.60 -7.14 49.89
CA ARG A 416 -11.49 -6.51 48.93
C ARG A 416 -11.78 -7.40 47.73
N LEU A 417 -13.05 -7.74 47.56
CA LEU A 417 -13.50 -8.42 46.35
C LEU A 417 -14.23 -7.41 45.49
N SER A 418 -13.97 -7.42 44.19
CA SER A 418 -14.61 -6.45 43.31
C SER A 418 -14.88 -7.02 41.92
N TYR A 419 -16.01 -6.62 41.35
CA TYR A 419 -16.33 -6.93 39.97
C TYR A 419 -16.62 -5.63 39.24
N ASP A 420 -16.03 -5.47 38.07
CA ASP A 420 -16.18 -4.26 37.27
C ASP A 420 -16.35 -4.55 35.79
N ARG A 421 -17.46 -4.09 35.23
CA ARG A 421 -17.68 -4.11 33.78
C ARG A 421 -17.44 -2.72 33.21
N GLN A 422 -16.42 -2.59 32.38
CA GLN A 422 -16.10 -1.31 31.74
C GLN A 422 -16.15 -1.40 30.23
N GLY A 423 -16.61 -0.32 29.59
CA GLY A 423 -16.58 -0.22 28.15
C GLY A 423 -16.11 1.16 27.75
N VAL A 424 -15.21 1.24 26.79
CA VAL A 424 -14.79 2.53 26.25
C VAL A 424 -14.93 2.51 24.74
N GLY A 425 -15.57 3.54 24.18
CA GLY A 425 -15.78 3.61 22.76
C GLY A 425 -15.29 4.91 22.14
N LEU A 426 -14.51 4.79 21.07
CA LEU A 426 -14.03 5.94 20.34
C LEU A 426 -14.63 5.95 18.94
N ASP A 427 -15.56 6.87 18.72
CA ASP A 427 -16.33 6.95 17.49
C ASP A 427 -15.82 8.12 16.65
N ASN A 428 -15.15 7.81 15.55
CA ASN A 428 -14.55 8.84 14.72
C ASN A 428 -15.26 8.98 13.38
N HIS A 429 -16.03 10.05 13.23
CA HIS A 429 -16.85 10.23 12.03
C HIS A 429 -16.29 11.31 11.12
N PHE A 430 -15.72 10.90 9.99
CA PHE A 430 -15.26 11.79 8.95
C PHE A 430 -16.43 12.24 8.07
N GLN A 431 -16.39 13.50 7.66
CA GLN A 431 -17.38 14.01 6.71
C GLN A 431 -16.76 15.04 5.78
N GLN A 432 -16.89 14.83 4.47
CA GLN A 432 -16.43 15.79 3.49
C GLN A 432 -17.59 16.27 2.65
N THR A 433 -17.79 17.59 2.59
CA THR A 433 -18.88 18.15 1.80
C THR A 433 -18.35 19.12 0.75
N HIS A 434 -19.05 19.17 -0.38
CA HIS A 434 -18.78 20.15 -1.42
C HIS A 434 -20.13 20.55 -2.01
N CYS A 435 -20.87 21.37 -1.27
CA CYS A 435 -22.24 21.70 -1.64
C CYS A 435 -22.69 22.97 -0.94
N SER A 436 -21.74 23.81 -0.63
CA SER A 436 -22.01 25.10 -0.03
C SER A 436 -21.01 26.11 -0.46
N ALA A 437 -21.32 27.37 -0.29
CA ALA A 437 -20.38 28.43 -0.49
C ALA A 437 -19.85 28.46 0.85
N ASP A 438 -18.56 28.57 1.06
CA ASP A 438 -18.09 28.36 2.41
C ASP A 438 -18.15 29.50 3.42
N GLY A 439 -18.70 29.24 4.59
CA GLY A 439 -19.11 27.90 4.99
C GLY A 439 -18.56 27.62 6.36
N SER A 440 -18.15 26.40 6.59
CA SER A 440 -18.44 25.40 5.64
C SER A 440 -19.49 24.63 6.33
N ASP A 441 -20.44 24.24 5.53
CA ASP A 441 -21.56 23.41 5.95
C ASP A 441 -21.16 21.94 6.07
N LYS A 442 -21.54 21.32 7.18
CA LYS A 442 -21.27 19.91 7.41
C LYS A 442 -22.51 19.08 7.10
N TYR A 443 -23.64 19.77 6.90
CA TYR A 443 -24.92 19.08 6.80
C TYR A 443 -25.50 19.06 5.40
N CYS A 444 -24.99 19.92 4.53
CA CYS A 444 -25.47 19.98 3.16
C CYS A 444 -25.18 18.66 2.46
N ARG A 445 -26.03 18.29 1.51
CA ARG A 445 -25.84 17.06 0.74
C ARG A 445 -26.07 17.31 -0.74
N PRO A 446 -25.49 16.48 -1.61
CA PRO A 446 -25.74 16.56 -3.06
C PRO A 446 -27.20 16.32 -3.38
N SER A 447 -27.72 17.04 -4.37
CA SER A 447 -29.12 16.95 -4.73
C SER A 447 -29.31 17.41 -6.17
N ALA A 448 -30.44 17.03 -6.77
CA ALA A 448 -30.67 17.33 -8.17
C ALA A 448 -30.61 18.82 -8.47
N ASP A 449 -31.01 19.63 -7.49
CA ASP A 449 -31.01 21.08 -7.67
C ASP A 449 -29.62 21.64 -7.44
N LYS A 450 -28.70 20.77 -7.05
CA LYS A 450 -27.32 21.17 -6.85
C LYS A 450 -26.35 20.30 -7.66
N PRO A 451 -26.29 20.53 -8.97
CA PRO A 451 -25.36 19.82 -9.86
C PRO A 451 -23.94 20.07 -9.42
N PHE A 452 -23.07 19.06 -9.59
CA PHE A 452 -21.65 19.18 -9.27
C PHE A 452 -21.41 19.42 -7.78
N SER A 453 -22.15 18.69 -6.96
CA SER A 453 -21.90 18.65 -5.53
C SER A 453 -21.31 17.30 -5.16
N TYR A 454 -20.89 17.16 -3.90
CA TYR A 454 -20.23 15.92 -3.47
C TYR A 454 -20.26 15.79 -1.95
N TYR A 455 -20.27 14.55 -1.48
CA TYR A 455 -20.26 14.26 -0.06
C TYR A 455 -19.60 12.92 0.16
N LYS A 456 -18.82 12.82 1.23
CA LYS A 456 -18.28 11.54 1.64
C LYS A 456 -18.41 11.36 3.13
N SER A 457 -18.76 10.14 3.53
CA SER A 457 -18.86 9.81 4.94
C SER A 457 -17.95 8.64 5.23
N ASP A 458 -17.40 8.62 6.44
CA ASP A 458 -16.53 7.54 6.87
C ASP A 458 -16.47 7.55 8.38
N ARG A 459 -16.91 6.45 8.99
CA ARG A 459 -16.90 6.32 10.44
C ARG A 459 -16.13 5.09 10.89
N VAL A 460 -15.14 5.31 11.75
CA VAL A 460 -14.38 4.22 12.32
C VAL A 460 -14.60 4.19 13.82
N ILE A 461 -15.03 3.06 14.35
CA ILE A 461 -15.34 2.96 15.77
C ILE A 461 -14.45 1.95 16.49
N TYR A 462 -13.65 2.43 17.44
CA TYR A 462 -12.85 1.50 18.22
C TYR A 462 -13.34 1.38 19.66
N GLY A 463 -13.34 0.16 20.18
CA GLY A 463 -13.84 -0.09 21.52
C GLY A 463 -13.21 -1.26 22.26
N GLU A 464 -13.06 -1.11 23.56
CA GLU A 464 -12.57 -2.18 24.42
C GLU A 464 -13.51 -2.42 25.59
N SER A 465 -13.54 -3.66 26.07
CA SER A 465 -14.38 -4.03 27.21
C SER A 465 -13.60 -4.90 28.18
N HIS A 466 -13.83 -4.67 29.47
CA HIS A 466 -13.29 -5.55 30.49
C HIS A 466 -14.41 -6.03 31.39
N ARG A 467 -14.33 -7.29 31.80
CA ARG A 467 -15.20 -7.82 32.84
C ARG A 467 -14.27 -8.38 33.90
N LEU A 468 -13.79 -7.48 34.76
CA LEU A 468 -12.65 -7.76 35.62
C LEU A 468 -13.05 -8.13 37.06
N LEU A 469 -12.46 -9.21 37.55
CA LEU A 469 -12.76 -9.72 38.88
C LEU A 469 -11.48 -9.68 39.70
N GLN A 470 -11.46 -8.86 40.75
CA GLN A 470 -10.23 -8.65 41.51
C GLN A 470 -10.34 -8.96 43.01
N ALA A 471 -9.41 -9.77 43.51
CA ALA A 471 -9.32 -10.05 44.94
C ALA A 471 -8.03 -9.45 45.50
N ALA A 472 -8.16 -8.67 46.58
CA ALA A 472 -7.00 -8.05 47.21
C ALA A 472 -7.00 -8.29 48.72
N PHE A 473 -6.01 -9.03 49.21
CA PHE A 473 -5.89 -9.28 50.64
C PHE A 473 -4.62 -8.61 51.19
N LYS A 474 -4.64 -8.30 52.48
CA LYS A 474 -3.54 -7.56 53.10
C LYS A 474 -3.48 -7.82 54.61
N LYS A 475 -2.28 -8.10 55.11
CA LYS A 475 -2.09 -8.43 56.52
C LYS A 475 -0.67 -8.06 56.98
N SER A 476 -0.56 -7.56 58.21
CA SER A 476 0.73 -7.20 58.77
C SER A 476 1.19 -8.18 59.85
N PHE A 477 2.40 -8.69 59.70
CA PHE A 477 2.97 -9.63 60.66
C PHE A 477 4.09 -9.00 61.50
N ASP A 478 4.46 -9.65 62.59
CA ASP A 478 5.58 -9.22 63.41
C ASP A 478 6.62 -10.32 63.56
N LYS A 481 9.42 -8.16 66.39
CA LYS A 481 9.48 -6.70 66.39
C LYS A 481 9.54 -6.15 64.97
N ILE A 482 10.29 -6.83 64.10
CA ILE A 482 10.39 -6.43 62.70
C ILE A 482 9.08 -6.71 61.97
N ARG A 483 8.33 -5.66 61.69
CA ARG A 483 6.98 -5.78 61.12
C ARG A 483 6.99 -6.05 59.61
N HIS A 484 6.37 -7.15 59.21
CA HIS A 484 6.20 -7.47 57.80
C HIS A 484 4.83 -7.01 57.33
N ASN A 485 4.78 -6.31 56.21
CA ASN A 485 3.50 -5.95 55.60
C ASN A 485 3.26 -6.73 54.32
N LEU A 486 2.55 -7.85 54.45
CA LEU A 486 2.29 -8.74 53.32
C LEU A 486 1.10 -8.26 52.50
N SER A 487 1.15 -8.50 51.19
CA SER A 487 0.06 -8.11 50.28
C SER A 487 -0.09 -9.10 49.14
N VAL A 488 -1.29 -9.67 48.99
CA VAL A 488 -1.58 -10.52 47.86
C VAL A 488 -2.69 -9.93 46.98
N ASN A 489 -2.59 -10.16 45.67
CA ASN A 489 -3.57 -9.65 44.74
C ASN A 489 -3.89 -10.64 43.63
N LEU A 490 -5.18 -10.92 43.46
CA LEU A 490 -5.63 -11.88 42.46
C LEU A 490 -6.37 -11.13 41.36
N GLY A 491 -6.40 -11.71 40.17
CA GLY A 491 -7.08 -11.06 39.06
C GLY A 491 -7.60 -12.00 37.99
N PHE A 492 -8.80 -11.72 37.51
CA PHE A 492 -9.39 -12.46 36.41
C PHE A 492 -10.18 -11.51 35.53
N ASP A 493 -9.86 -11.51 34.24
CA ASP A 493 -10.49 -10.57 33.31
C ASP A 493 -10.88 -11.26 32.01
N ARG A 494 -12.16 -11.14 31.67
CA ARG A 494 -12.62 -11.53 30.34
C ARG A 494 -12.74 -10.25 29.53
N PHE A 495 -11.95 -10.14 28.47
CA PHE A 495 -11.84 -8.88 27.74
C PHE A 495 -12.10 -9.03 26.24
N GLY A 496 -12.28 -7.89 25.57
CA GLY A 496 -12.56 -7.88 24.15
C GLY A 496 -12.22 -6.57 23.50
N SER A 497 -11.73 -6.64 22.26
CA SER A 497 -11.35 -5.47 21.47
C SER A 497 -12.05 -5.51 20.13
N ASN A 498 -12.69 -4.41 19.75
CA ASN A 498 -13.49 -4.39 18.54
C ASN A 498 -13.41 -3.10 17.72
N LEU A 499 -13.02 -3.22 16.46
CA LEU A 499 -13.00 -2.09 15.55
C LEU A 499 -14.06 -2.28 14.48
N ARG A 500 -14.94 -1.30 14.34
CA ARG A 500 -15.98 -1.33 13.34
C ARG A 500 -15.77 -0.25 12.28
N HIS A 501 -16.15 -0.55 11.05
CA HIS A 501 -15.97 0.39 9.95
C HIS A 501 -17.27 0.47 9.15
N GLN A 502 -17.90 1.63 9.18
CA GLN A 502 -19.27 1.76 8.65
C GLN A 502 -19.55 3.19 8.23
N ASP A 503 -20.76 3.41 7.71
CA ASP A 503 -21.18 4.72 7.21
C ASP A 503 -20.13 5.29 6.26
N TYR A 504 -19.59 4.42 5.42
CA TYR A 504 -18.48 4.75 4.54
C TYR A 504 -18.97 4.80 3.09
N TYR A 505 -19.40 5.96 2.64
CA TYR A 505 -19.96 6.09 1.30
C TYR A 505 -19.79 7.49 0.73
N TYR A 506 -19.90 7.60 -0.59
CA TYR A 506 -19.87 8.90 -1.24
C TYR A 506 -21.19 9.14 -1.96
N GLN A 507 -21.44 10.40 -2.30
CA GLN A 507 -22.59 10.79 -3.11
C GLN A 507 -22.20 11.97 -3.97
N HIS A 508 -22.60 11.94 -5.24
CA HIS A 508 -22.44 13.12 -6.09
C HIS A 508 -23.69 13.38 -6.90
N ALA A 509 -23.73 14.54 -7.53
CA ALA A 509 -24.87 14.91 -8.35
C ALA A 509 -24.34 15.50 -9.63
N ASN A 510 -24.03 14.64 -10.59
CA ASN A 510 -23.53 15.10 -11.88
C ASN A 510 -24.69 15.52 -12.78
N ARG A 511 -24.50 16.61 -13.49
CA ARG A 511 -25.52 17.24 -14.32
C ARG A 511 -25.95 16.37 -15.51
N ALA A 512 -27.24 16.44 -15.87
CA ALA A 512 -27.74 15.77 -17.06
C ALA A 512 -27.41 16.61 -18.29
N TYR A 513 -26.60 16.06 -19.18
CA TYR A 513 -26.07 16.81 -20.31
C TYR A 513 -25.81 15.95 -21.53
N SER A 514 -26.10 16.50 -22.70
CA SER A 514 -25.62 15.90 -23.94
C SER A 514 -25.50 16.97 -25.00
N SER A 515 -24.54 16.78 -25.89
CA SER A 515 -24.33 17.64 -27.04
C SER A 515 -24.74 16.83 -28.25
N ASN A 516 -25.69 17.33 -29.03
CA ASN A 516 -26.32 16.50 -30.06
C ASN A 516 -26.25 17.08 -31.45
N THR A 517 -26.31 16.21 -32.44
CA THR A 517 -26.40 16.64 -33.82
C THR A 517 -27.82 17.15 -34.05
N PRO A 518 -27.96 18.42 -34.46
CA PRO A 518 -29.27 19.01 -34.71
C PRO A 518 -29.99 18.28 -35.85
N PRO A 519 -31.33 18.38 -35.89
CA PRO A 519 -32.10 17.72 -36.95
C PRO A 519 -31.71 18.20 -38.34
N GLN A 520 -31.87 17.33 -39.32
CA GLN A 520 -31.55 17.63 -40.71
C GLN A 520 -32.57 18.59 -41.31
N ASN A 521 -32.09 19.71 -41.86
CA ASN A 521 -32.97 20.77 -42.36
C ASN A 521 -32.22 21.75 -43.27
N ASN A 522 -32.11 21.44 -44.55
CA ASN A 522 -32.57 20.18 -45.12
C ASN A 522 -31.56 19.68 -46.14
N GLY A 523 -31.54 18.37 -46.36
CA GLY A 523 -30.57 17.77 -47.26
C GLY A 523 -29.79 16.65 -46.60
N LYS A 524 -28.73 17.01 -45.89
CA LYS A 524 -27.96 16.03 -45.13
C LYS A 524 -27.60 16.60 -43.75
N LYS A 525 -27.18 15.73 -42.84
CA LYS A 525 -26.87 16.15 -41.47
C LYS A 525 -25.54 16.87 -41.34
N ILE A 526 -25.56 18.03 -40.69
CA ILE A 526 -24.34 18.80 -40.46
C ILE A 526 -24.00 18.88 -38.98
N SER A 527 -22.87 18.29 -38.61
CA SER A 527 -22.38 18.33 -37.24
C SER A 527 -21.67 19.66 -36.96
N PRO A 528 -22.28 20.50 -36.10
CA PRO A 528 -21.86 21.87 -35.85
C PRO A 528 -20.46 21.97 -35.21
N ASN A 529 -19.83 23.13 -35.37
CA ASN A 529 -18.46 23.32 -34.89
C ASN A 529 -18.31 24.37 -33.79
N GLY A 530 -19.43 24.98 -33.38
CA GLY A 530 -19.39 25.97 -32.33
C GLY A 530 -19.24 27.39 -32.81
N SER A 531 -19.23 27.58 -34.12
CA SER A 531 -19.16 28.93 -34.69
C SER A 531 -20.48 29.65 -34.41
N GLU A 532 -20.44 30.98 -34.47
CA GLU A 532 -21.61 31.80 -34.20
C GLU A 532 -22.78 31.44 -35.11
N THR A 533 -22.47 31.09 -36.35
CA THR A 533 -23.50 30.71 -37.32
C THR A 533 -23.85 29.22 -37.24
N SER A 534 -23.04 28.46 -36.51
CA SER A 534 -23.27 27.02 -36.38
C SER A 534 -23.05 26.53 -34.94
N PRO A 535 -23.81 27.07 -33.97
CA PRO A 535 -23.54 26.76 -32.57
C PRO A 535 -23.92 25.34 -32.20
N TYR A 536 -23.32 24.80 -31.15
CA TYR A 536 -23.65 23.47 -30.67
C TYR A 536 -25.10 23.36 -30.20
N TRP A 537 -25.64 22.13 -30.29
CA TRP A 537 -27.01 21.84 -29.90
C TRP A 537 -26.96 21.01 -28.64
N VAL A 538 -27.19 21.67 -27.51
CA VAL A 538 -26.91 21.12 -26.20
C VAL A 538 -28.19 21.02 -25.35
N THR A 539 -28.33 19.96 -24.58
CA THR A 539 -29.40 19.89 -23.60
C THR A 539 -28.82 19.80 -22.19
N ILE A 540 -29.37 20.61 -21.29
CA ILE A 540 -28.90 20.62 -19.91
C ILE A 540 -30.06 20.44 -18.95
N GLY A 541 -29.98 19.38 -18.15
CA GLY A 541 -30.98 19.09 -17.15
C GLY A 541 -30.38 19.09 -15.76
N ARG A 542 -31.21 18.87 -14.75
CA ARG A 542 -30.75 18.89 -13.37
C ARG A 542 -29.90 17.66 -13.09
N GLY A 543 -29.09 17.72 -12.04
CA GLY A 543 -28.18 16.63 -11.70
C GLY A 543 -28.86 15.35 -11.27
N ASN A 544 -28.23 14.22 -11.60
CA ASN A 544 -28.70 12.91 -11.14
C ASN A 544 -27.84 12.48 -9.96
N VAL A 545 -28.45 12.28 -8.80
CA VAL A 545 -27.67 11.97 -7.60
C VAL A 545 -27.35 10.49 -7.48
N VAL A 546 -26.07 10.19 -7.24
CA VAL A 546 -25.54 8.85 -7.27
C VAL A 546 -24.85 8.52 -5.94
N THR A 547 -25.11 7.33 -5.40
CA THR A 547 -24.44 6.88 -4.19
C THR A 547 -23.53 5.68 -4.43
N GLY A 548 -22.35 5.71 -3.82
CA GLY A 548 -21.43 4.59 -3.89
C GLY A 548 -20.98 4.14 -2.51
N GLN A 549 -21.19 2.86 -2.22
CA GLN A 549 -20.68 2.26 -0.99
C GLN A 549 -19.20 1.90 -1.13
N ILE A 550 -18.38 2.43 -0.22
CA ILE A 550 -16.94 2.31 -0.32
C ILE A 550 -16.42 1.04 0.36
N CYS A 551 -17.13 0.59 1.38
CA CYS A 551 -16.80 -0.63 2.12
C CYS A 551 -16.57 -1.84 1.22
N ARG A 552 -15.54 -2.61 1.53
CA ARG A 552 -15.36 -3.93 0.92
C ARG A 552 -15.27 -4.97 2.05
N LEU A 553 -15.34 -6.24 1.70
CA LEU A 553 -15.26 -7.29 2.69
C LEU A 553 -14.13 -8.26 2.37
N GLY A 554 -13.22 -8.41 3.33
CA GLY A 554 -12.13 -9.38 3.22
C GLY A 554 -11.05 -9.07 2.20
N ASN A 555 -10.81 -7.79 1.93
CA ASN A 555 -9.81 -7.41 0.93
C ASN A 555 -8.51 -6.91 1.54
N ASN A 556 -8.45 -6.94 2.87
CA ASN A 556 -7.26 -6.55 3.64
C ASN A 556 -6.64 -5.21 3.31
N THR A 557 -7.46 -4.19 3.12
CA THR A 557 -6.97 -2.83 3.09
C THR A 557 -7.79 -1.98 4.03
N TYR A 558 -7.59 -0.67 4.00
CA TYR A 558 -8.35 0.23 4.85
C TYR A 558 -9.85 0.10 4.60
N THR A 559 -10.22 -0.22 3.37
CA THR A 559 -11.63 -0.35 3.00
C THR A 559 -12.25 -1.67 3.44
N ASP A 560 -11.49 -2.50 4.15
CA ASP A 560 -12.04 -3.75 4.66
C ASP A 560 -12.86 -3.45 5.89
N CYS A 561 -14.17 -3.57 5.76
CA CYS A 561 -15.07 -3.19 6.84
C CYS A 561 -15.55 -4.42 7.56
N THR A 562 -14.84 -5.53 7.37
CA THR A 562 -15.06 -6.71 8.17
C THR A 562 -14.57 -6.37 9.56
N PRO A 563 -15.49 -6.36 10.54
CA PRO A 563 -15.14 -5.96 11.91
C PRO A 563 -13.94 -6.75 12.44
N ARG A 564 -12.99 -6.03 13.03
CA ARG A 564 -11.81 -6.65 13.63
C ARG A 564 -12.07 -6.94 15.11
N SER A 565 -12.31 -8.20 15.42
CA SER A 565 -12.74 -8.60 16.74
C SER A 565 -11.71 -9.53 17.38
N ILE A 566 -11.17 -9.10 18.52
CA ILE A 566 -10.21 -9.89 19.28
C ILE A 566 -10.70 -10.04 20.71
N ASN A 567 -10.79 -11.28 21.18
CA ASN A 567 -11.31 -11.55 22.53
C ASN A 567 -10.34 -12.35 23.37
N GLY A 568 -10.52 -12.33 24.69
CA GLY A 568 -9.63 -13.07 25.57
C GLY A 568 -9.93 -13.10 27.07
N LYS A 569 -9.15 -13.92 27.76
CA LYS A 569 -9.20 -14.04 29.21
C LYS A 569 -7.80 -13.75 29.74
N SER A 570 -7.70 -13.31 30.99
CA SER A 570 -6.39 -13.07 31.60
C SER A 570 -6.38 -13.25 33.12
N TYR A 571 -5.22 -13.63 33.64
CA TYR A 571 -5.05 -13.89 35.06
C TYR A 571 -3.78 -13.22 35.58
N TYR A 572 -3.85 -12.71 36.80
CA TYR A 572 -2.65 -12.25 37.51
C TYR A 572 -2.68 -12.58 38.99
N ALA A 573 -1.53 -12.96 39.53
CA ALA A 573 -1.36 -13.19 40.96
C ALA A 573 -0.13 -12.42 41.43
N ALA A 574 -0.29 -11.62 42.47
CA ALA A 574 0.80 -10.77 42.92
C ALA A 574 1.01 -10.79 44.43
N VAL A 575 2.19 -11.25 44.83
CA VAL A 575 2.58 -11.25 46.23
C VAL A 575 3.62 -10.17 46.47
N ARG A 576 3.33 -9.26 47.39
CA ARG A 576 4.27 -8.21 47.76
C ARG A 576 4.51 -8.19 49.27
N ASP A 577 5.60 -7.56 49.68
CA ASP A 577 5.91 -7.44 51.10
C ASP A 577 6.92 -6.33 51.37
N ASN A 578 6.58 -5.44 52.30
CA ASN A 578 7.49 -4.41 52.75
C ASN A 578 7.67 -4.45 54.26
N VAL A 579 8.94 -4.53 54.70
CA VAL A 579 9.24 -4.68 56.12
C VAL A 579 9.99 -3.48 56.67
N ARG A 580 9.64 -3.06 57.88
CA ARG A 580 10.40 -2.03 58.58
C ARG A 580 11.51 -2.66 59.39
N LEU A 581 12.74 -2.59 58.86
CA LEU A 581 13.91 -3.16 59.54
C LEU A 581 14.42 -2.22 60.63
N GLY A 582 13.73 -2.19 61.76
CA GLY A 582 14.06 -1.23 62.80
C GLY A 582 13.85 0.18 62.30
N ARG A 583 14.68 1.11 62.75
CA ARG A 583 14.57 2.49 62.31
C ARG A 583 15.66 2.83 61.29
N TRP A 584 16.52 1.86 61.00
CA TRP A 584 17.68 2.10 60.16
C TRP A 584 17.44 1.89 58.67
N ALA A 585 16.45 1.06 58.32
CA ALA A 585 16.15 0.80 56.92
C ALA A 585 14.77 0.18 56.74
N ASP A 586 14.19 0.36 55.56
CA ASP A 586 12.98 -0.35 55.15
C ASP A 586 13.26 -1.08 53.84
N VAL A 587 12.81 -2.33 53.76
CA VAL A 587 13.01 -3.13 52.56
C VAL A 587 11.71 -3.69 52.02
N GLY A 588 11.47 -3.48 50.73
CA GLY A 588 10.29 -4.00 50.08
C GLY A 588 10.63 -4.86 48.88
N ALA A 589 9.75 -5.81 48.57
CA ALA A 589 9.91 -6.68 47.41
C ALA A 589 8.54 -7.10 46.91
N GLY A 590 8.46 -7.41 45.61
CA GLY A 590 7.21 -7.81 45.02
C GLY A 590 7.40 -8.81 43.90
N LEU A 591 6.42 -9.70 43.74
CA LEU A 591 6.46 -10.71 42.68
C LEU A 591 5.08 -10.84 42.03
N ARG A 592 5.06 -11.02 40.71
CA ARG A 592 3.79 -11.11 40.00
C ARG A 592 3.85 -12.00 38.75
N TYR A 593 2.79 -12.78 38.54
CA TYR A 593 2.66 -13.64 37.38
C TYR A 593 1.47 -13.19 36.55
N ASP A 594 1.66 -13.07 35.24
CA ASP A 594 0.57 -12.67 34.35
C ASP A 594 0.35 -13.66 33.22
N TYR A 595 -0.90 -14.07 33.02
CA TYR A 595 -1.29 -14.92 31.91
C TYR A 595 -2.28 -14.18 31.03
N ARG A 596 -2.19 -14.39 29.72
N ARG A 596 -2.20 -14.38 29.71
CA ARG A 596 -3.12 -13.78 28.79
CA ARG A 596 -3.12 -13.75 28.78
C ARG A 596 -3.30 -14.67 27.57
C ARG A 596 -3.32 -14.55 27.50
N SER A 597 -4.55 -14.97 27.25
CA SER A 597 -4.88 -15.76 26.07
C SER A 597 -5.82 -14.98 25.15
N THR A 598 -5.52 -14.96 23.85
CA THR A 598 -6.34 -14.22 22.89
C THR A 598 -6.79 -15.08 21.71
N HIS A 599 -7.98 -14.77 21.19
CA HIS A 599 -8.51 -15.45 20.01
C HIS A 599 -9.16 -14.48 19.02
N SER A 600 -9.04 -14.79 17.73
CA SER A 600 -9.77 -14.06 16.70
C SER A 600 -10.25 -15.02 15.62
N ASP A 601 -11.42 -14.73 15.06
CA ASP A 601 -11.94 -15.51 13.95
C ASP A 601 -10.98 -15.36 12.76
N ASP A 602 -10.41 -14.17 12.63
CA ASP A 602 -9.43 -13.86 11.59
C ASP A 602 -8.10 -14.57 11.87
N GLY A 603 -7.73 -15.48 10.98
CA GLY A 603 -6.53 -16.28 11.15
C GLY A 603 -5.26 -15.50 10.95
N SER A 604 -5.38 -14.29 10.41
CA SER A 604 -4.21 -13.47 10.13
C SER A 604 -3.81 -12.58 11.31
N VAL A 605 -4.65 -12.52 12.33
CA VAL A 605 -4.35 -11.76 13.54
C VAL A 605 -3.34 -12.49 14.44
N SER A 606 -2.30 -11.77 14.88
CA SER A 606 -1.28 -12.36 15.74
C SER A 606 -1.84 -12.71 17.11
N THR A 607 -2.29 -13.94 17.25
CA THR A 607 -3.05 -14.38 18.40
C THR A 607 -2.32 -15.48 19.15
N GLY A 608 -2.42 -15.49 20.48
CA GLY A 608 -1.78 -16.54 21.26
C GLY A 608 -1.80 -16.38 22.77
N THR A 609 -0.90 -17.10 23.42
CA THR A 609 -0.80 -17.12 24.88
C THR A 609 0.48 -16.43 25.34
N HIS A 610 0.37 -15.61 26.37
CA HIS A 610 1.55 -15.03 27.03
C HIS A 610 1.57 -15.34 28.53
N ARG A 611 2.74 -15.69 29.03
CA ARG A 611 2.94 -15.78 30.48
C ARG A 611 4.26 -15.10 30.88
N THR A 612 4.14 -13.94 31.52
CA THR A 612 5.31 -13.16 31.91
C THR A 612 5.49 -13.14 33.42
N LEU A 613 6.72 -12.85 33.86
CA LEU A 613 7.03 -12.77 35.28
C LEU A 613 7.55 -11.38 35.61
N SER A 614 6.91 -10.72 36.58
CA SER A 614 7.32 -9.39 36.99
C SER A 614 7.79 -9.38 38.44
N TRP A 615 8.81 -8.58 38.73
CA TRP A 615 9.32 -8.51 40.10
C TRP A 615 9.97 -7.16 40.41
N ASN A 616 9.84 -6.71 41.66
CA ASN A 616 10.51 -5.48 42.09
C ASN A 616 11.11 -5.55 43.48
N ALA A 617 12.07 -4.68 43.74
CA ALA A 617 12.76 -4.66 45.03
C ALA A 617 13.35 -3.28 45.29
N GLY A 618 13.27 -2.84 46.54
CA GLY A 618 13.76 -1.53 46.89
C GLY A 618 14.29 -1.51 48.30
N ILE A 619 15.17 -0.56 48.57
CA ILE A 619 15.71 -0.38 49.90
C ILE A 619 15.80 1.11 50.23
N VAL A 620 15.50 1.44 51.47
CA VAL A 620 15.72 2.81 51.93
C VAL A 620 16.57 2.83 53.19
N LEU A 621 17.87 3.01 53.00
CA LEU A 621 18.80 3.14 54.12
C LEU A 621 18.62 4.47 54.81
N LYS A 622 18.46 4.42 56.14
CA LYS A 622 18.33 5.62 56.93
C LYS A 622 19.36 5.66 58.05
N PRO A 623 20.60 6.10 57.73
CA PRO A 623 21.63 6.35 58.74
C PRO A 623 21.29 7.62 59.51
N THR A 624 20.17 8.21 59.11
CA THR A 624 19.55 9.36 59.74
C THR A 624 20.45 10.50 60.20
N ASP A 625 21.04 11.18 59.22
CA ASP A 625 21.41 12.58 59.36
C ASP A 625 20.18 13.29 58.80
N TRP A 626 19.04 12.63 59.00
CA TRP A 626 17.83 12.90 58.25
C TRP A 626 18.14 12.96 56.76
N LEU A 627 18.85 11.93 56.31
CA LEU A 627 19.07 11.69 54.89
C LEU A 627 18.84 10.21 54.57
N ASP A 628 18.23 9.95 53.41
CA ASP A 628 17.92 8.59 53.02
C ASP A 628 18.65 8.17 51.75
N LEU A 629 19.33 7.04 51.83
CA LEU A 629 19.98 6.43 50.66
C LEU A 629 19.04 5.40 50.05
N THR A 630 18.51 5.68 48.87
CA THR A 630 17.48 4.85 48.26
C THR A 630 17.95 4.14 47.00
N TYR A 631 17.51 2.90 46.82
CA TYR A 631 17.84 2.14 45.61
C TYR A 631 16.74 1.15 45.26
N ARG A 632 16.20 1.26 44.06
CA ARG A 632 15.06 0.45 43.66
C ARG A 632 15.26 -0.24 42.32
N THR A 633 14.64 -1.40 42.18
CA THR A 633 14.70 -2.19 40.96
C THR A 633 13.29 -2.67 40.63
N SER A 634 12.89 -2.57 39.36
CA SER A 634 11.58 -3.02 38.94
C SER A 634 11.57 -3.44 37.48
N THR A 635 10.79 -4.47 37.16
CA THR A 635 10.63 -4.90 35.77
C THR A 635 9.36 -4.31 35.17
N GLY A 636 9.27 -4.37 33.85
CA GLY A 636 8.11 -3.86 33.13
C GLY A 636 7.90 -4.57 31.81
N PHE A 637 6.65 -4.83 31.46
CA PHE A 637 6.37 -5.52 30.20
C PHE A 637 5.11 -5.00 29.52
N ARG A 638 5.09 -5.14 28.20
CA ARG A 638 3.95 -4.72 27.42
C ARG A 638 3.62 -5.78 26.38
N LEU A 639 2.41 -6.32 26.47
CA LEU A 639 1.93 -7.27 25.48
C LEU A 639 1.65 -6.56 24.16
N PRO A 640 1.69 -7.29 23.03
CA PRO A 640 1.38 -6.72 21.71
C PRO A 640 0.00 -6.09 21.70
N SER A 641 -0.11 -4.87 21.21
CA SER A 641 -1.41 -4.19 21.22
C SER A 641 -2.37 -4.82 20.23
N PHE A 642 -3.64 -4.47 20.32
CA PHE A 642 -4.63 -5.03 19.42
C PHE A 642 -4.41 -4.60 17.96
N ALA A 643 -3.84 -3.42 17.77
CA ALA A 643 -3.52 -2.93 16.43
C ALA A 643 -2.29 -3.65 15.86
N GLU A 644 -1.33 -3.94 16.72
CA GLU A 644 -0.15 -4.69 16.32
C GLU A 644 -0.51 -6.14 15.99
N MET A 645 -1.48 -6.68 16.73
CA MET A 645 -1.91 -8.06 16.52
C MET A 645 -2.60 -8.21 15.18
N TYR A 646 -3.35 -7.20 14.78
CA TYR A 646 -4.08 -7.25 13.52
C TYR A 646 -3.09 -7.20 12.36
N GLY A 647 -1.95 -6.59 12.62
CA GLY A 647 -0.82 -6.64 11.71
C GLY A 647 -0.86 -5.62 10.60
N TRP A 648 0.22 -5.60 9.83
CA TRP A 648 0.38 -4.71 8.68
C TRP A 648 -0.17 -5.45 7.47
N ARG A 649 -0.99 -4.78 6.67
CA ARG A 649 -1.62 -5.43 5.52
C ARG A 649 -1.55 -4.62 4.24
N ALA A 650 -1.39 -5.30 3.11
CA ALA A 650 -1.23 -4.64 1.82
C ALA A 650 -2.16 -5.21 0.75
N GLY A 651 -3.36 -5.61 1.15
CA GLY A 651 -4.36 -6.07 0.20
C GLY A 651 -4.12 -7.48 -0.30
N VAL A 652 -3.29 -8.22 0.42
CA VAL A 652 -3.04 -9.62 0.08
C VAL A 652 -3.13 -10.46 1.34
N GLN A 653 -3.24 -11.78 1.14
CA GLN A 653 -3.26 -12.73 2.24
C GLN A 653 -2.03 -12.58 3.14
N SER A 654 -2.25 -12.58 4.45
CA SER A 654 -1.17 -12.46 5.41
C SER A 654 -1.20 -13.65 6.36
N LYS A 655 -0.04 -14.17 6.71
CA LYS A 655 0.05 -15.15 7.79
C LYS A 655 0.14 -14.38 9.10
N ALA A 656 -0.10 -15.07 10.20
CA ALA A 656 0.08 -14.46 11.51
C ALA A 656 1.48 -14.77 12.01
N VAL A 657 2.11 -13.81 12.68
CA VAL A 657 3.43 -14.04 13.27
C VAL A 657 3.37 -13.96 14.79
N LYS A 658 4.27 -14.66 15.46
CA LYS A 658 4.36 -14.60 16.91
C LYS A 658 4.95 -13.26 17.33
N ILE A 659 4.42 -12.68 18.39
CA ILE A 659 5.03 -11.48 18.96
C ILE A 659 5.27 -11.64 20.46
N ASP A 660 6.54 -11.56 20.85
CA ASP A 660 6.89 -11.61 22.26
C ASP A 660 6.59 -10.23 22.86
N PRO A 661 6.50 -10.14 24.20
CA PRO A 661 6.19 -8.82 24.77
C PRO A 661 7.42 -7.93 24.84
N GLU A 662 7.19 -6.63 24.83
CA GLU A 662 8.22 -5.67 25.15
C GLU A 662 8.56 -5.79 26.62
N LYS A 663 9.83 -5.66 26.96
CA LYS A 663 10.23 -5.75 28.37
C LYS A 663 11.13 -4.57 28.74
N SER A 664 11.09 -4.18 30.00
CA SER A 664 11.95 -3.12 30.50
C SER A 664 12.49 -3.41 31.89
N PHE A 665 13.56 -2.72 32.26
CA PHE A 665 14.22 -2.93 33.55
C PHE A 665 14.71 -1.60 34.08
N ASN A 666 14.32 -1.27 35.31
CA ASN A 666 14.55 0.06 35.86
C ASN A 666 15.36 0.06 37.17
N LYS A 667 16.62 0.46 37.09
CA LYS A 667 17.45 0.65 38.29
C LYS A 667 17.42 2.13 38.65
N GLU A 668 17.23 2.43 39.93
CA GLU A 668 17.18 3.82 40.36
C GLU A 668 17.73 4.03 41.78
N ALA A 669 18.80 4.82 41.87
CA ALA A 669 19.39 5.17 43.15
C ALA A 669 19.08 6.62 43.49
N GLY A 670 18.85 6.90 44.78
CA GLY A 670 18.50 8.24 45.19
C GLY A 670 18.91 8.64 46.60
N ILE A 671 19.03 9.95 46.81
CA ILE A 671 19.37 10.50 48.11
C ILE A 671 18.45 11.67 48.41
N VAL A 672 17.94 11.71 49.64
CA VAL A 672 17.04 12.80 50.06
C VAL A 672 17.42 13.38 51.42
N PHE A 673 17.67 14.69 51.45
CA PHE A 673 17.95 15.41 52.69
C PHE A 673 16.65 16.00 53.22
N LYS A 674 16.23 15.56 54.40
CA LYS A 674 15.01 16.07 55.02
C LYS A 674 15.31 16.76 56.34
N GLY A 675 14.35 17.54 56.85
CA GLY A 675 14.52 18.26 58.10
C GLY A 675 13.55 19.39 58.31
N ASP A 676 13.98 20.40 59.08
CA ASP A 676 13.13 21.55 59.38
C ASP A 676 12.89 22.41 58.14
N PHE A 677 13.89 22.42 57.25
CA PHE A 677 13.83 23.19 56.02
C PHE A 677 12.83 22.57 55.03
N GLY A 678 12.42 21.33 55.31
CA GLY A 678 11.52 20.60 54.44
C GLY A 678 12.20 19.33 53.98
N ASN A 679 12.45 19.24 52.67
CA ASN A 679 13.23 18.15 52.10
C ASN A 679 13.74 18.46 50.70
N LEU A 680 14.83 17.79 50.32
CA LEU A 680 15.40 17.91 48.98
C LEU A 680 15.74 16.52 48.49
N GLU A 681 15.16 16.11 47.37
CA GLU A 681 15.30 14.74 46.88
C GLU A 681 15.96 14.68 45.49
N ALA A 682 16.89 13.74 45.34
CA ALA A 682 17.55 13.52 44.06
C ALA A 682 17.66 12.03 43.76
N SER A 683 17.57 11.68 42.48
CA SER A 683 17.64 10.29 42.06
C SER A 683 18.20 10.14 40.65
N TRP A 684 18.92 9.05 40.42
CA TRP A 684 19.45 8.72 39.10
C TRP A 684 18.85 7.40 38.64
N PHE A 685 18.30 7.38 37.44
CA PHE A 685 17.64 6.18 36.94
C PHE A 685 18.26 5.61 35.67
N ASN A 686 18.06 4.32 35.45
CA ASN A 686 18.57 3.63 34.28
C ASN A 686 17.56 2.61 33.77
N ASN A 687 16.70 3.05 32.85
CA ASN A 687 15.67 2.18 32.29
C ASN A 687 16.11 1.57 30.96
N ALA A 688 16.08 0.24 30.88
CA ALA A 688 16.50 -0.48 29.68
C ALA A 688 15.34 -1.21 29.02
N TYR A 689 14.88 -0.67 27.89
CA TYR A 689 13.81 -1.30 27.13
C TYR A 689 14.39 -2.36 26.19
N ARG A 690 13.61 -3.41 25.93
CA ARG A 690 14.08 -4.52 25.12
C ARG A 690 12.90 -5.16 24.38
N ASP A 691 13.19 -5.75 23.22
CA ASP A 691 12.18 -6.36 22.37
C ASP A 691 11.12 -5.36 21.91
N LEU A 692 11.57 -4.16 21.59
CA LEU A 692 10.65 -3.13 21.11
C LEU A 692 10.00 -3.56 19.79
N ILE A 693 8.69 -3.34 19.70
CA ILE A 693 7.92 -3.81 18.57
C ILE A 693 7.84 -2.75 17.47
N VAL A 694 8.26 -3.13 16.27
CA VAL A 694 8.21 -2.22 15.12
C VAL A 694 7.92 -2.99 13.83
N ARG A 695 7.41 -2.28 12.83
CA ARG A 695 7.12 -2.88 11.54
C ARG A 695 8.43 -3.10 10.77
N GLY A 696 8.74 -4.36 10.49
CA GLY A 696 9.94 -4.71 9.77
C GLY A 696 9.87 -6.10 9.18
N TYR A 697 11.03 -6.70 8.94
CA TYR A 697 11.10 -8.04 8.37
C TYR A 697 11.93 -8.95 9.26
N GLU A 698 11.57 -10.24 9.25
CA GLU A 698 12.42 -11.26 9.85
C GLU A 698 13.66 -11.41 8.96
N ALA A 699 14.82 -11.67 9.57
CA ALA A 699 16.05 -11.78 8.80
C ALA A 699 16.81 -13.06 9.10
N GLN A 700 17.50 -13.58 8.09
CA GLN A 700 18.31 -14.77 8.23
C GLN A 700 19.49 -14.72 7.27
N ILE A 701 20.57 -15.41 7.63
CA ILE A 701 21.78 -15.43 6.80
C ILE A 701 22.02 -16.83 6.26
N LYS A 702 21.79 -17.01 4.95
CA LYS A 702 21.87 -18.32 4.33
C LYS A 702 23.27 -18.70 3.85
N ASP A 703 23.80 -17.94 2.89
CA ASP A 703 25.13 -18.24 2.35
C ASP A 703 26.07 -17.05 2.48
N GLY A 704 26.25 -16.58 3.71
CA GLY A 704 27.10 -15.42 3.96
C GLY A 704 26.31 -14.12 3.96
N LYS A 705 25.44 -13.96 2.97
CA LYS A 705 24.63 -12.75 2.86
C LYS A 705 23.32 -12.90 3.65
N GLU A 706 22.95 -11.86 4.37
CA GLU A 706 21.68 -11.86 5.07
C GLU A 706 20.57 -11.51 4.10
N GLU A 707 19.34 -11.85 4.46
CA GLU A 707 18.19 -11.58 3.61
C GLU A 707 16.91 -11.49 4.43
N ALA A 708 15.90 -10.84 3.84
CA ALA A 708 14.59 -10.77 4.47
C ALA A 708 13.78 -12.02 4.17
N LYS A 709 13.11 -12.55 5.18
CA LYS A 709 12.17 -13.64 4.97
C LYS A 709 10.80 -13.23 5.51
N GLY A 710 9.75 -13.77 4.90
CA GLY A 710 8.40 -13.48 5.36
C GLY A 710 7.85 -12.17 4.83
N ASP A 711 6.77 -11.71 5.44
CA ASP A 711 6.08 -10.50 5.02
C ASP A 711 6.51 -9.31 5.88
N PRO A 712 6.21 -8.09 5.43
CA PRO A 712 6.35 -6.95 6.34
C PRO A 712 5.41 -7.16 7.53
N ALA A 713 5.97 -7.21 8.72
CA ALA A 713 5.17 -7.51 9.90
C ALA A 713 5.63 -6.73 11.13
N TYR A 714 4.81 -6.72 12.16
CA TYR A 714 5.19 -6.14 13.43
C TYR A 714 5.95 -7.19 14.25
N LEU A 715 7.22 -6.94 14.51
CA LEU A 715 8.07 -7.90 15.20
C LEU A 715 8.87 -7.25 16.32
N ASN A 716 9.31 -8.06 17.28
CA ASN A 716 10.24 -7.61 18.29
C ASN A 716 11.59 -7.39 17.63
N ALA A 717 12.03 -6.14 17.58
CA ALA A 717 13.19 -5.81 16.76
C ALA A 717 14.32 -5.14 17.54
N GLN A 718 13.97 -4.36 18.56
CA GLN A 718 14.94 -3.42 19.13
C GLN A 718 15.05 -3.38 20.65
N SER A 719 16.20 -2.91 21.11
CA SER A 719 16.42 -2.63 22.52
C SER A 719 16.99 -1.22 22.67
N ALA A 720 16.71 -0.59 23.81
CA ALA A 720 17.24 0.76 24.08
C ALA A 720 17.25 1.05 25.58
N ARG A 721 18.23 1.83 26.01
CA ARG A 721 18.34 2.20 27.42
C ARG A 721 18.39 3.72 27.59
N ILE A 722 17.82 4.20 28.68
CA ILE A 722 17.82 5.63 28.97
C ILE A 722 18.23 5.90 30.41
N THR A 723 19.05 6.92 30.61
CA THR A 723 19.47 7.34 31.94
C THR A 723 19.01 8.76 32.17
N GLY A 724 18.92 9.16 33.44
CA GLY A 724 18.54 10.52 33.76
C GLY A 724 18.61 10.91 35.22
N ILE A 725 18.17 12.14 35.49
CA ILE A 725 18.27 12.74 36.82
C ILE A 725 16.99 13.49 37.18
N ASN A 726 16.56 13.37 38.43
CA ASN A 726 15.42 14.12 38.94
C ASN A 726 15.74 14.83 40.26
N ILE A 727 15.43 16.11 40.33
CA ILE A 727 15.54 16.86 41.58
C ILE A 727 14.16 17.36 41.98
N LEU A 728 13.78 17.12 43.23
CA LEU A 728 12.50 17.58 43.74
C LEU A 728 12.60 17.97 45.21
N GLY A 729 12.16 19.17 45.54
CA GLY A 729 12.19 19.64 46.91
C GLY A 729 11.22 20.75 47.22
N LYS A 730 10.97 20.95 48.51
CA LYS A 730 10.14 22.06 48.99
C LYS A 730 10.78 22.69 50.22
N ILE A 731 10.99 24.01 50.15
CA ILE A 731 11.60 24.75 51.24
C ILE A 731 10.54 25.32 52.19
N ASP A 732 10.86 25.37 53.47
CA ASP A 732 9.94 25.90 54.49
C ASP A 732 10.21 27.39 54.70
N TRP A 733 11.34 27.85 54.18
CA TRP A 733 11.80 29.23 54.38
C TRP A 733 11.92 29.64 55.85
N ASN A 734 12.10 28.65 56.72
CA ASN A 734 12.37 28.92 58.12
C ASN A 734 13.80 28.50 58.49
N GLY A 735 14.67 29.50 58.61
CA GLY A 735 14.35 30.87 58.25
C GLY A 735 14.05 31.83 59.39
N VAL A 736 12.91 31.61 60.05
CA VAL A 736 12.40 32.46 61.14
C VAL A 736 12.40 33.97 60.81
N TRP A 744 5.94 31.16 54.60
CA TRP A 744 5.66 30.77 53.22
C TRP A 744 6.65 29.74 52.68
N TYR A 745 6.42 29.30 51.44
CA TYR A 745 7.13 28.13 50.90
C TYR A 745 7.75 28.35 49.53
N SER A 746 8.35 27.28 49.02
CA SER A 746 8.99 27.29 47.71
C SER A 746 9.05 25.85 47.19
N THR A 747 8.98 25.69 45.87
CA THR A 747 9.09 24.36 45.27
C THR A 747 10.15 24.35 44.17
N PHE A 748 10.79 23.21 43.99
CA PHE A 748 11.79 23.07 42.93
C PHE A 748 11.66 21.72 42.25
N ALA A 749 11.88 21.69 40.93
CA ALA A 749 11.79 20.46 40.16
C ALA A 749 12.62 20.52 38.88
N TYR A 750 13.31 19.43 38.58
CA TYR A 750 14.20 19.37 37.43
C TYR A 750 14.25 17.96 36.85
N ASN A 751 14.27 17.85 35.53
CA ASN A 751 14.40 16.56 34.86
C ASN A 751 15.28 16.63 33.62
N ARG A 752 16.11 15.61 33.43
CA ARG A 752 17.01 15.55 32.29
C ARG A 752 17.18 14.09 31.86
N VAL A 753 16.61 13.75 30.71
CA VAL A 753 16.70 12.39 30.19
C VAL A 753 17.75 12.33 29.07
N ARG A 754 18.51 11.24 29.04
CA ARG A 754 19.47 11.02 27.97
C ARG A 754 19.33 9.62 27.38
N VAL A 755 19.50 9.53 26.06
CA VAL A 755 19.46 8.25 25.37
C VAL A 755 20.86 7.68 25.22
N ARG A 756 21.00 6.39 25.51
CA ARG A 756 22.30 5.72 25.42
C ARG A 756 22.33 4.70 24.28
N ASP A 757 22.52 3.42 24.62
CA ASP A 757 22.65 2.37 23.63
C ASP A 757 21.34 2.05 22.91
N ILE A 758 21.41 1.91 21.58
CA ILE A 758 20.29 1.44 20.77
C ILE A 758 20.73 0.28 19.89
N LYS A 759 20.47 -0.94 20.33
CA LYS A 759 20.85 -2.13 19.56
C LYS A 759 19.67 -2.81 18.89
N LYS A 760 19.82 -3.11 17.60
CA LYS A 760 18.80 -3.82 16.84
C LYS A 760 19.13 -5.31 16.77
N ARG A 761 18.10 -6.15 16.81
CA ARG A 761 18.30 -7.59 16.75
C ARG A 761 18.88 -8.04 15.41
N ALA A 762 19.79 -9.00 15.45
CA ALA A 762 20.47 -9.48 14.25
C ALA A 762 19.55 -10.32 13.35
N ASP A 763 18.42 -10.75 13.88
CA ASP A 763 17.46 -11.54 13.11
C ASP A 763 16.29 -10.69 12.60
N ARG A 764 16.52 -9.40 12.41
CA ARG A 764 15.49 -8.49 11.93
C ARG A 764 16.08 -7.49 10.93
N THR A 765 15.25 -6.98 10.02
CA THR A 765 15.69 -5.92 9.10
C THR A 765 14.55 -4.96 8.71
N ASP A 766 14.89 -3.99 7.88
CA ASP A 766 14.00 -2.89 7.52
C ASP A 766 13.56 -2.15 8.77
N ILE A 767 14.44 -2.16 9.77
CA ILE A 767 14.15 -1.61 11.07
C ILE A 767 14.60 -0.16 11.22
N GLN A 768 13.65 0.76 11.16
CA GLN A 768 13.90 2.14 11.55
C GLN A 768 14.38 2.05 12.98
N SER A 769 15.48 2.73 13.30
CA SER A 769 16.06 2.64 14.63
C SER A 769 15.08 3.05 15.72
N HIS A 770 15.21 4.26 16.25
CA HIS A 770 14.24 4.73 17.22
C HIS A 770 14.34 6.23 17.39
N LEU A 771 13.32 6.94 16.91
CA LEU A 771 13.27 8.38 17.10
C LEU A 771 12.64 8.65 18.47
N PHE A 772 13.41 9.28 19.34
CA PHE A 772 12.91 9.61 20.67
C PHE A 772 12.25 10.98 20.69
N ASP A 773 11.28 11.17 19.81
CA ASP A 773 10.53 12.41 19.78
C ASP A 773 9.61 12.52 20.99
N ALA A 774 9.38 11.40 21.67
CA ALA A 774 8.53 11.37 22.84
C ALA A 774 9.12 12.13 24.03
N ILE A 775 10.44 12.09 24.15
CA ILE A 775 11.13 12.69 25.30
C ILE A 775 10.83 14.17 25.46
N GLN A 776 10.21 14.53 26.59
CA GLN A 776 9.97 15.92 26.90
C GLN A 776 11.31 16.58 27.18
N PRO A 777 11.56 17.74 26.57
CA PRO A 777 12.84 18.46 26.72
C PRO A 777 13.14 18.77 28.17
N SER A 778 14.42 18.83 28.52
CA SER A 778 14.84 19.13 29.88
C SER A 778 14.18 20.41 30.38
N ARG A 779 13.62 20.34 31.58
CA ARG A 779 12.84 21.43 32.12
C ARG A 779 13.20 21.73 33.58
N TYR A 780 13.21 23.02 33.93
CA TYR A 780 13.30 23.45 35.32
C TYR A 780 11.94 24.06 35.67
N VAL A 781 11.45 23.79 36.88
CA VAL A 781 10.27 24.49 37.37
C VAL A 781 10.35 24.80 38.86
N VAL A 782 10.57 26.08 39.16
CA VAL A 782 10.69 26.55 40.53
C VAL A 782 9.41 27.26 40.96
N GLY A 783 9.18 27.31 42.26
CA GLY A 783 7.96 27.90 42.77
C GLY A 783 8.16 28.77 44.00
N LEU A 784 7.35 29.81 44.11
CA LEU A 784 7.34 30.67 45.27
C LEU A 784 5.91 31.09 45.59
N GLY A 785 5.47 30.81 46.80
CA GLY A 785 4.10 31.11 47.19
C GLY A 785 3.90 31.24 48.69
N TYR A 786 2.83 31.90 49.09
CA TYR A 786 2.51 32.10 50.50
C TYR A 786 1.12 31.58 50.85
N ASP A 787 1.05 30.65 51.80
CA ASP A 787 -0.23 30.23 52.34
C ASP A 787 -0.42 30.81 53.73
N GLN A 788 -1.56 31.47 53.94
CA GLN A 788 -1.90 31.97 55.27
C GLN A 788 -2.20 30.79 56.19
N PRO A 789 -1.53 30.74 57.35
CA PRO A 789 -1.71 29.65 58.31
C PRO A 789 -3.17 29.48 58.71
N GLU A 790 -3.91 30.58 58.71
CA GLU A 790 -5.33 30.56 59.04
C GLU A 790 -6.11 29.73 58.01
N GLY A 791 -5.64 29.74 56.78
CA GLY A 791 -6.26 28.98 55.70
C GLY A 791 -7.40 29.74 55.04
N LYS A 792 -7.28 31.06 54.98
CA LYS A 792 -8.33 31.87 54.38
C LYS A 792 -7.95 32.35 52.98
N TRP A 793 -6.67 32.66 52.78
CA TRP A 793 -6.19 33.11 51.48
C TRP A 793 -4.76 32.65 51.21
N GLY A 794 -4.33 32.77 49.96
CA GLY A 794 -2.99 32.36 49.56
C GLY A 794 -2.57 32.87 48.19
N VAL A 795 -1.27 32.88 47.95
CA VAL A 795 -0.67 33.37 46.71
C VAL A 795 0.39 32.37 46.26
N ASN A 796 0.53 32.21 44.94
CA ASN A 796 1.53 31.32 44.39
C ASN A 796 2.13 31.83 43.09
N GLY A 797 3.45 31.71 42.96
CA GLY A 797 4.14 32.07 41.73
C GLY A 797 4.95 30.91 41.19
N MET A 798 4.77 30.62 39.90
CA MET A 798 5.46 29.50 39.28
C MET A 798 6.30 29.94 38.08
N LEU A 799 7.58 29.58 38.09
CA LEU A 799 8.46 29.82 36.96
C LEU A 799 8.88 28.52 36.30
N THR A 800 8.60 28.39 35.00
CA THR A 800 8.96 27.19 34.26
C THR A 800 9.92 27.53 33.14
N TYR A 801 11.01 26.76 33.04
CA TYR A 801 12.00 26.98 32.00
C TYR A 801 12.37 25.65 31.33
N SER A 802 12.10 25.55 30.03
CA SER A 802 12.45 24.34 29.31
C SER A 802 13.57 24.59 28.32
N LYS A 803 14.47 23.62 28.21
CA LYS A 803 15.54 23.66 27.24
C LYS A 803 14.99 23.47 25.83
N ALA A 804 15.87 23.46 24.85
CA ALA A 804 15.49 23.19 23.47
C ALA A 804 15.37 21.68 23.25
N LYS A 805 14.68 21.29 22.19
CA LYS A 805 14.59 19.88 21.81
C LYS A 805 15.91 19.41 21.19
N GLU A 806 16.51 18.39 21.79
CA GLU A 806 17.78 17.85 21.31
C GLU A 806 17.63 17.20 19.94
N ILE A 807 18.43 17.64 18.98
CA ILE A 807 18.34 17.15 17.60
C ILE A 807 18.74 15.68 17.48
N THR A 808 19.54 15.19 18.43
CA THR A 808 19.94 13.79 18.44
C THR A 808 18.78 12.86 18.78
N GLU A 809 17.79 13.39 19.50
CA GLU A 809 16.65 12.60 19.94
C GLU A 809 15.63 12.38 18.82
N LEU A 810 15.75 13.12 17.73
CA LEU A 810 14.83 12.96 16.62
C LEU A 810 15.53 12.62 15.30
N LEU A 811 16.78 12.20 15.39
CA LEU A 811 17.53 11.71 14.24
C LEU A 811 17.73 10.20 14.33
N GLY A 812 17.99 9.57 13.19
CA GLY A 812 18.19 8.14 13.15
C GLY A 812 18.34 7.60 11.74
N SER A 813 18.45 6.29 11.61
CA SER A 813 18.57 5.65 10.31
C SER A 813 17.74 4.39 10.26
N ARG A 814 17.46 3.92 9.05
N ARG A 814 17.46 3.92 9.05
CA ARG A 814 16.72 2.67 8.86
CA ARG A 814 16.72 2.68 8.88
C ARG A 814 17.66 1.57 8.41
C ARG A 814 17.66 1.57 8.41
N ALA A 815 17.80 0.53 9.22
CA ALA A 815 18.70 -0.56 8.91
C ALA A 815 18.19 -1.40 7.75
N LEU A 816 19.10 -1.70 6.82
CA LEU A 816 18.80 -2.54 5.69
C LEU A 816 19.82 -3.67 5.65
N LEU A 817 19.98 -4.30 4.49
CA LEU A 817 21.02 -5.30 4.31
C LEU A 817 22.05 -4.81 3.30
N ASN A 818 23.33 -5.13 3.50
CA ASN A 818 23.80 -5.87 4.66
C ASN A 818 24.38 -4.90 5.68
N GLY A 819 25.12 -3.92 5.16
CA GLY A 819 25.59 -2.82 5.96
C GLY A 819 24.92 -1.54 5.49
N ASN A 820 23.95 -1.69 4.58
CA ASN A 820 23.22 -0.56 4.03
C ASN A 820 22.26 0.07 5.03
N SER A 821 21.97 1.35 4.82
CA SER A 821 21.01 2.07 5.65
C SER A 821 20.57 3.37 4.97
N ARG A 822 19.59 4.02 5.57
CA ARG A 822 19.14 5.33 5.10
C ARG A 822 18.85 6.22 6.30
N ASN A 823 19.48 7.39 6.33
CA ASN A 823 19.27 8.32 7.44
C ASN A 823 17.89 8.96 7.36
N THR A 824 17.21 9.03 8.50
CA THR A 824 15.88 9.61 8.56
C THR A 824 15.70 10.50 9.78
N LYS A 825 14.79 11.47 9.65
CA LYS A 825 14.48 12.37 10.75
C LYS A 825 13.03 12.20 11.20
N ALA A 826 12.74 12.55 12.44
CA ALA A 826 11.38 12.40 12.98
C ALA A 826 10.51 13.59 12.62
N THR A 827 11.04 14.79 12.82
CA THR A 827 10.32 16.01 12.47
C THR A 827 11.18 16.85 11.54
N ALA A 828 10.56 17.85 10.92
CA ALA A 828 11.29 18.77 10.05
C ALA A 828 11.85 19.93 10.86
N ARG A 829 11.35 20.10 12.08
CA ARG A 829 11.73 21.22 12.92
C ARG A 829 11.87 20.78 14.38
N ARG A 830 12.65 21.55 15.14
CA ARG A 830 12.81 21.34 16.57
C ARG A 830 12.51 22.64 17.31
N THR A 831 12.22 22.55 18.60
CA THR A 831 11.75 23.72 19.34
C THR A 831 12.87 24.47 20.06
N ARG A 832 12.63 25.74 20.35
CA ARG A 832 13.58 26.59 21.05
C ARG A 832 13.32 26.61 22.56
N PRO A 833 14.31 27.08 23.36
CA PRO A 833 14.07 27.24 24.80
C PRO A 833 13.02 28.30 25.10
N TRP A 834 12.36 28.18 26.24
CA TRP A 834 11.39 29.19 26.66
C TRP A 834 11.17 29.15 28.17
N TYR A 835 10.71 30.29 28.71
CA TYR A 835 10.38 30.38 30.12
C TYR A 835 9.07 31.15 30.30
N ILE A 836 8.23 30.70 31.22
CA ILE A 836 7.00 31.40 31.52
C ILE A 836 6.78 31.52 33.01
N VAL A 837 6.00 32.53 33.41
CA VAL A 837 5.62 32.66 34.82
C VAL A 837 4.11 32.63 34.99
N ASP A 838 3.65 31.85 35.95
CA ASP A 838 2.25 31.79 36.30
C ASP A 838 2.07 32.35 37.72
N VAL A 839 1.00 33.11 37.91
CA VAL A 839 0.69 33.65 39.23
C VAL A 839 -0.76 33.34 39.58
N SER A 840 -0.95 32.65 40.69
CA SER A 840 -2.30 32.29 41.13
C SER A 840 -2.55 32.70 42.58
N GLY A 841 -3.82 32.84 42.93
CA GLY A 841 -4.21 33.20 44.29
C GLY A 841 -5.61 32.75 44.62
N TYR A 842 -5.91 32.65 45.91
CA TYR A 842 -7.23 32.23 46.34
C TYR A 842 -7.70 32.97 47.59
N TYR A 843 -8.96 32.73 47.96
CA TYR A 843 -9.57 33.37 49.10
C TYR A 843 -10.84 32.61 49.46
N THR A 844 -10.98 32.22 50.71
CA THR A 844 -12.18 31.52 51.16
C THR A 844 -12.91 32.34 52.22
N VAL A 845 -14.22 32.09 52.36
CA VAL A 845 -15.02 32.77 53.37
C VAL A 845 -15.53 31.75 54.40
N LYS A 846 -14.58 31.05 55.02
CA LYS A 846 -14.86 30.06 56.06
C LYS A 846 -15.77 28.93 55.60
N LYS A 847 -15.15 27.86 55.09
CA LYS A 847 -15.86 26.62 54.71
C LYS A 847 -16.84 26.75 53.55
N HIS A 848 -17.40 27.95 53.32
CA HIS A 848 -18.39 28.12 52.27
C HIS A 848 -17.78 28.49 50.92
N PHE A 849 -17.90 29.76 50.57
CA PHE A 849 -17.37 30.27 49.32
C PHE A 849 -15.84 30.25 49.34
N THR A 850 -15.25 29.95 48.20
CA THR A 850 -13.80 30.08 48.02
C THR A 850 -13.46 30.39 46.56
N LEU A 851 -12.87 31.57 46.33
CA LEU A 851 -12.62 32.08 45.00
C LEU A 851 -11.19 31.79 44.55
N ARG A 852 -11.03 31.52 43.26
CA ARG A 852 -9.69 31.27 42.70
C ARG A 852 -9.46 32.06 41.41
N ALA A 853 -8.20 32.43 41.19
CA ALA A 853 -7.82 33.19 40.02
C ALA A 853 -6.35 32.96 39.69
N GLY A 854 -6.08 32.67 38.42
CA GLY A 854 -4.71 32.46 37.97
C GLY A 854 -4.45 33.16 36.66
N VAL A 855 -3.34 33.89 36.60
CA VAL A 855 -2.87 34.47 35.35
C VAL A 855 -1.70 33.65 34.85
N TYR A 856 -1.86 33.00 33.70
CA TYR A 856 -0.85 32.10 33.19
C TYR A 856 -0.09 32.73 32.03
N ASN A 857 1.23 32.52 32.03
CA ASN A 857 2.14 33.22 31.12
C ASN A 857 1.99 34.73 31.28
N LEU A 858 2.26 35.23 32.49
CA LEU A 858 2.08 36.64 32.83
C LEU A 858 2.83 37.53 31.85
N LEU A 859 4.12 37.28 31.70
CA LEU A 859 4.88 37.87 30.62
C LEU A 859 4.40 37.20 29.34
N ASN A 860 3.82 37.99 28.45
CA ASN A 860 3.22 37.46 27.22
C ASN A 860 4.25 36.80 26.31
N TYR A 861 4.90 35.74 26.79
CA TYR A 861 5.99 35.12 26.04
C TYR A 861 5.46 34.30 24.87
N ARG A 862 5.91 34.65 23.67
CA ARG A 862 5.53 33.92 22.48
C ARG A 862 6.51 32.78 22.23
N TYR A 863 6.01 31.56 22.32
CA TYR A 863 6.85 30.39 22.13
C TYR A 863 6.06 29.22 21.54
N VAL A 864 6.79 28.22 21.06
CA VAL A 864 6.16 27.02 20.52
C VAL A 864 6.62 25.80 21.32
N THR A 865 5.66 25.10 21.90
CA THR A 865 5.97 23.92 22.71
C THR A 865 6.35 22.73 21.82
N TRP A 866 7.21 21.86 22.33
CA TRP A 866 7.62 20.68 21.58
C TRP A 866 6.50 19.66 21.45
N GLU A 867 5.74 19.50 22.53
CA GLU A 867 4.61 18.58 22.57
C GLU A 867 3.62 18.89 21.45
N ASN A 868 3.59 20.15 21.03
CA ASN A 868 2.78 20.56 19.90
C ASN A 868 3.42 20.17 18.57
N VAL A 869 4.70 20.52 18.40
CA VAL A 869 5.42 20.21 17.17
C VAL A 869 5.48 18.71 16.92
N ARG A 870 5.38 17.93 17.99
CA ARG A 870 5.42 16.48 17.90
C ARG A 870 4.38 15.95 16.93
N GLN A 871 3.23 16.63 16.86
CA GLN A 871 2.14 16.25 15.97
C GLN A 871 2.56 16.15 14.49
N THR A 872 3.65 16.80 14.12
CA THR A 872 4.14 16.76 12.75
C THR A 872 5.04 15.56 12.48
N ALA A 873 5.46 14.88 13.53
CA ALA A 873 6.44 13.80 13.42
C ALA A 873 5.92 12.61 12.63
N GLY A 874 6.81 11.91 11.96
CA GLY A 874 6.47 10.65 11.35
C GLY A 874 6.32 9.61 12.45
N GLY A 875 5.09 9.11 12.63
CA GLY A 875 4.83 8.14 13.67
C GLY A 875 3.81 8.62 14.68
N ALA A 876 3.59 9.93 14.70
CA ALA A 876 2.57 10.53 15.55
C ALA A 876 1.19 9.99 15.20
N VAL A 877 0.38 9.74 16.22
CA VAL A 877 -1.02 9.41 15.99
C VAL A 877 -1.70 10.57 15.28
N ASN A 878 -2.30 10.28 14.12
CA ASN A 878 -2.93 11.30 13.27
C ASN A 878 -2.01 12.45 12.91
N GLN A 879 -0.79 12.09 12.50
CA GLN A 879 0.25 13.05 12.09
C GLN A 879 -0.27 14.15 11.18
N HIS A 880 0.12 15.40 11.48
CA HIS A 880 -0.18 16.53 10.62
C HIS A 880 0.77 16.56 9.43
N LYS A 881 0.20 16.74 8.24
CA LYS A 881 0.98 16.97 7.02
C LYS A 881 0.10 17.71 6.01
N ASN A 882 0.70 18.58 5.20
CA ASN A 882 2.13 18.87 5.26
C ASN A 882 2.40 20.32 5.65
N VAL A 883 2.99 20.49 6.82
CA VAL A 883 3.34 21.80 7.33
C VAL A 883 4.73 22.17 6.82
N GLY A 884 4.86 23.32 6.18
CA GLY A 884 3.78 24.29 6.06
C GLY A 884 4.21 25.57 6.76
N VAL A 885 3.53 25.89 7.86
CA VAL A 885 3.89 27.02 8.70
C VAL A 885 3.69 26.60 10.15
N TYR A 886 4.72 26.78 10.98
CA TYR A 886 4.67 26.26 12.34
C TYR A 886 4.09 27.24 13.35
N ASN A 887 3.58 28.36 12.86
CA ASN A 887 2.92 29.36 13.70
C ASN A 887 1.78 28.76 14.50
N ARG A 888 1.04 27.84 13.88
CA ARG A 888 -0.17 27.30 14.47
C ARG A 888 0.10 26.50 15.74
N TYR A 889 1.34 26.06 15.93
CA TYR A 889 1.69 25.27 17.11
C TYR A 889 2.14 26.14 18.27
N ALA A 890 1.95 27.45 18.16
CA ALA A 890 2.33 28.38 19.21
C ALA A 890 1.50 28.15 20.47
N ALA A 891 2.15 28.23 21.62
CA ALA A 891 1.49 28.08 22.91
C ALA A 891 0.66 29.32 23.21
N PRO A 892 -0.27 29.21 24.19
CA PRO A 892 -1.05 30.42 24.49
C PRO A 892 -0.26 31.48 25.24
N GLY A 893 -0.50 32.74 24.92
CA GLY A 893 0.07 33.85 25.67
C GLY A 893 -0.61 34.01 27.03
N ARG A 894 -0.67 35.25 27.51
CA ARG A 894 -1.29 35.52 28.81
C ARG A 894 -2.76 35.10 28.79
N ASN A 895 -3.15 34.29 29.78
CA ASN A 895 -4.52 33.79 29.88
C ASN A 895 -4.99 33.69 31.33
N TYR A 896 -6.30 33.80 31.54
CA TYR A 896 -6.84 33.81 32.90
C TYR A 896 -7.80 32.65 33.13
N THR A 897 -7.78 32.09 34.33
CA THR A 897 -8.80 31.12 34.75
C THR A 897 -9.39 31.50 36.12
N PHE A 898 -10.68 31.23 36.30
CA PHE A 898 -11.38 31.58 37.53
C PHE A 898 -12.25 30.42 38.01
N SER A 899 -12.11 30.06 39.28
CA SER A 899 -12.89 28.95 39.84
C SER A 899 -13.67 29.37 41.08
N LEU A 900 -14.93 28.97 41.14
CA LEU A 900 -15.77 29.22 42.30
C LEU A 900 -16.23 27.92 42.96
N GLU A 901 -15.70 27.63 44.14
CA GLU A 901 -16.06 26.42 44.88
C GLU A 901 -16.99 26.73 46.05
N TYR A 902 -18.12 26.03 46.12
CA TYR A 902 -19.06 26.17 47.24
C TYR A 902 -19.16 24.86 48.00
N LYS A 903 -19.10 24.93 49.33
CA LYS A 903 -19.52 23.80 50.15
C LYS A 903 -20.83 24.15 50.83
N PHE A 904 -21.66 23.15 51.07
CA PHE A 904 -22.94 23.35 51.75
C PHE A 904 -23.32 22.12 52.56
N LYS B 23 31.88 -19.02 -50.91
CA LYS B 23 30.83 -19.26 -49.94
C LYS B 23 30.26 -20.68 -50.08
N THR B 24 30.92 -21.64 -49.45
CA THR B 24 30.50 -23.03 -49.54
C THR B 24 29.79 -23.50 -48.27
N VAL B 25 28.71 -24.25 -48.45
CA VAL B 25 27.92 -24.70 -47.30
C VAL B 25 28.08 -26.19 -47.04
N ARG B 26 28.87 -26.53 -46.03
CA ARG B 26 29.14 -27.93 -45.70
C ARG B 26 28.10 -28.48 -44.72
N TRP B 27 27.50 -29.62 -45.03
CA TRP B 27 26.61 -30.26 -44.05
C TRP B 27 27.42 -31.14 -43.07
N CYS B 28 26.86 -32.29 -42.70
CA CYS B 28 27.41 -33.16 -41.65
C CYS B 28 26.39 -34.27 -41.43
N ALA B 29 26.85 -35.51 -41.40
CA ALA B 29 25.93 -36.62 -41.23
C ALA B 29 26.46 -37.62 -40.21
N VAL B 30 25.55 -38.19 -39.41
CA VAL B 30 25.99 -39.09 -38.36
C VAL B 30 26.27 -40.50 -38.88
N SER B 31 25.24 -41.17 -39.40
CA SER B 31 25.41 -42.53 -39.89
C SER B 31 26.05 -42.55 -41.28
N GLU B 32 26.69 -43.67 -41.60
CA GLU B 32 27.34 -43.83 -42.90
C GLU B 32 26.30 -43.98 -44.01
N HIS B 33 25.06 -44.24 -43.62
CA HIS B 33 23.97 -44.40 -44.57
C HIS B 33 23.54 -43.07 -45.16
N GLU B 34 23.46 -42.05 -44.31
CA GLU B 34 23.04 -40.72 -44.77
C GLU B 34 24.18 -39.95 -45.43
N ALA B 35 25.39 -40.51 -45.37
CA ALA B 35 26.51 -39.95 -46.09
C ALA B 35 26.28 -40.10 -47.59
N THR B 36 25.72 -41.24 -47.98
CA THR B 36 25.35 -41.48 -49.37
C THR B 36 24.07 -40.72 -49.70
N LYS B 37 23.23 -40.49 -48.69
CA LYS B 37 22.00 -39.73 -48.88
C LYS B 37 22.32 -38.25 -49.09
N CYS B 38 23.48 -37.83 -48.57
CA CYS B 38 23.93 -36.46 -48.70
C CYS B 38 24.43 -36.16 -50.11
N GLN B 39 24.55 -37.20 -50.94
CA GLN B 39 24.93 -37.04 -52.34
C GLN B 39 23.76 -37.42 -53.25
N SER B 40 23.26 -36.49 -54.08
CA SER B 40 23.78 -35.13 -54.24
C SER B 40 23.64 -34.25 -52.99
N PHE B 41 24.60 -33.37 -52.69
CA PHE B 41 25.85 -33.08 -53.44
C PHE B 41 25.68 -32.50 -54.86
N ARG B 42 26.41 -33.04 -55.82
CA ARG B 42 26.44 -32.48 -57.17
C ARG B 42 25.73 -33.38 -58.19
N ASP B 43 25.13 -34.46 -57.72
CA ASP B 43 24.38 -35.36 -58.58
C ASP B 43 23.02 -34.77 -58.94
N HIS B 44 21.97 -35.19 -58.23
CA HIS B 44 20.62 -34.69 -58.48
C HIS B 44 20.37 -33.35 -57.79
N MET B 45 21.40 -32.51 -57.70
CA MET B 45 21.24 -31.18 -57.12
C MET B 45 21.98 -30.12 -57.94
N LYS B 46 22.77 -30.56 -58.90
CA LYS B 46 23.48 -29.63 -59.79
C LYS B 46 22.50 -28.96 -60.75
N SER B 47 21.62 -28.13 -60.21
CA SER B 47 20.64 -27.41 -61.02
C SER B 47 20.75 -25.90 -60.82
N VAL B 48 21.08 -25.21 -61.91
CA VAL B 48 21.23 -23.74 -61.90
C VAL B 48 22.22 -23.27 -60.83
N ILE B 49 23.48 -23.60 -61.01
CA ILE B 49 24.54 -23.16 -60.10
C ILE B 49 25.28 -21.96 -60.69
N PRO B 50 25.19 -20.81 -60.02
CA PRO B 50 25.88 -19.58 -60.45
C PRO B 50 27.40 -19.72 -60.34
N SER B 51 27.99 -19.01 -59.38
CA SER B 51 29.43 -19.07 -59.18
C SER B 51 29.75 -19.61 -57.79
N ASP B 52 29.76 -18.72 -56.80
CA ASP B 52 30.02 -19.11 -55.42
C ASP B 52 28.78 -18.88 -54.55
N GLY B 53 27.87 -19.85 -54.52
CA GLY B 53 26.65 -19.72 -53.75
C GLY B 53 26.09 -21.04 -53.26
N PRO B 54 25.06 -21.56 -53.94
CA PRO B 54 24.28 -22.73 -53.50
C PRO B 54 25.05 -24.05 -53.63
N SER B 55 26.01 -24.26 -52.73
CA SER B 55 26.80 -25.49 -52.74
C SER B 55 26.52 -26.30 -51.48
N VAL B 56 26.52 -27.62 -51.63
CA VAL B 56 26.28 -28.51 -50.49
C VAL B 56 27.28 -29.67 -50.45
N ALA B 57 28.08 -29.70 -49.39
CA ALA B 57 29.09 -30.74 -49.22
C ALA B 57 28.71 -31.69 -48.08
N CYS B 58 29.42 -32.81 -48.00
CA CYS B 58 29.16 -33.80 -46.95
C CYS B 58 30.35 -33.97 -46.02
N VAL B 59 30.07 -34.02 -44.72
CA VAL B 59 31.09 -34.23 -43.71
C VAL B 59 30.66 -35.37 -42.79
N LYS B 60 31.58 -36.29 -42.51
CA LYS B 60 31.27 -37.46 -41.71
C LYS B 60 31.76 -37.36 -40.27
N LYS B 61 30.85 -37.58 -39.33
CA LYS B 61 31.19 -37.63 -37.91
C LYS B 61 30.47 -38.80 -37.25
N ALA B 62 30.94 -39.20 -36.08
CA ALA B 62 30.37 -40.36 -35.38
C ALA B 62 29.01 -40.06 -34.74
N SER B 63 29.04 -39.35 -33.62
CA SER B 63 27.82 -39.04 -32.88
C SER B 63 27.27 -37.65 -33.24
N TYR B 64 26.08 -37.35 -32.74
CA TYR B 64 25.44 -36.06 -32.97
C TYR B 64 26.25 -34.93 -32.36
N LEU B 65 26.92 -35.22 -31.24
CA LEU B 65 27.79 -34.24 -30.59
C LEU B 65 28.92 -33.81 -31.50
N ASP B 66 29.53 -34.79 -32.17
CA ASP B 66 30.67 -34.54 -33.06
C ASP B 66 30.31 -33.56 -34.17
N CYS B 67 29.04 -33.54 -34.56
CA CYS B 67 28.57 -32.63 -35.60
C CYS B 67 28.56 -31.19 -35.11
N ILE B 68 27.95 -30.95 -33.96
CA ILE B 68 27.93 -29.61 -33.37
C ILE B 68 29.34 -29.18 -32.98
N ARG B 69 30.14 -30.12 -32.49
CA ARG B 69 31.54 -29.84 -32.16
C ARG B 69 32.33 -29.48 -33.43
N ALA B 70 31.88 -30.01 -34.57
CA ALA B 70 32.51 -29.71 -35.85
C ALA B 70 32.10 -28.33 -36.34
N ILE B 71 30.81 -28.02 -36.23
CA ILE B 71 30.32 -26.71 -36.61
C ILE B 71 30.93 -25.64 -35.70
N ALA B 72 31.34 -26.08 -34.51
CA ALA B 72 32.06 -25.22 -33.58
C ALA B 72 33.36 -24.73 -34.21
N ALA B 73 33.98 -25.60 -35.01
CA ALA B 73 35.19 -25.23 -35.76
C ALA B 73 34.80 -24.55 -37.06
N ASN B 74 34.94 -25.26 -38.17
CA ASN B 74 34.51 -24.76 -39.47
C ASN B 74 34.38 -25.85 -40.53
N GLU B 75 34.68 -27.09 -40.16
CA GLU B 75 34.60 -28.21 -41.09
C GLU B 75 33.17 -28.74 -41.20
N ALA B 76 32.22 -27.96 -40.69
CA ALA B 76 30.81 -28.30 -40.78
C ALA B 76 30.00 -27.03 -40.58
N ASP B 77 28.82 -26.94 -41.19
CA ASP B 77 28.03 -25.72 -41.15
C ASP B 77 26.57 -25.93 -40.72
N ALA B 78 25.97 -27.01 -41.22
CA ALA B 78 24.54 -27.25 -40.99
C ALA B 78 24.24 -28.67 -40.54
N VAL B 79 23.59 -28.82 -39.39
CA VAL B 79 23.06 -30.11 -38.96
C VAL B 79 21.65 -29.90 -38.43
N THR B 80 20.75 -30.81 -38.78
CA THR B 80 19.40 -30.77 -38.26
C THR B 80 19.31 -31.61 -36.97
N LEU B 81 18.71 -31.03 -35.94
CA LEU B 81 18.70 -31.66 -34.62
C LEU B 81 17.31 -31.69 -33.99
N ASP B 82 17.09 -32.68 -33.12
CA ASP B 82 15.89 -32.70 -32.29
C ASP B 82 16.07 -31.66 -31.18
N ALA B 83 14.98 -31.30 -30.53
CA ALA B 83 14.99 -30.24 -29.51
C ALA B 83 16.05 -30.45 -28.42
N GLY B 84 16.20 -31.70 -27.98
CA GLY B 84 17.15 -32.02 -26.94
C GLY B 84 18.57 -31.61 -27.30
N LEU B 85 18.91 -31.79 -28.58
CA LEU B 85 20.24 -31.46 -29.08
C LEU B 85 20.34 -29.99 -29.48
N VAL B 86 19.19 -29.37 -29.77
CA VAL B 86 19.16 -27.94 -30.05
C VAL B 86 19.56 -27.21 -28.79
N TYR B 87 19.16 -27.76 -27.64
CA TYR B 87 19.56 -27.22 -26.34
C TYR B 87 21.04 -27.50 -26.09
N ASP B 88 21.50 -28.68 -26.47
CA ASP B 88 22.90 -29.05 -26.32
C ASP B 88 23.78 -28.17 -27.20
N ALA B 89 23.32 -27.93 -28.43
CA ALA B 89 24.06 -27.13 -29.39
C ALA B 89 24.14 -25.67 -28.99
N TYR B 90 23.17 -25.20 -28.22
CA TYR B 90 23.17 -23.82 -27.75
C TYR B 90 24.20 -23.60 -26.66
N LEU B 91 24.45 -24.65 -25.88
CA LEU B 91 25.33 -24.56 -24.72
C LEU B 91 26.77 -24.23 -25.10
N ALA B 92 27.48 -23.59 -24.17
CA ALA B 92 28.88 -23.24 -24.35
C ALA B 92 29.73 -24.50 -24.47
N PRO B 93 30.92 -24.40 -25.09
CA PRO B 93 31.52 -23.21 -25.72
C PRO B 93 31.01 -23.00 -27.13
N ASN B 94 30.39 -24.03 -27.69
CA ASN B 94 29.98 -24.04 -29.08
C ASN B 94 28.56 -23.50 -29.30
N ASN B 95 28.36 -22.23 -28.99
CA ASN B 95 27.03 -21.61 -29.10
C ASN B 95 26.45 -21.64 -30.51
N LEU B 96 25.42 -22.47 -30.69
CA LEU B 96 24.78 -22.62 -31.99
C LEU B 96 23.34 -22.09 -31.97
N LYS B 97 22.96 -21.39 -33.04
CA LYS B 97 21.65 -20.77 -33.15
C LYS B 97 20.79 -21.43 -34.22
N PRO B 98 19.50 -21.64 -33.91
CA PRO B 98 18.56 -22.21 -34.88
C PRO B 98 18.26 -21.22 -36.02
N VAL B 99 18.17 -21.72 -37.25
CA VAL B 99 17.94 -20.87 -38.41
C VAL B 99 16.81 -21.37 -39.31
N VAL B 100 16.66 -22.70 -39.40
CA VAL B 100 15.67 -23.29 -40.30
C VAL B 100 14.90 -24.42 -39.63
N ALA B 101 13.60 -24.49 -39.87
CA ALA B 101 12.76 -25.51 -39.24
C ALA B 101 11.97 -26.32 -40.28
N GLU B 102 11.72 -27.58 -39.94
CA GLU B 102 10.88 -28.45 -40.78
C GLU B 102 9.42 -28.30 -40.41
N PHE B 103 8.65 -27.61 -41.25
CA PHE B 103 7.22 -27.50 -41.03
C PHE B 103 6.52 -28.75 -41.54
N TYR B 104 5.48 -29.19 -40.84
CA TYR B 104 4.70 -30.35 -41.26
C TYR B 104 3.27 -29.92 -41.55
N GLY B 105 2.52 -30.74 -42.27
CA GLY B 105 1.15 -30.41 -42.61
C GLY B 105 1.05 -29.23 -43.56
N SER B 106 -0.05 -28.48 -43.45
CA SER B 106 -0.31 -27.36 -44.35
C SER B 106 0.59 -26.15 -44.08
N LYS B 107 0.48 -25.15 -44.94
CA LYS B 107 1.19 -23.89 -44.73
C LYS B 107 0.39 -23.01 -43.77
N GLU B 108 -0.93 -23.11 -43.85
CA GLU B 108 -1.82 -22.39 -42.95
C GLU B 108 -1.82 -23.06 -41.58
N ASP B 109 -1.50 -24.34 -41.56
CA ASP B 109 -1.35 -25.09 -40.32
C ASP B 109 -0.05 -25.88 -40.34
N PRO B 110 1.09 -25.20 -40.11
CA PRO B 110 2.40 -25.86 -40.09
C PRO B 110 2.71 -26.46 -38.71
N GLN B 111 2.92 -27.76 -38.67
CA GLN B 111 3.24 -28.42 -37.41
C GLN B 111 4.73 -28.31 -37.12
N THR B 112 5.22 -27.08 -37.06
CA THR B 112 6.61 -26.82 -36.77
C THR B 112 6.93 -27.26 -35.35
N PHE B 113 5.98 -27.04 -34.45
CA PHE B 113 6.13 -27.43 -33.06
C PHE B 113 5.03 -28.41 -32.69
N TYR B 114 5.33 -29.31 -31.74
CA TYR B 114 4.28 -30.08 -31.11
C TYR B 114 4.11 -29.63 -29.66
N TYR B 115 3.11 -30.18 -28.98
CA TYR B 115 2.81 -29.80 -27.62
C TYR B 115 2.84 -30.98 -26.66
N ALA B 116 3.64 -30.86 -25.61
CA ALA B 116 3.67 -31.87 -24.55
C ALA B 116 2.45 -31.60 -23.68
N VAL B 117 1.77 -32.66 -23.31
CA VAL B 117 0.43 -32.54 -22.76
C VAL B 117 0.19 -33.59 -21.66
N ALA B 118 -0.65 -33.25 -20.69
CA ALA B 118 -1.01 -34.20 -19.64
C ALA B 118 -2.49 -34.55 -19.74
N VAL B 119 -2.80 -35.78 -20.17
CA VAL B 119 -4.19 -36.17 -20.38
C VAL B 119 -4.74 -36.92 -19.18
N VAL B 120 -5.95 -36.52 -18.77
CA VAL B 120 -6.61 -37.10 -17.62
C VAL B 120 -8.07 -37.38 -17.93
N LYS B 121 -8.70 -38.25 -17.14
CA LYS B 121 -10.12 -38.48 -17.26
C LYS B 121 -10.90 -37.31 -16.66
N LYS B 122 -12.04 -36.98 -17.27
CA LYS B 122 -12.84 -35.85 -16.84
C LYS B 122 -13.29 -35.97 -15.38
N ASP B 123 -13.16 -34.87 -14.64
CA ASP B 123 -13.58 -34.77 -13.24
C ASP B 123 -12.86 -35.74 -12.30
N SER B 124 -11.64 -36.14 -12.66
CA SER B 124 -10.88 -37.08 -11.83
C SER B 124 -10.39 -36.50 -10.50
N GLY B 125 -10.61 -35.20 -10.30
CA GLY B 125 -10.47 -34.60 -8.98
C GLY B 125 -9.11 -34.11 -8.55
N PHE B 126 -8.15 -34.01 -9.47
CA PHE B 126 -6.83 -33.55 -9.09
C PHE B 126 -6.22 -32.59 -10.10
N GLN B 127 -5.33 -31.72 -9.62
CA GLN B 127 -4.65 -30.78 -10.48
C GLN B 127 -3.17 -31.10 -10.60
N MET B 128 -2.47 -30.32 -11.43
CA MET B 128 -1.06 -30.53 -11.72
C MET B 128 -0.19 -30.60 -10.48
N ASN B 129 -0.54 -29.83 -9.45
CA ASN B 129 0.23 -29.83 -8.22
C ASN B 129 -0.21 -30.92 -7.24
N GLN B 130 -1.07 -31.82 -7.71
CA GLN B 130 -1.54 -32.91 -6.88
C GLN B 130 -1.21 -34.24 -7.53
N LEU B 131 -0.15 -34.27 -8.31
CA LEU B 131 0.25 -35.49 -9.00
C LEU B 131 0.86 -36.51 -8.06
N ARG B 132 1.37 -36.06 -6.93
CA ARG B 132 2.02 -36.97 -5.99
C ARG B 132 1.05 -38.04 -5.50
N GLY B 133 1.48 -39.30 -5.57
CA GLY B 133 0.66 -40.40 -5.12
C GLY B 133 -0.32 -40.91 -6.17
N LYS B 134 -0.32 -40.29 -7.33
CA LYS B 134 -1.18 -40.73 -8.42
C LYS B 134 -0.41 -41.71 -9.30
N LYS B 135 -1.10 -42.32 -10.26
CA LYS B 135 -0.48 -43.30 -11.14
C LYS B 135 -0.28 -42.74 -12.55
N SER B 136 0.91 -42.94 -13.12
CA SER B 136 1.28 -42.26 -14.35
C SER B 136 1.52 -43.19 -15.54
N CYS B 137 1.28 -42.68 -16.74
CA CYS B 137 1.50 -43.43 -17.97
C CYS B 137 2.43 -42.64 -18.90
N HIS B 138 3.60 -43.19 -19.20
CA HIS B 138 4.58 -42.52 -20.05
C HIS B 138 4.78 -43.23 -21.39
N THR B 139 5.23 -42.48 -22.40
CA THR B 139 5.46 -43.06 -23.73
C THR B 139 6.71 -43.94 -23.73
N GLY B 140 7.66 -43.60 -22.87
CA GLY B 140 8.88 -44.37 -22.76
C GLY B 140 9.93 -43.57 -22.04
N LEU B 141 10.81 -44.26 -21.31
CA LEU B 141 11.90 -43.62 -20.60
C LEU B 141 12.79 -42.83 -21.54
N GLY B 142 13.09 -41.59 -21.18
CA GLY B 142 14.00 -40.77 -21.96
C GLY B 142 13.35 -40.03 -23.12
N ARG B 143 12.11 -40.36 -23.42
CA ARG B 143 11.40 -39.67 -24.50
C ARG B 143 10.99 -38.26 -24.09
N SER B 144 10.75 -37.41 -25.07
CA SER B 144 10.57 -35.97 -24.83
C SER B 144 9.26 -35.64 -24.11
N ALA B 145 8.14 -35.84 -24.80
CA ALA B 145 6.84 -35.50 -24.27
C ALA B 145 6.38 -36.45 -23.16
N GLY B 146 6.79 -37.71 -23.26
CA GLY B 146 6.39 -38.72 -22.31
C GLY B 146 7.25 -38.86 -21.07
N TRP B 147 8.46 -38.31 -21.11
CA TRP B 147 9.38 -38.46 -19.97
C TRP B 147 10.12 -37.19 -19.58
N ASN B 148 11.05 -36.73 -20.43
CA ASN B 148 11.92 -35.60 -20.10
C ASN B 148 11.18 -34.34 -19.64
N ILE B 149 10.21 -33.91 -20.43
CA ILE B 149 9.46 -32.69 -20.10
C ILE B 149 8.68 -32.76 -18.78
N PRO B 150 7.81 -33.77 -18.61
CA PRO B 150 7.06 -33.80 -17.34
C PRO B 150 7.94 -34.08 -16.12
N ILE B 151 8.90 -35.00 -16.24
CA ILE B 151 9.79 -35.28 -15.11
C ILE B 151 10.70 -34.10 -14.83
N GLY B 152 11.13 -33.42 -15.89
CA GLY B 152 11.96 -32.24 -15.74
C GLY B 152 11.20 -31.14 -15.02
N LEU B 153 9.94 -30.97 -15.39
CA LEU B 153 9.11 -29.95 -14.77
C LEU B 153 8.78 -30.30 -13.32
N LEU B 154 8.82 -31.59 -13.00
CA LEU B 154 8.49 -32.07 -11.66
C LEU B 154 9.73 -32.26 -10.79
N TYR B 155 10.90 -32.06 -11.37
CA TYR B 155 12.16 -32.47 -10.76
C TYR B 155 12.35 -32.07 -9.30
N CYS B 156 11.99 -30.83 -8.96
CA CYS B 156 12.18 -30.34 -7.60
C CYS B 156 11.21 -30.96 -6.59
N ASP B 157 9.98 -31.20 -7.03
CA ASP B 157 8.95 -31.79 -6.17
C ASP B 157 9.25 -33.25 -5.86
N LEU B 158 10.15 -33.86 -6.62
CA LEU B 158 10.52 -35.26 -6.42
C LEU B 158 11.16 -35.46 -5.06
N PRO B 159 11.07 -36.69 -4.50
CA PRO B 159 11.67 -36.97 -3.20
C PRO B 159 13.18 -37.24 -3.28
N GLU B 160 13.95 -36.51 -2.47
CA GLU B 160 15.40 -36.71 -2.40
C GLU B 160 15.70 -38.10 -1.86
N PRO B 161 16.76 -38.75 -2.37
CA PRO B 161 17.68 -38.25 -3.40
C PRO B 161 17.11 -38.32 -4.81
N ARG B 162 17.32 -37.27 -5.59
CA ARG B 162 16.78 -37.18 -6.94
C ARG B 162 17.70 -37.86 -7.96
N LYS B 163 18.66 -38.63 -7.45
CA LYS B 163 19.55 -39.43 -8.26
C LYS B 163 19.74 -40.79 -7.59
N PRO B 164 19.41 -41.88 -8.30
CA PRO B 164 18.95 -41.94 -9.70
C PRO B 164 17.51 -41.43 -9.90
N LEU B 165 17.23 -40.96 -11.10
CA LEU B 165 15.96 -40.31 -11.41
C LEU B 165 14.79 -41.28 -11.41
N GLU B 166 15.02 -42.48 -11.94
CA GLU B 166 13.97 -43.49 -12.03
C GLU B 166 13.37 -43.87 -10.69
N LYS B 167 14.23 -44.09 -9.69
CA LYS B 167 13.77 -44.44 -8.36
C LYS B 167 12.99 -43.29 -7.73
N ALA B 168 13.37 -42.06 -8.09
CA ALA B 168 12.70 -40.88 -7.55
C ALA B 168 11.28 -40.76 -8.09
N VAL B 169 11.15 -40.90 -9.41
CA VAL B 169 9.85 -40.84 -10.06
C VAL B 169 8.96 -41.98 -9.54
N ALA B 170 9.56 -43.15 -9.39
CA ALA B 170 8.84 -44.32 -8.89
C ALA B 170 8.24 -44.09 -7.50
N ASN B 171 8.95 -43.35 -6.65
CA ASN B 171 8.46 -43.07 -5.31
C ASN B 171 7.67 -41.77 -5.20
N PHE B 172 7.44 -41.12 -6.34
CA PHE B 172 6.60 -39.94 -6.40
C PHE B 172 5.21 -40.32 -6.87
N PHE B 173 5.15 -41.26 -7.81
CA PHE B 173 3.88 -41.80 -8.26
C PHE B 173 3.61 -43.10 -7.52
N SER B 174 2.38 -43.57 -7.55
CA SER B 174 2.00 -44.78 -6.84
C SER B 174 1.90 -45.99 -7.76
N GLY B 175 2.75 -46.01 -8.79
CA GLY B 175 2.70 -47.07 -9.78
C GLY B 175 2.63 -46.49 -11.17
N SER B 176 3.56 -46.89 -12.03
CA SER B 176 3.67 -46.28 -13.35
C SER B 176 3.98 -47.29 -14.44
N CYS B 177 3.65 -46.94 -15.68
CA CYS B 177 4.08 -47.68 -16.84
C CYS B 177 5.09 -46.85 -17.61
N ALA B 178 6.37 -47.10 -17.36
CA ALA B 178 7.43 -46.40 -18.06
C ALA B 178 8.20 -47.39 -18.94
N PRO B 179 7.70 -47.60 -20.17
CA PRO B 179 8.33 -48.58 -21.08
C PRO B 179 9.78 -48.23 -21.40
N CYS B 180 10.53 -49.23 -21.86
CA CYS B 180 11.95 -49.11 -22.16
C CYS B 180 12.82 -48.91 -20.93
N ALA B 181 12.21 -48.96 -19.75
CA ALA B 181 12.96 -48.85 -18.49
C ALA B 181 13.25 -50.23 -17.90
N ASP B 182 14.14 -50.26 -16.91
CA ASP B 182 14.58 -51.52 -16.32
C ASP B 182 13.60 -52.02 -15.26
N GLY B 183 12.91 -53.11 -15.58
CA GLY B 183 11.88 -53.65 -14.70
C GLY B 183 12.37 -54.22 -13.39
N THR B 184 13.64 -54.60 -13.35
CA THR B 184 14.21 -55.23 -12.16
C THR B 184 14.70 -54.21 -11.15
N ASP B 185 15.48 -53.25 -11.61
CA ASP B 185 16.01 -52.21 -10.73
C ASP B 185 14.93 -51.26 -10.25
N PHE B 186 14.00 -50.94 -11.15
CA PHE B 186 12.91 -50.02 -10.84
C PHE B 186 11.56 -50.68 -11.12
N PRO B 187 11.09 -51.51 -10.19
CA PRO B 187 9.87 -52.30 -10.37
C PRO B 187 8.61 -51.44 -10.51
N GLN B 188 8.49 -50.41 -9.66
CA GLN B 188 7.31 -49.56 -9.64
C GLN B 188 7.06 -48.88 -10.98
N LEU B 189 8.13 -48.63 -11.72
CA LEU B 189 8.03 -47.97 -13.01
C LEU B 189 7.48 -48.91 -14.08
N CYS B 190 7.17 -50.13 -13.68
CA CYS B 190 6.58 -51.13 -14.58
C CYS B 190 5.33 -51.74 -13.97
N GLN B 191 4.85 -51.15 -12.88
CA GLN B 191 3.70 -51.68 -12.15
C GLN B 191 2.43 -51.75 -13.00
N LEU B 192 2.28 -50.81 -13.92
CA LEU B 192 1.11 -50.75 -14.79
C LEU B 192 1.34 -51.51 -16.09
N CYS B 193 2.60 -51.80 -16.40
CA CYS B 193 2.95 -52.63 -17.55
C CYS B 193 4.19 -53.47 -17.25
N PRO B 194 3.97 -54.68 -16.72
CA PRO B 194 5.05 -55.59 -16.30
C PRO B 194 6.06 -55.87 -17.40
N GLY B 195 7.32 -55.53 -17.15
CA GLY B 195 8.39 -55.82 -18.09
C GLY B 195 8.93 -54.58 -18.79
N CYS B 196 8.06 -53.60 -19.00
CA CYS B 196 8.41 -52.38 -19.75
C CYS B 196 8.83 -52.72 -21.17
N GLY B 197 7.90 -53.25 -21.96
CA GLY B 197 8.17 -53.60 -23.33
C GLY B 197 8.58 -52.39 -24.15
N CYS B 198 9.66 -52.51 -24.90
CA CYS B 198 10.14 -51.41 -25.72
C CYS B 198 9.70 -51.60 -27.17
N SER B 199 8.55 -52.24 -27.36
CA SER B 199 8.02 -52.48 -28.69
C SER B 199 6.49 -52.46 -28.68
N THR B 200 5.91 -52.71 -29.85
CA THR B 200 4.45 -52.75 -30.00
C THR B 200 3.88 -53.96 -29.26
N LEU B 201 4.73 -54.91 -28.90
CA LEU B 201 4.30 -56.07 -28.13
C LEU B 201 3.70 -55.64 -26.79
N ASN B 202 4.27 -54.59 -26.21
CA ASN B 202 3.71 -53.97 -25.02
C ASN B 202 2.48 -53.14 -25.38
N GLN B 203 1.35 -53.49 -24.79
CA GLN B 203 0.08 -52.83 -25.08
C GLN B 203 0.11 -51.34 -24.76
N TYR B 204 0.97 -50.95 -23.83
CA TYR B 204 1.05 -49.57 -23.36
C TYR B 204 2.31 -48.84 -23.84
N PHE B 205 2.69 -49.04 -25.09
CA PHE B 205 3.91 -48.43 -25.63
C PHE B 205 3.61 -47.26 -26.56
N GLY B 206 4.41 -46.20 -26.44
CA GLY B 206 4.31 -45.08 -27.36
C GLY B 206 3.21 -44.11 -27.01
N TYR B 207 2.86 -43.24 -27.96
CA TYR B 207 1.83 -42.25 -27.73
C TYR B 207 0.49 -42.93 -27.48
N SER B 208 0.10 -43.77 -28.42
CA SER B 208 -1.18 -44.47 -28.34
C SER B 208 -1.19 -45.45 -27.16
N GLY B 209 -0.04 -46.02 -26.86
CA GLY B 209 0.07 -46.98 -25.77
C GLY B 209 -0.11 -46.34 -24.40
N ALA B 210 0.54 -45.21 -24.21
CA ALA B 210 0.42 -44.47 -22.95
C ALA B 210 -1.02 -44.01 -22.74
N PHE B 211 -1.67 -43.59 -23.82
CA PHE B 211 -3.05 -43.14 -23.73
C PHE B 211 -3.99 -44.28 -23.34
N LYS B 212 -3.72 -45.47 -23.86
CA LYS B 212 -4.51 -46.64 -23.53
C LYS B 212 -4.42 -46.94 -22.03
N CYS B 213 -3.22 -46.75 -21.47
CA CYS B 213 -2.97 -46.95 -20.04
C CYS B 213 -3.87 -46.05 -19.19
N LEU B 214 -4.24 -44.91 -19.76
CA LEU B 214 -5.18 -44.02 -19.12
C LEU B 214 -6.63 -44.45 -19.39
N LYS B 215 -6.94 -44.67 -20.66
CA LYS B 215 -8.28 -45.06 -21.09
C LYS B 215 -8.80 -46.32 -20.37
N ASP B 216 -7.91 -47.26 -20.09
CA ASP B 216 -8.29 -48.48 -19.38
C ASP B 216 -8.46 -48.25 -17.88
N GLY B 217 -7.81 -47.23 -17.36
CA GLY B 217 -7.87 -46.91 -15.95
C GLY B 217 -6.67 -47.41 -15.16
N ALA B 218 -5.64 -47.84 -15.88
CA ALA B 218 -4.42 -48.32 -15.24
C ALA B 218 -3.72 -47.17 -14.52
N GLY B 219 -3.74 -46.00 -15.14
CA GLY B 219 -3.15 -44.81 -14.56
C GLY B 219 -4.16 -43.66 -14.51
N ASP B 220 -3.76 -42.57 -13.85
CA ASP B 220 -4.64 -41.41 -13.70
C ASP B 220 -4.22 -40.26 -14.62
N VAL B 221 -3.00 -40.33 -15.13
CA VAL B 221 -2.49 -39.29 -16.02
C VAL B 221 -1.53 -39.86 -17.07
N ALA B 222 -1.71 -39.42 -18.32
CA ALA B 222 -0.85 -39.87 -19.42
C ALA B 222 -0.10 -38.70 -20.03
N PHE B 223 1.22 -38.84 -20.12
CA PHE B 223 2.05 -37.80 -20.71
C PHE B 223 2.36 -38.09 -22.19
N VAL B 224 1.66 -37.37 -23.07
CA VAL B 224 1.76 -37.63 -24.51
C VAL B 224 1.74 -36.33 -25.30
N LYS B 225 1.72 -36.45 -26.62
CA LYS B 225 1.60 -35.30 -27.51
C LYS B 225 0.13 -34.88 -27.66
N HIS B 226 -0.08 -33.59 -27.91
CA HIS B 226 -1.42 -33.00 -28.06
C HIS B 226 -2.29 -33.77 -29.04
N SER B 227 -1.67 -34.27 -30.11
CA SER B 227 -2.36 -34.92 -31.20
C SER B 227 -2.84 -36.32 -30.85
N THR B 228 -2.21 -36.92 -29.84
CA THR B 228 -2.43 -38.33 -29.50
C THR B 228 -3.90 -38.72 -29.29
N ILE B 229 -4.61 -37.98 -28.45
CA ILE B 229 -6.01 -38.29 -28.17
C ILE B 229 -6.90 -38.15 -29.41
N PHE B 230 -6.56 -37.23 -30.30
CA PHE B 230 -7.35 -37.06 -31.52
C PHE B 230 -7.04 -38.17 -32.52
N GLU B 231 -5.97 -38.92 -32.26
CA GLU B 231 -5.55 -39.98 -33.16
C GLU B 231 -5.94 -41.36 -32.64
N ASN B 232 -6.53 -41.40 -31.45
CA ASN B 232 -6.96 -42.66 -30.85
C ASN B 232 -8.43 -42.64 -30.50
N LEU B 233 -9.01 -41.46 -30.56
CA LEU B 233 -10.42 -41.25 -30.27
C LEU B 233 -11.02 -40.35 -31.35
N ALA B 234 -11.66 -40.96 -32.33
CA ALA B 234 -12.18 -40.21 -33.47
C ALA B 234 -13.42 -39.39 -33.13
N ASN B 235 -14.12 -39.80 -32.06
CA ASN B 235 -15.37 -39.15 -31.67
C ASN B 235 -15.16 -37.95 -30.75
N LYS B 236 -16.02 -36.95 -30.91
CA LYS B 236 -16.01 -35.77 -30.05
C LYS B 236 -16.48 -36.14 -28.64
N ALA B 237 -17.55 -36.92 -28.57
CA ALA B 237 -18.13 -37.32 -27.30
C ALA B 237 -17.20 -38.25 -26.52
N ASP B 238 -16.42 -39.03 -27.25
CA ASP B 238 -15.43 -39.90 -26.61
C ASP B 238 -14.34 -39.08 -25.94
N ARG B 239 -13.82 -38.08 -26.66
CA ARG B 239 -12.75 -37.24 -26.14
C ARG B 239 -13.28 -36.22 -25.14
N ASP B 240 -14.60 -36.02 -25.13
CA ASP B 240 -15.23 -35.15 -24.14
C ASP B 240 -15.12 -35.74 -22.74
N GLN B 241 -14.78 -37.02 -22.66
CA GLN B 241 -14.61 -37.71 -21.38
C GLN B 241 -13.19 -37.52 -20.84
N TYR B 242 -12.42 -36.65 -21.48
CA TYR B 242 -11.04 -36.41 -21.08
C TYR B 242 -10.75 -34.92 -20.96
N GLU B 243 -9.72 -34.60 -20.19
CA GLU B 243 -9.30 -33.22 -19.97
C GLU B 243 -7.79 -33.09 -20.00
N LEU B 244 -7.32 -31.87 -19.84
CA LEU B 244 -5.88 -31.60 -19.78
C LEU B 244 -5.54 -30.88 -18.48
N LEU B 245 -4.38 -31.21 -17.93
CA LEU B 245 -3.87 -30.46 -16.78
C LEU B 245 -3.05 -29.27 -17.27
N CYS B 246 -3.37 -28.09 -16.78
CA CYS B 246 -2.58 -26.90 -17.08
C CYS B 246 -1.64 -26.58 -15.92
N LEU B 247 -0.54 -25.89 -16.21
CA LEU B 247 0.46 -25.57 -15.20
C LEU B 247 -0.04 -24.66 -14.09
N ASP B 248 -1.11 -23.92 -14.37
CA ASP B 248 -1.67 -22.99 -13.40
C ASP B 248 -2.66 -23.67 -12.45
N ASN B 249 -2.62 -25.00 -12.43
CA ASN B 249 -3.49 -25.81 -11.59
C ASN B 249 -4.99 -25.69 -11.92
N THR B 250 -5.31 -25.71 -13.20
CA THR B 250 -6.69 -25.83 -13.67
C THR B 250 -6.74 -26.90 -14.76
N ARG B 251 -7.95 -27.26 -15.17
CA ARG B 251 -8.12 -28.17 -16.28
C ARG B 251 -8.77 -27.47 -17.47
N LYS B 252 -8.50 -28.00 -18.67
CA LYS B 252 -9.15 -27.52 -19.88
C LYS B 252 -9.41 -28.71 -20.81
N PRO B 253 -10.47 -28.61 -21.64
CA PRO B 253 -10.79 -29.65 -22.62
C PRO B 253 -9.62 -29.95 -23.56
N VAL B 254 -9.57 -31.17 -24.10
CA VAL B 254 -8.41 -31.62 -24.86
C VAL B 254 -8.18 -30.87 -26.16
N ASP B 255 -9.16 -30.09 -26.59
CA ASP B 255 -9.02 -29.34 -27.84
C ASP B 255 -8.44 -27.96 -27.59
N GLU B 256 -8.09 -27.69 -26.34
CA GLU B 256 -7.49 -26.40 -25.98
C GLU B 256 -6.06 -26.59 -25.50
N TYR B 257 -5.34 -27.49 -26.17
CA TYR B 257 -3.96 -27.78 -25.80
C TYR B 257 -3.03 -26.57 -25.96
N LYS B 258 -3.38 -25.67 -26.86
CA LYS B 258 -2.55 -24.50 -27.12
C LYS B 258 -2.52 -23.57 -25.91
N ASP B 259 -3.55 -23.65 -25.07
CA ASP B 259 -3.62 -22.85 -23.87
C ASP B 259 -3.46 -23.71 -22.62
N CYS B 260 -3.10 -24.98 -22.81
CA CYS B 260 -3.03 -25.90 -21.69
C CYS B 260 -2.07 -27.06 -21.95
N HIS B 261 -0.78 -26.77 -21.95
CA HIS B 261 0.24 -27.78 -22.23
C HIS B 261 1.41 -27.67 -21.27
N LEU B 262 2.16 -28.76 -21.10
CA LEU B 262 3.35 -28.73 -20.25
C LEU B 262 4.45 -27.92 -20.91
N ALA B 263 4.60 -28.08 -22.23
CA ALA B 263 5.64 -27.38 -22.97
C ALA B 263 5.40 -27.43 -24.47
N GLN B 264 5.87 -26.41 -25.16
CA GLN B 264 5.87 -26.41 -26.62
C GLN B 264 7.25 -26.80 -27.08
N VAL B 265 7.34 -27.67 -28.08
CA VAL B 265 8.62 -28.22 -28.51
C VAL B 265 8.77 -28.25 -30.03
N PRO B 266 9.93 -27.76 -30.53
CA PRO B 266 10.25 -27.83 -31.95
C PRO B 266 10.63 -29.25 -32.37
N SER B 267 9.98 -29.76 -33.41
CA SER B 267 10.22 -31.13 -33.86
C SER B 267 11.65 -31.30 -34.37
N HIS B 268 11.88 -30.89 -35.61
CA HIS B 268 13.21 -30.99 -36.22
C HIS B 268 13.73 -29.63 -36.67
N THR B 269 14.86 -29.23 -36.09
CA THR B 269 15.42 -27.91 -36.31
C THR B 269 16.86 -27.98 -36.81
N VAL B 270 17.13 -27.33 -37.94
CA VAL B 270 18.52 -27.21 -38.42
C VAL B 270 19.15 -25.98 -37.77
N VAL B 271 20.42 -26.13 -37.38
CA VAL B 271 21.07 -25.12 -36.54
C VAL B 271 22.49 -24.78 -36.98
N ALA B 272 22.76 -23.48 -37.12
CA ALA B 272 24.08 -23.00 -37.54
C ALA B 272 24.89 -22.47 -36.37
N ARG B 273 26.12 -22.06 -36.64
CA ARG B 273 27.07 -21.66 -35.59
C ARG B 273 26.90 -20.23 -35.07
N SER B 274 25.65 -19.77 -34.98
CA SER B 274 25.33 -18.46 -34.41
C SER B 274 26.01 -17.29 -35.12
N MET B 275 26.72 -16.47 -34.36
CA MET B 275 27.43 -15.32 -34.91
C MET B 275 28.82 -15.71 -35.41
N GLY B 276 28.90 -16.06 -36.69
CA GLY B 276 30.13 -16.56 -37.27
C GLY B 276 29.87 -17.85 -38.02
N GLY B 277 29.11 -17.75 -39.10
CA GLY B 277 28.73 -18.91 -39.89
C GLY B 277 27.55 -18.59 -40.78
N LYS B 278 27.58 -19.11 -42.00
CA LYS B 278 26.52 -18.85 -42.98
C LYS B 278 25.16 -19.28 -42.46
N GLU B 279 24.21 -18.36 -42.48
CA GLU B 279 22.84 -18.65 -42.05
C GLU B 279 21.85 -18.33 -43.18
N ASP B 280 22.01 -17.16 -43.77
CA ASP B 280 21.15 -16.73 -44.86
C ASP B 280 21.43 -17.56 -46.11
N LEU B 281 22.64 -18.10 -46.19
CA LEU B 281 23.02 -18.96 -47.31
C LEU B 281 22.43 -20.34 -47.14
N ILE B 282 22.29 -20.77 -45.89
CA ILE B 282 21.67 -22.06 -45.60
C ILE B 282 20.20 -22.05 -45.99
N TRP B 283 19.51 -20.95 -45.70
CA TRP B 283 18.11 -20.82 -46.09
C TRP B 283 17.97 -20.71 -47.61
N GLU B 284 18.84 -19.92 -48.22
CA GLU B 284 18.85 -19.75 -49.67
C GLU B 284 19.00 -21.11 -50.35
N LEU B 285 19.76 -21.99 -49.72
CA LEU B 285 19.91 -23.36 -50.17
C LEU B 285 18.60 -24.13 -49.99
N LEU B 286 18.22 -24.35 -48.73
CA LEU B 286 17.08 -25.20 -48.38
C LEU B 286 15.77 -24.76 -49.03
N ASN B 287 15.62 -23.46 -49.25
CA ASN B 287 14.43 -22.96 -49.94
C ASN B 287 14.49 -23.29 -51.43
N GLN B 288 15.64 -23.09 -52.03
CA GLN B 288 15.85 -23.46 -53.43
C GLN B 288 15.75 -24.96 -53.56
N ALA B 289 16.17 -25.66 -52.52
CA ALA B 289 16.12 -27.10 -52.48
C ALA B 289 14.70 -27.59 -52.40
N GLN B 290 13.80 -26.74 -51.96
CA GLN B 290 12.41 -27.13 -51.97
C GLN B 290 12.07 -27.01 -53.40
N GLU B 291 11.82 -25.78 -53.82
CA GLU B 291 11.56 -25.48 -55.21
C GLU B 291 11.64 -26.74 -56.03
N HIS B 292 12.71 -26.84 -56.79
CA HIS B 292 12.92 -28.00 -57.61
C HIS B 292 12.58 -29.15 -56.71
N PHE B 293 11.36 -29.64 -56.83
CA PHE B 293 10.90 -30.71 -56.01
C PHE B 293 11.89 -31.83 -56.13
N GLY B 294 12.95 -31.59 -56.87
CA GLY B 294 14.10 -32.44 -56.77
C GLY B 294 14.27 -32.45 -55.29
N LYS B 295 13.62 -31.46 -54.67
CA LYS B 295 13.42 -31.35 -53.24
C LYS B 295 12.68 -32.59 -52.80
N ASP B 296 11.36 -32.57 -52.86
CA ASP B 296 10.65 -33.77 -52.49
C ASP B 296 9.14 -33.71 -52.54
N LYS B 297 8.62 -33.49 -53.73
CA LYS B 297 7.20 -33.64 -53.99
C LYS B 297 7.03 -33.63 -55.48
N SER B 298 8.12 -34.01 -56.13
CA SER B 298 8.21 -34.29 -57.54
C SER B 298 9.08 -35.51 -57.54
N LYS B 299 9.83 -35.72 -58.61
CA LYS B 299 10.73 -36.84 -58.67
C LYS B 299 12.09 -36.39 -58.24
N GLU B 300 12.95 -37.34 -57.92
CA GLU B 300 14.30 -37.03 -57.46
C GLU B 300 14.31 -35.90 -56.43
N PHE B 301 14.62 -36.26 -55.18
CA PHE B 301 14.76 -37.64 -54.79
C PHE B 301 13.76 -37.75 -53.69
N GLN B 302 12.92 -36.73 -53.60
CA GLN B 302 12.20 -36.45 -52.39
C GLN B 302 13.29 -36.39 -51.34
N LEU B 303 13.55 -35.20 -50.82
CA LEU B 303 14.66 -34.97 -49.91
C LEU B 303 14.42 -35.73 -48.64
N PHE B 304 13.16 -35.83 -48.28
CA PHE B 304 12.77 -36.28 -46.97
C PHE B 304 12.88 -37.79 -46.71
N SER B 305 12.52 -38.58 -47.70
CA SER B 305 12.59 -40.04 -47.63
C SER B 305 13.93 -40.57 -48.14
N SER B 306 14.37 -41.69 -47.58
CA SER B 306 15.64 -42.29 -47.97
C SER B 306 15.45 -43.72 -48.49
N PRO B 307 16.24 -44.10 -49.51
CA PRO B 307 16.14 -45.44 -50.09
C PRO B 307 16.65 -46.53 -49.14
N HIS B 308 17.56 -46.17 -48.24
CA HIS B 308 18.13 -47.13 -47.29
C HIS B 308 18.04 -46.63 -45.86
N GLY B 309 16.83 -46.55 -45.32
CA GLY B 309 16.61 -46.12 -43.95
C GLY B 309 15.35 -45.29 -43.77
N LYS B 310 15.07 -44.92 -42.52
CA LYS B 310 13.92 -44.08 -42.19
C LYS B 310 14.37 -42.85 -41.41
N ASP B 311 13.90 -41.69 -41.82
CA ASP B 311 14.29 -40.42 -41.22
C ASP B 311 15.83 -40.26 -41.20
N LEU B 312 16.45 -40.50 -42.35
CA LEU B 312 17.90 -40.49 -42.46
C LEU B 312 18.50 -39.10 -42.23
N LEU B 313 18.36 -38.22 -43.22
CA LEU B 313 18.91 -36.88 -43.15
C LEU B 313 17.90 -35.91 -42.56
N PHE B 314 16.65 -35.98 -43.03
CA PHE B 314 15.55 -35.22 -42.46
C PHE B 314 14.42 -36.18 -42.12
N LYS B 315 13.49 -35.74 -41.28
CA LYS B 315 12.33 -36.55 -40.96
C LYS B 315 11.48 -36.78 -42.21
N ASP B 316 11.04 -38.02 -42.41
CA ASP B 316 10.25 -38.38 -43.58
C ASP B 316 8.89 -37.70 -43.61
N SER B 317 8.44 -37.23 -42.45
CA SER B 317 7.12 -36.61 -42.34
C SER B 317 7.13 -35.18 -42.87
N ALA B 318 8.32 -34.66 -43.15
CA ALA B 318 8.49 -33.26 -43.54
C ALA B 318 7.70 -32.86 -44.79
N HIS B 319 7.32 -31.59 -44.85
CA HIS B 319 6.61 -31.03 -46.01
C HIS B 319 7.37 -29.84 -46.57
N GLY B 320 8.54 -29.56 -46.00
CA GLY B 320 9.37 -28.45 -46.43
C GLY B 320 10.00 -27.72 -45.27
N PHE B 321 10.59 -26.56 -45.55
CA PHE B 321 11.32 -25.82 -44.53
C PHE B 321 10.85 -24.37 -44.38
N LEU B 322 11.00 -23.85 -43.17
CA LEU B 322 10.72 -22.45 -42.88
C LEU B 322 11.92 -21.81 -42.21
N LYS B 323 12.12 -20.52 -42.46
CA LYS B 323 13.24 -19.80 -41.86
C LYS B 323 12.89 -19.34 -40.44
N VAL B 324 13.77 -19.64 -39.50
CA VAL B 324 13.61 -19.14 -38.14
C VAL B 324 13.91 -17.65 -38.12
N PRO B 325 12.97 -16.84 -37.59
CA PRO B 325 13.10 -15.38 -37.51
C PRO B 325 14.42 -14.96 -36.86
N PRO B 326 14.94 -13.78 -37.26
CA PRO B 326 16.24 -13.26 -36.84
C PRO B 326 16.41 -13.18 -35.32
N ARG B 327 15.48 -12.49 -34.65
CA ARG B 327 15.60 -12.20 -33.22
C ARG B 327 15.35 -13.42 -32.34
N MET B 328 15.31 -14.59 -32.94
CA MET B 328 15.06 -15.82 -32.20
C MET B 328 16.36 -16.53 -31.82
N ASP B 329 16.66 -16.55 -30.54
CA ASP B 329 17.77 -17.36 -30.02
C ASP B 329 17.22 -18.72 -29.64
N ALA B 330 18.10 -19.61 -29.18
CA ALA B 330 17.71 -20.97 -28.83
C ALA B 330 16.66 -21.04 -27.72
N LYS B 331 16.93 -20.41 -26.58
CA LYS B 331 16.03 -20.51 -25.44
C LYS B 331 14.63 -19.94 -25.75
N MET B 332 14.58 -18.87 -26.55
CA MET B 332 13.30 -18.33 -26.98
C MET B 332 12.63 -19.28 -27.96
N TYR B 333 13.43 -20.11 -28.63
CA TYR B 333 12.89 -21.01 -29.65
C TYR B 333 12.36 -22.29 -29.00
N LEU B 334 13.11 -22.82 -28.05
CA LEU B 334 12.70 -23.99 -27.30
C LEU B 334 11.57 -23.66 -26.32
N GLY B 335 11.61 -22.46 -25.75
CA GLY B 335 10.58 -22.02 -24.82
C GLY B 335 10.98 -22.08 -23.36
N TYR B 336 10.37 -21.22 -22.56
CA TYR B 336 10.66 -21.16 -21.12
C TYR B 336 10.40 -22.51 -20.43
N GLU B 337 9.25 -23.12 -20.72
CA GLU B 337 8.89 -24.40 -20.12
C GLU B 337 9.88 -25.51 -20.44
N TYR B 338 10.21 -25.67 -21.72
CA TYR B 338 11.11 -26.73 -22.15
C TYR B 338 12.51 -26.53 -21.57
N VAL B 339 13.05 -25.34 -21.75
CA VAL B 339 14.37 -25.00 -21.23
C VAL B 339 14.46 -25.27 -19.74
N THR B 340 13.43 -24.86 -19.01
CA THR B 340 13.35 -25.09 -17.57
C THR B 340 13.42 -26.57 -17.24
N ALA B 341 12.66 -27.37 -17.98
CA ALA B 341 12.55 -28.79 -17.71
C ALA B 341 13.87 -29.51 -17.94
N ILE B 342 14.49 -29.24 -19.09
CA ILE B 342 15.73 -29.90 -19.46
C ILE B 342 16.88 -29.48 -18.56
N ARG B 343 16.93 -28.20 -18.23
CA ARG B 343 17.96 -27.65 -17.35
C ARG B 343 17.91 -28.32 -15.99
N ASN B 344 16.70 -28.51 -15.47
CA ASN B 344 16.49 -29.27 -14.24
C ASN B 344 17.03 -30.68 -14.39
N LEU B 345 16.78 -31.27 -15.54
CA LEU B 345 17.12 -32.66 -15.80
C LEU B 345 18.64 -32.87 -15.86
N ARG B 346 19.37 -31.82 -16.23
CA ARG B 346 20.81 -31.92 -16.38
C ARG B 346 21.55 -31.40 -15.15
N GLU B 347 21.37 -30.12 -14.85
CA GLU B 347 22.06 -29.49 -13.74
C GLU B 347 21.61 -30.04 -12.39
N GLY B 348 20.33 -30.41 -12.31
CA GLY B 348 19.79 -31.04 -11.11
C GLY B 348 19.80 -30.13 -9.88
N THR B 349 19.98 -28.84 -10.11
CA THR B 349 20.04 -27.88 -9.01
C THR B 349 18.65 -27.49 -8.50
N CYS B 350 18.33 -27.95 -7.30
CA CYS B 350 17.08 -27.58 -6.64
C CYS B 350 17.36 -27.13 -5.21
N PRO B 351 16.57 -26.18 -4.70
CA PRO B 351 16.71 -25.72 -3.31
C PRO B 351 16.48 -26.84 -2.30
N GLU B 352 17.47 -27.08 -1.43
CA GLU B 352 17.35 -28.09 -0.38
C GLU B 352 16.41 -27.62 0.71
N ALA B 353 16.05 -26.34 0.67
CA ALA B 353 15.06 -25.79 1.59
C ALA B 353 13.92 -25.14 0.80
N PRO B 354 12.98 -25.96 0.32
CA PRO B 354 11.84 -25.49 -0.47
C PRO B 354 10.78 -24.83 0.40
N THR B 355 11.04 -23.61 0.86
CA THR B 355 10.14 -22.90 1.77
C THR B 355 8.78 -22.60 1.15
N ASP B 356 8.69 -22.68 -0.17
CA ASP B 356 7.45 -22.41 -0.90
C ASP B 356 6.93 -21.01 -0.61
N GLU B 357 7.86 -20.06 -0.47
CA GLU B 357 7.51 -18.65 -0.37
C GLU B 357 8.10 -17.92 -1.58
N CYS B 358 7.96 -16.61 -1.63
CA CYS B 358 8.29 -15.86 -2.84
C CYS B 358 9.75 -15.43 -2.93
N LYS B 359 10.41 -15.81 -4.02
CA LYS B 359 11.75 -15.33 -4.30
C LYS B 359 11.68 -13.92 -4.86
N PRO B 360 12.74 -13.11 -4.66
CA PRO B 360 12.81 -11.73 -5.12
C PRO B 360 12.36 -11.52 -6.57
N VAL B 361 11.63 -10.44 -6.81
CA VAL B 361 11.17 -10.10 -8.14
C VAL B 361 12.21 -9.27 -8.87
N LYS B 362 12.66 -9.78 -10.01
CA LYS B 362 13.70 -9.11 -10.79
C LYS B 362 13.07 -8.16 -11.80
N TRP B 363 13.19 -6.86 -11.54
CA TRP B 363 12.62 -5.85 -12.41
C TRP B 363 13.58 -5.53 -13.56
N CYS B 364 13.03 -5.13 -14.71
CA CYS B 364 13.86 -4.82 -15.87
C CYS B 364 13.89 -3.32 -16.19
N ALA B 365 15.09 -2.74 -16.18
CA ALA B 365 15.26 -1.31 -16.42
C ALA B 365 15.71 -1.01 -17.85
N LEU B 366 15.14 0.05 -18.42
CA LEU B 366 15.37 0.40 -19.83
C LEU B 366 16.44 1.45 -20.07
N SER B 367 16.98 2.01 -18.99
CA SER B 367 17.98 3.06 -19.10
C SER B 367 18.79 3.18 -17.81
N HIS B 368 19.78 4.06 -17.81
CA HIS B 368 20.61 4.26 -16.64
C HIS B 368 19.83 4.89 -15.49
N HIS B 369 18.95 5.83 -15.82
CA HIS B 369 18.13 6.49 -14.82
C HIS B 369 17.13 5.52 -14.19
N GLU B 370 16.55 4.65 -15.01
CA GLU B 370 15.65 3.61 -14.52
C GLU B 370 16.40 2.60 -13.67
N ARG B 371 17.63 2.29 -14.07
CA ARG B 371 18.43 1.32 -13.35
C ARG B 371 18.90 1.89 -12.01
N LEU B 372 19.18 3.18 -11.99
CA LEU B 372 19.56 3.87 -10.76
C LEU B 372 18.41 3.83 -9.74
N LYS B 373 17.23 4.24 -10.18
CA LYS B 373 16.04 4.20 -9.34
C LYS B 373 15.73 2.79 -8.87
N CYS B 374 15.84 1.83 -9.78
CA CYS B 374 15.59 0.43 -9.45
C CYS B 374 16.58 -0.05 -8.38
N ASP B 375 17.83 0.37 -8.51
CA ASP B 375 18.86 0.00 -7.53
C ASP B 375 18.52 0.54 -6.14
N GLU B 376 18.06 1.79 -6.09
CA GLU B 376 17.63 2.40 -4.85
C GLU B 376 16.43 1.65 -4.26
N TRP B 377 15.50 1.31 -5.14
CA TRP B 377 14.31 0.55 -4.74
C TRP B 377 14.73 -0.79 -4.14
N SER B 378 15.61 -1.49 -4.85
CA SER B 378 16.11 -2.78 -4.41
C SER B 378 16.71 -2.69 -3.01
N VAL B 379 17.42 -1.60 -2.75
CA VAL B 379 18.04 -1.38 -1.45
C VAL B 379 16.99 -1.16 -0.37
N ASN B 380 16.07 -0.24 -0.62
CA ASN B 380 14.98 0.05 0.32
C ASN B 380 13.99 -1.09 0.50
N SER B 381 13.95 -2.01 -0.44
CA SER B 381 12.98 -3.10 -0.41
C SER B 381 13.56 -4.31 0.31
N VAL B 382 14.72 -4.11 0.92
CA VAL B 382 15.42 -5.15 1.70
C VAL B 382 15.53 -6.49 0.97
N GLY B 383 15.67 -6.42 -0.35
CA GLY B 383 15.94 -7.60 -1.15
C GLY B 383 14.77 -8.13 -1.97
N LYS B 384 13.57 -7.66 -1.67
CA LYS B 384 12.37 -8.18 -2.31
C LYS B 384 12.30 -7.81 -3.79
N ILE B 385 13.03 -6.75 -4.16
CA ILE B 385 13.20 -6.38 -5.55
C ILE B 385 14.69 -6.45 -5.92
N GLU B 386 14.99 -7.00 -7.09
CA GLU B 386 16.34 -6.97 -7.62
C GLU B 386 16.31 -6.30 -8.98
N CYS B 387 17.45 -6.16 -9.63
CA CYS B 387 17.49 -5.40 -10.87
C CYS B 387 18.27 -6.03 -12.01
N VAL B 388 17.70 -5.92 -13.22
CA VAL B 388 18.41 -6.25 -14.45
C VAL B 388 18.17 -5.17 -15.49
N SER B 389 19.18 -4.91 -16.31
CA SER B 389 19.08 -3.87 -17.33
C SER B 389 19.03 -4.50 -18.72
N ALA B 390 18.58 -3.71 -19.68
CA ALA B 390 18.61 -4.10 -21.07
C ALA B 390 18.54 -2.85 -21.92
N GLU B 391 18.97 -2.96 -23.18
CA GLU B 391 19.06 -1.81 -24.07
C GLU B 391 17.68 -1.30 -24.47
N THR B 392 16.79 -2.21 -24.86
CA THR B 392 15.49 -1.82 -25.40
C THR B 392 14.34 -2.46 -24.64
N THR B 393 13.12 -2.00 -24.94
CA THR B 393 11.91 -2.57 -24.35
C THR B 393 11.81 -4.04 -24.70
N GLU B 394 12.00 -4.36 -25.98
CA GLU B 394 11.88 -5.74 -26.46
C GLU B 394 12.94 -6.68 -25.88
N ASP B 395 14.12 -6.17 -25.59
CA ASP B 395 15.16 -6.97 -24.96
C ASP B 395 14.75 -7.37 -23.54
N CYS B 396 14.05 -6.48 -22.86
CA CYS B 396 13.57 -6.74 -21.51
C CYS B 396 12.49 -7.82 -21.52
N ILE B 397 11.52 -7.67 -22.43
CA ILE B 397 10.44 -8.62 -22.58
C ILE B 397 10.99 -10.01 -22.82
N ALA B 398 11.97 -10.11 -23.71
CA ALA B 398 12.65 -11.37 -23.99
C ALA B 398 13.35 -11.91 -22.75
N LYS B 399 13.84 -11.01 -21.90
CA LYS B 399 14.49 -11.40 -20.65
C LYS B 399 13.48 -11.91 -19.63
N ILE B 400 12.27 -11.37 -19.66
CA ILE B 400 11.18 -11.89 -18.83
C ILE B 400 10.71 -13.24 -19.35
N MET B 401 10.65 -13.38 -20.67
CA MET B 401 10.29 -14.65 -21.28
C MET B 401 11.24 -15.77 -20.90
N ASN B 402 12.55 -15.54 -21.05
CA ASN B 402 13.52 -16.59 -20.76
C ASN B 402 13.88 -16.71 -19.29
N GLY B 403 13.44 -15.75 -18.49
CA GLY B 403 13.57 -15.83 -17.06
C GLY B 403 14.70 -15.02 -16.43
N GLU B 404 15.43 -14.27 -17.23
CA GLU B 404 16.51 -13.42 -16.73
C GLU B 404 15.93 -12.22 -15.98
N ALA B 405 14.69 -11.89 -16.29
CA ALA B 405 13.96 -10.84 -15.59
C ALA B 405 12.60 -11.38 -15.16
N ASP B 406 11.90 -10.66 -14.29
CA ASP B 406 10.61 -11.13 -13.80
C ASP B 406 9.45 -10.22 -14.21
N ALA B 407 9.66 -8.92 -14.15
CA ALA B 407 8.55 -7.98 -14.40
C ALA B 407 9.00 -6.62 -14.90
N MET B 408 8.08 -5.91 -15.52
CA MET B 408 8.30 -4.53 -15.94
C MET B 408 6.96 -3.89 -16.30
N SER B 409 6.92 -2.57 -16.36
CA SER B 409 5.69 -1.88 -16.72
C SER B 409 5.66 -1.54 -18.20
N LEU B 410 4.53 -1.77 -18.85
CA LEU B 410 4.42 -1.63 -20.30
C LEU B 410 3.16 -0.88 -20.72
N ASP B 411 3.27 -0.11 -21.79
CA ASP B 411 2.10 0.55 -22.37
C ASP B 411 1.31 -0.46 -23.16
N GLY B 412 0.06 -0.13 -23.47
CA GLY B 412 -0.85 -1.05 -24.14
C GLY B 412 -0.25 -1.74 -25.35
N GLY B 413 0.41 -0.95 -26.19
CA GLY B 413 1.08 -1.49 -27.36
C GLY B 413 2.02 -2.63 -27.01
N PHE B 414 2.91 -2.40 -26.05
CA PHE B 414 3.86 -3.43 -25.66
C PHE B 414 3.26 -4.52 -24.77
N VAL B 415 1.99 -4.36 -24.40
CA VAL B 415 1.27 -5.42 -23.69
C VAL B 415 0.77 -6.43 -24.71
N TYR B 416 0.38 -5.94 -25.89
CA TYR B 416 -0.06 -6.79 -26.98
C TYR B 416 1.03 -7.74 -27.46
N ILE B 417 2.22 -7.20 -27.70
CA ILE B 417 3.34 -8.01 -28.15
C ILE B 417 3.82 -8.96 -27.04
N ALA B 418 3.90 -8.46 -25.81
CA ALA B 418 4.28 -9.31 -24.67
C ALA B 418 3.30 -10.46 -24.46
N GLY B 419 2.02 -10.21 -24.77
CA GLY B 419 0.99 -11.22 -24.66
C GLY B 419 1.09 -12.27 -25.76
N LYS B 420 1.43 -11.82 -26.96
CA LYS B 420 1.70 -12.74 -28.07
C LYS B 420 2.94 -13.57 -27.78
N CYS B 421 3.71 -13.14 -26.78
CA CYS B 421 4.92 -13.86 -26.38
C CYS B 421 4.70 -14.69 -25.11
N GLY B 422 3.46 -14.74 -24.63
CA GLY B 422 3.09 -15.62 -23.55
C GLY B 422 3.14 -15.01 -22.17
N LEU B 423 3.32 -13.69 -22.11
CA LEU B 423 3.32 -12.99 -20.84
C LEU B 423 1.92 -12.50 -20.47
N VAL B 424 1.71 -12.28 -19.18
CA VAL B 424 0.42 -11.80 -18.69
C VAL B 424 0.57 -10.53 -17.88
N PRO B 425 -0.45 -9.67 -17.93
CA PRO B 425 -0.48 -8.49 -17.05
C PRO B 425 -0.95 -8.86 -15.63
N VAL B 426 -0.24 -8.36 -14.62
CA VAL B 426 -0.59 -8.63 -13.22
C VAL B 426 -1.34 -7.45 -12.61
N LEU B 427 -0.80 -6.25 -12.85
CA LEU B 427 -1.30 -5.04 -12.21
C LEU B 427 -1.38 -3.87 -13.20
N ALA B 428 -2.39 -3.04 -13.04
CA ALA B 428 -2.57 -1.87 -13.88
C ALA B 428 -2.22 -0.61 -13.11
N GLU B 429 -1.58 0.33 -13.78
CA GLU B 429 -1.32 1.63 -13.17
C GLU B 429 -2.60 2.44 -13.16
N ASN B 430 -2.93 3.01 -12.00
CA ASN B 430 -4.14 3.79 -11.85
C ASN B 430 -3.84 5.23 -11.51
N TYR B 431 -4.58 6.16 -12.10
CA TYR B 431 -4.30 7.58 -11.95
C TYR B 431 -5.44 8.33 -11.28
N ASN B 432 -6.58 7.67 -11.10
CA ASN B 432 -7.73 8.27 -10.45
C ASN B 432 -7.61 8.28 -8.93
N LYS B 433 -7.90 9.43 -8.34
CA LYS B 433 -7.98 9.53 -6.89
C LYS B 433 -9.31 8.95 -6.42
N SER B 434 -9.25 7.82 -5.73
CA SER B 434 -10.45 7.20 -5.18
C SER B 434 -10.09 6.26 -4.02
N ASP B 435 -11.02 6.10 -3.09
CA ASP B 435 -10.79 5.25 -1.92
C ASP B 435 -10.51 3.80 -2.29
N ASN B 436 -11.11 3.32 -3.37
CA ASN B 436 -10.93 1.93 -3.77
C ASN B 436 -10.05 1.75 -5.00
N CYS B 437 -8.99 2.55 -5.07
CA CYS B 437 -8.13 2.56 -6.25
C CYS B 437 -7.51 1.20 -6.55
N GLU B 438 -7.03 0.53 -5.51
CA GLU B 438 -6.27 -0.70 -5.71
C GLU B 438 -7.14 -1.93 -5.98
N ASP B 439 -8.44 -1.73 -6.01
CA ASP B 439 -9.37 -2.81 -6.30
C ASP B 439 -10.05 -2.63 -7.66
N THR B 440 -9.93 -1.43 -8.22
CA THR B 440 -10.67 -1.09 -9.43
C THR B 440 -9.75 -0.58 -10.57
N PRO B 441 -9.40 -1.46 -11.52
CA PRO B 441 -8.58 -1.12 -12.68
C PRO B 441 -9.26 -0.14 -13.60
N GLU B 442 -8.56 0.93 -13.99
CA GLU B 442 -9.15 1.94 -14.86
C GLU B 442 -9.19 1.46 -16.31
N ALA B 443 -10.17 1.96 -17.06
CA ALA B 443 -10.33 1.55 -18.45
C ALA B 443 -9.18 2.03 -19.35
N GLY B 444 -8.67 3.22 -19.08
CA GLY B 444 -7.56 3.77 -19.84
C GLY B 444 -7.89 5.09 -20.51
N TYR B 445 -7.37 5.30 -21.71
CA TYR B 445 -7.65 6.51 -22.46
C TYR B 445 -8.30 6.26 -23.83
N PHE B 446 -8.37 7.31 -24.64
CA PHE B 446 -8.90 7.20 -26.00
C PHE B 446 -7.90 7.75 -27.01
N ALA B 447 -7.69 7.00 -28.08
CA ALA B 447 -6.90 7.48 -29.20
C ALA B 447 -7.82 8.21 -30.16
N VAL B 448 -7.47 9.44 -30.50
CA VAL B 448 -8.34 10.28 -31.31
C VAL B 448 -7.61 10.91 -32.50
N ALA B 449 -8.40 11.45 -33.43
CA ALA B 449 -7.85 12.17 -34.56
C ALA B 449 -8.25 13.64 -34.48
N VAL B 450 -7.27 14.51 -34.31
CA VAL B 450 -7.55 15.93 -34.10
C VAL B 450 -7.32 16.75 -35.36
N VAL B 451 -8.27 17.63 -35.67
CA VAL B 451 -8.16 18.55 -36.77
C VAL B 451 -8.53 19.95 -36.30
N LYS B 452 -8.20 20.96 -37.10
CA LYS B 452 -8.66 22.32 -36.82
C LYS B 452 -10.10 22.48 -37.29
N LYS B 453 -10.87 23.29 -36.58
CA LYS B 453 -12.24 23.57 -36.98
C LYS B 453 -12.28 24.42 -38.25
N SER B 454 -11.23 25.20 -38.45
CA SER B 454 -11.13 26.06 -39.63
C SER B 454 -10.85 25.28 -40.91
N ALA B 455 -10.27 24.09 -40.76
CA ALA B 455 -9.78 23.33 -41.91
C ALA B 455 -10.85 22.51 -42.62
N SER B 456 -11.99 23.15 -42.92
CA SER B 456 -13.03 22.50 -43.72
C SER B 456 -12.50 22.24 -45.13
N ASP B 457 -12.84 21.09 -45.72
CA ASP B 457 -13.72 20.09 -45.11
C ASP B 457 -12.96 18.79 -44.83
N LEU B 458 -12.89 18.40 -43.57
CA LEU B 458 -12.15 17.22 -43.18
C LEU B 458 -13.05 16.19 -42.52
N THR B 459 -13.01 14.95 -43.03
CA THR B 459 -13.66 13.83 -42.36
C THR B 459 -12.76 12.61 -42.42
N TRP B 460 -13.19 11.54 -41.77
CA TRP B 460 -12.44 10.30 -41.73
C TRP B 460 -12.46 9.60 -43.10
N ASP B 461 -13.41 9.99 -43.95
CA ASP B 461 -13.59 9.34 -45.24
C ASP B 461 -12.62 9.86 -46.30
N ASN B 462 -12.65 11.16 -46.55
CA ASN B 462 -11.76 11.77 -47.53
C ASN B 462 -10.44 12.22 -46.90
N LEU B 463 -9.87 11.35 -46.08
CA LEU B 463 -8.61 11.65 -45.41
C LEU B 463 -7.43 11.45 -46.37
N LYS B 464 -7.67 10.66 -47.42
CA LYS B 464 -6.65 10.37 -48.42
C LYS B 464 -6.21 11.60 -49.20
N GLY B 465 -4.91 11.90 -49.16
CA GLY B 465 -4.37 13.03 -49.88
C GLY B 465 -4.16 14.24 -48.98
N LYS B 466 -4.39 14.06 -47.68
CA LYS B 466 -4.17 15.12 -46.71
C LYS B 466 -2.83 14.88 -46.00
N LYS B 467 -2.31 15.89 -45.32
CA LYS B 467 -1.02 15.78 -44.64
C LYS B 467 -1.17 15.43 -43.15
N SER B 468 -0.59 14.30 -42.74
CA SER B 468 -0.84 13.73 -41.42
C SER B 468 0.23 14.01 -40.39
N CYS B 469 -0.17 14.02 -39.12
CA CYS B 469 0.76 14.22 -38.01
C CYS B 469 0.70 13.06 -37.02
N HIS B 470 1.78 12.30 -36.94
CA HIS B 470 1.84 11.17 -36.03
C HIS B 470 2.91 11.41 -34.97
N THR B 471 2.71 10.83 -33.79
CA THR B 471 3.69 10.91 -32.71
C THR B 471 5.00 10.27 -33.16
N ALA B 472 4.94 8.96 -33.41
CA ALA B 472 6.07 8.22 -33.94
C ALA B 472 5.56 6.88 -34.49
N VAL B 473 6.24 6.37 -35.52
CA VAL B 473 5.81 5.12 -36.13
C VAL B 473 6.06 3.94 -35.22
N GLY B 474 5.02 3.14 -34.99
CA GLY B 474 5.11 2.00 -34.10
C GLY B 474 4.41 2.23 -32.77
N ARG B 475 4.18 3.50 -32.44
CA ARG B 475 3.51 3.86 -31.20
C ARG B 475 2.00 3.60 -31.26
N THR B 476 1.41 3.35 -30.09
CA THR B 476 0.01 2.95 -29.97
C THR B 476 -0.98 3.88 -30.66
N ALA B 477 -1.24 5.03 -30.04
CA ALA B 477 -2.26 5.94 -30.54
C ALA B 477 -1.84 6.68 -31.81
N GLY B 478 -0.56 6.94 -31.94
CA GLY B 478 -0.05 7.73 -33.05
C GLY B 478 0.09 7.00 -34.36
N TRP B 479 0.09 5.67 -34.32
CA TRP B 479 0.34 4.89 -35.52
C TRP B 479 -0.48 3.60 -35.61
N ASN B 480 -0.30 2.70 -34.65
CA ASN B 480 -0.92 1.37 -34.72
C ASN B 480 -2.43 1.40 -34.89
N ILE B 481 -3.11 2.13 -34.03
CA ILE B 481 -4.57 2.24 -34.11
C ILE B 481 -5.08 2.95 -35.38
N PRO B 482 -4.57 4.15 -35.69
CA PRO B 482 -5.11 4.83 -36.88
C PRO B 482 -4.81 4.10 -38.19
N MET B 483 -3.54 3.70 -38.39
CA MET B 483 -3.20 2.90 -39.56
C MET B 483 -3.85 1.54 -39.52
N GLY B 484 -4.24 1.08 -38.33
CA GLY B 484 -4.99 -0.17 -38.19
C GLY B 484 -6.40 -0.12 -38.75
N LEU B 485 -7.06 1.02 -38.51
CA LEU B 485 -8.39 1.26 -39.06
C LEU B 485 -8.31 1.54 -40.56
N LEU B 486 -7.15 2.02 -41.01
CA LEU B 486 -6.94 2.35 -42.41
C LEU B 486 -6.41 1.17 -43.22
N TYR B 487 -5.99 0.10 -42.56
CA TYR B 487 -5.53 -1.09 -43.28
C TYR B 487 -6.73 -1.82 -43.89
N ASN B 488 -7.90 -1.60 -43.29
CA ASN B 488 -9.15 -2.16 -43.82
C ASN B 488 -9.75 -1.31 -44.94
N LYS B 489 -8.93 -0.44 -45.51
CA LYS B 489 -9.34 0.39 -46.64
C LYS B 489 -8.44 0.06 -47.82
N ILE B 490 -7.13 0.12 -47.59
CA ILE B 490 -6.16 -0.16 -48.63
C ILE B 490 -5.10 -1.16 -48.17
N ASN B 491 -5.24 -2.41 -48.61
CA ASN B 491 -4.44 -3.52 -48.11
C ASN B 491 -2.96 -3.47 -48.47
N HIS B 492 -2.24 -2.50 -47.91
CA HIS B 492 -0.80 -2.40 -48.13
C HIS B 492 -0.14 -1.49 -47.10
N CYS B 493 1.10 -1.83 -46.74
CA CYS B 493 1.86 -1.06 -45.77
C CYS B 493 2.56 0.11 -46.45
N ARG B 494 1.84 0.80 -47.33
CA ARG B 494 2.39 1.94 -48.05
C ARG B 494 1.64 3.21 -47.65
N PHE B 495 1.53 3.42 -46.35
CA PHE B 495 0.85 4.60 -45.81
C PHE B 495 1.51 5.88 -46.32
N ASP B 496 2.75 5.75 -46.78
CA ASP B 496 3.46 6.83 -47.44
C ASP B 496 2.67 7.34 -48.65
N GLU B 497 2.00 6.43 -49.36
CA GLU B 497 1.29 6.79 -50.58
C GLU B 497 -0.22 6.94 -50.37
N PHE B 498 -0.66 6.92 -49.11
CA PHE B 498 -2.07 7.20 -48.81
C PHE B 498 -2.27 8.68 -48.51
N PHE B 499 -1.49 9.19 -47.56
CA PHE B 499 -1.52 10.61 -47.25
C PHE B 499 -0.69 11.37 -48.27
N SER B 500 -0.91 12.67 -48.36
CA SER B 500 -0.10 13.54 -49.20
C SER B 500 1.34 13.53 -48.71
N GLU B 501 1.51 13.96 -47.47
CA GLU B 501 2.81 13.98 -46.81
C GLU B 501 2.57 14.01 -45.30
N GLY B 502 3.52 14.53 -44.53
CA GLY B 502 3.33 14.65 -43.11
C GLY B 502 4.58 14.39 -42.28
N CYS B 503 4.37 13.98 -41.03
CA CYS B 503 5.48 13.70 -40.12
C CYS B 503 5.20 12.51 -39.22
N ALA B 504 5.96 11.44 -39.43
CA ALA B 504 5.86 10.25 -38.59
C ALA B 504 7.25 9.79 -38.18
N PRO B 505 7.84 10.44 -37.17
CA PRO B 505 9.20 10.22 -36.67
C PRO B 505 9.59 8.75 -36.56
N GLY B 506 10.64 8.36 -37.28
CA GLY B 506 11.09 6.98 -37.32
C GLY B 506 10.98 6.39 -38.71
N SER B 507 10.23 7.07 -39.58
CA SER B 507 10.04 6.62 -40.95
C SER B 507 11.31 6.83 -41.76
N LYS B 508 11.35 6.26 -42.97
CA LYS B 508 12.50 6.41 -43.86
C LYS B 508 12.72 7.87 -44.22
N LYS B 509 13.97 8.25 -44.39
CA LYS B 509 14.34 9.63 -44.68
C LYS B 509 13.83 10.07 -46.06
N ASP B 510 13.72 9.10 -46.97
CA ASP B 510 13.23 9.38 -48.31
C ASP B 510 11.74 9.12 -48.44
N SER B 511 11.05 9.00 -47.30
CA SER B 511 9.61 8.82 -47.29
C SER B 511 8.89 10.16 -47.26
N SER B 512 7.59 10.15 -47.56
CA SER B 512 6.81 11.37 -47.59
C SER B 512 6.37 11.79 -46.20
N LEU B 513 6.58 10.91 -45.23
CA LEU B 513 6.19 11.19 -43.84
C LEU B 513 7.31 11.85 -43.06
N CYS B 514 8.18 12.56 -43.77
CA CYS B 514 9.25 13.33 -43.16
C CYS B 514 9.35 14.68 -43.85
N LYS B 515 8.47 14.90 -44.82
CA LYS B 515 8.54 16.07 -45.70
C LYS B 515 8.13 17.38 -45.04
N LEU B 516 7.76 17.32 -43.76
CA LEU B 516 7.41 18.53 -43.03
C LEU B 516 7.64 18.40 -41.53
N CYS B 517 8.66 17.63 -41.16
CA CYS B 517 9.11 17.58 -39.77
C CYS B 517 10.01 18.78 -39.50
N MET B 518 10.61 18.81 -38.31
CA MET B 518 11.61 19.81 -37.99
C MET B 518 12.82 19.15 -37.33
N GLY B 519 13.48 19.85 -36.44
CA GLY B 519 14.66 19.32 -35.77
C GLY B 519 15.80 19.13 -36.75
N SER B 520 16.68 20.12 -36.81
CA SER B 520 17.77 20.13 -37.78
C SER B 520 18.75 18.97 -37.60
N GLY B 521 19.62 18.80 -38.61
CA GLY B 521 20.64 17.76 -38.56
C GLY B 521 20.15 16.42 -39.06
N LEU B 522 20.58 15.36 -38.37
CA LEU B 522 20.12 14.01 -38.67
C LEU B 522 19.04 13.61 -37.68
N ASN B 523 18.62 14.58 -36.87
CA ASN B 523 17.53 14.39 -35.92
C ASN B 523 16.18 14.50 -36.60
N LEU B 524 16.20 15.01 -37.83
CA LEU B 524 15.00 15.14 -38.64
C LEU B 524 14.36 13.76 -38.80
N CYS B 525 13.08 13.67 -38.45
CA CYS B 525 12.32 12.42 -38.53
C CYS B 525 12.93 11.33 -37.64
N GLU B 526 13.40 11.72 -36.46
CA GLU B 526 13.95 10.76 -35.51
C GLU B 526 13.10 10.70 -34.24
N PRO B 527 12.78 9.48 -33.78
CA PRO B 527 11.91 9.24 -32.62
C PRO B 527 12.45 9.74 -31.28
N ASN B 528 12.86 11.00 -31.22
CA ASN B 528 13.36 11.58 -29.96
C ASN B 528 13.11 13.08 -29.90
N ASN B 529 13.14 13.64 -28.69
CA ASN B 529 12.75 15.04 -28.47
C ASN B 529 13.50 16.09 -29.28
N LYS B 530 14.64 15.72 -29.87
CA LYS B 530 15.36 16.62 -30.75
C LYS B 530 14.49 16.95 -31.96
N GLU B 531 13.64 15.99 -32.32
CA GLU B 531 12.64 16.19 -33.35
C GLU B 531 11.44 16.90 -32.73
N GLY B 532 11.24 18.16 -33.11
CA GLY B 532 10.20 18.98 -32.52
C GLY B 532 8.78 18.48 -32.69
N TYR B 533 8.58 17.55 -33.62
CA TYR B 533 7.26 17.00 -33.87
C TYR B 533 7.13 15.57 -33.35
N TYR B 534 8.14 15.11 -32.61
CA TYR B 534 8.05 13.81 -31.96
C TYR B 534 7.14 13.88 -30.73
N GLY B 535 6.43 12.80 -30.46
CA GLY B 535 5.59 12.72 -29.28
C GLY B 535 4.22 13.33 -29.49
N TYR B 536 3.34 13.15 -28.49
CA TYR B 536 1.99 13.72 -28.54
C TYR B 536 2.05 15.21 -28.79
N THR B 537 2.82 15.91 -27.96
CA THR B 537 2.95 17.36 -28.02
C THR B 537 3.41 17.80 -29.39
N GLY B 538 4.48 17.18 -29.86
CA GLY B 538 5.07 17.53 -31.14
C GLY B 538 4.13 17.25 -32.29
N ALA B 539 3.37 16.16 -32.18
CA ALA B 539 2.41 15.80 -33.21
C ALA B 539 1.30 16.85 -33.28
N PHE B 540 0.87 17.36 -32.13
CA PHE B 540 -0.13 18.42 -32.12
C PHE B 540 0.45 19.74 -32.62
N ARG B 541 1.71 19.99 -32.31
CA ARG B 541 2.38 21.17 -32.84
C ARG B 541 2.46 21.08 -34.36
N CYS B 542 2.72 19.88 -34.86
CA CYS B 542 2.72 19.63 -36.29
C CYS B 542 1.39 20.03 -36.89
N LEU B 543 0.32 19.71 -36.19
CA LEU B 543 -1.03 20.03 -36.64
C LEU B 543 -1.28 21.53 -36.76
N VAL B 544 -0.89 22.30 -35.75
CA VAL B 544 -1.17 23.74 -35.73
C VAL B 544 -0.27 24.56 -36.66
N GLU B 545 0.87 23.99 -37.05
CA GLU B 545 1.86 24.73 -37.84
C GLU B 545 1.90 24.31 -39.31
N LYS B 546 1.87 23.00 -39.56
CA LYS B 546 2.07 22.48 -40.91
C LYS B 546 0.97 21.53 -41.37
N GLY B 547 0.71 20.48 -40.60
CA GLY B 547 -0.26 19.46 -40.99
C GLY B 547 -1.70 19.89 -40.86
N ASP B 548 -2.62 18.96 -41.11
CA ASP B 548 -4.05 19.25 -40.99
C ASP B 548 -4.82 18.16 -40.22
N VAL B 549 -4.12 17.12 -39.80
CA VAL B 549 -4.73 16.07 -38.98
C VAL B 549 -3.69 15.35 -38.12
N ALA B 550 -3.90 15.33 -36.82
CA ALA B 550 -2.99 14.68 -35.88
C ALA B 550 -3.64 13.46 -35.23
N PHE B 551 -2.92 12.34 -35.20
CA PHE B 551 -3.41 11.13 -34.54
C PHE B 551 -2.77 11.01 -33.17
N VAL B 552 -3.52 11.38 -32.15
CA VAL B 552 -2.92 11.67 -30.85
C VAL B 552 -3.83 11.23 -29.69
N LYS B 553 -3.47 11.58 -28.45
CA LYS B 553 -4.23 11.20 -27.27
C LYS B 553 -5.37 12.18 -26.98
N HIS B 554 -6.40 11.72 -26.28
CA HIS B 554 -7.57 12.58 -26.00
C HIS B 554 -7.31 13.62 -24.92
N GLN B 555 -6.15 13.57 -24.27
CA GLN B 555 -5.76 14.60 -23.31
C GLN B 555 -4.84 15.61 -23.96
N THR B 556 -4.26 15.21 -25.11
CA THR B 556 -3.22 15.99 -25.76
C THR B 556 -3.59 17.44 -26.01
N VAL B 557 -4.75 17.67 -26.63
CA VAL B 557 -5.15 19.03 -26.96
C VAL B 557 -5.40 19.93 -25.73
N PRO B 558 -6.14 19.43 -24.72
CA PRO B 558 -6.20 20.27 -23.50
C PRO B 558 -4.85 20.40 -22.80
N GLN B 559 -3.98 19.41 -22.93
CA GLN B 559 -2.65 19.46 -22.30
C GLN B 559 -1.81 20.62 -22.81
N ASN B 560 -2.06 21.04 -24.05
CA ASN B 560 -1.22 22.04 -24.70
C ASN B 560 -1.96 23.31 -25.08
N THR B 561 -3.10 23.53 -24.44
CA THR B 561 -3.85 24.78 -24.65
C THR B 561 -4.13 25.48 -23.32
N GLY B 562 -4.57 26.72 -23.39
CA GLY B 562 -4.93 27.49 -22.21
C GLY B 562 -3.76 28.08 -21.45
N GLY B 563 -2.56 27.60 -21.76
CA GLY B 563 -1.36 28.09 -21.11
C GLY B 563 -0.59 27.01 -20.37
N LYS B 564 -1.16 25.80 -20.33
CA LYS B 564 -0.50 24.68 -19.67
C LYS B 564 0.85 24.39 -20.32
N ASN B 565 0.93 24.66 -21.62
CA ASN B 565 2.19 24.61 -22.35
C ASN B 565 2.71 26.03 -22.55
N PRO B 566 3.62 26.47 -21.65
CA PRO B 566 4.04 27.88 -21.57
C PRO B 566 4.91 28.32 -22.74
N ASP B 567 5.34 27.37 -23.56
CA ASP B 567 6.14 27.68 -24.74
C ASP B 567 5.39 28.62 -25.68
N PRO B 568 6.13 29.38 -26.51
CA PRO B 568 5.49 30.42 -27.34
C PRO B 568 4.50 29.89 -28.38
N TRP B 569 4.79 28.73 -28.98
CA TRP B 569 3.96 28.20 -30.06
C TRP B 569 2.58 27.77 -29.56
N ALA B 570 2.43 27.61 -28.26
CA ALA B 570 1.21 27.03 -27.70
C ALA B 570 0.57 27.89 -26.62
N LYS B 571 1.19 29.03 -26.31
CA LYS B 571 0.74 29.87 -25.20
C LYS B 571 -0.69 30.40 -25.36
N ASN B 572 -1.02 30.85 -26.57
CA ASN B 572 -2.32 31.47 -26.80
C ASN B 572 -3.36 30.54 -27.44
N LEU B 573 -2.99 29.29 -27.61
CA LEU B 573 -3.89 28.30 -28.21
C LEU B 573 -5.09 28.02 -27.32
N ASN B 574 -6.23 27.72 -27.96
CA ASN B 574 -7.47 27.42 -27.26
C ASN B 574 -7.97 26.05 -27.69
N GLU B 575 -8.33 25.21 -26.73
CA GLU B 575 -8.79 23.85 -27.04
C GLU B 575 -10.05 23.83 -27.91
N LYS B 576 -10.90 24.84 -27.76
CA LYS B 576 -12.18 24.88 -28.47
C LYS B 576 -12.02 25.28 -29.93
N ASP B 577 -10.79 25.43 -30.37
CA ASP B 577 -10.51 25.71 -31.78
C ASP B 577 -10.40 24.41 -32.55
N TYR B 578 -10.53 23.29 -31.85
CA TYR B 578 -10.24 21.99 -32.45
C TYR B 578 -11.39 21.00 -32.27
N GLU B 579 -11.61 20.17 -33.29
CA GLU B 579 -12.60 19.11 -33.19
C GLU B 579 -11.98 17.75 -33.49
N LEU B 580 -12.82 16.71 -33.48
CA LEU B 580 -12.34 15.34 -33.63
C LEU B 580 -13.02 14.66 -34.80
N LEU B 581 -12.28 13.78 -35.47
CA LEU B 581 -12.82 13.00 -36.57
C LEU B 581 -13.44 11.73 -36.04
N CYS B 582 -14.68 11.47 -36.39
CA CYS B 582 -15.38 10.27 -35.94
C CYS B 582 -15.40 9.21 -37.04
N LEU B 583 -15.53 7.95 -36.63
CA LEU B 583 -15.50 6.84 -37.57
C LEU B 583 -16.72 6.80 -38.49
N ASP B 584 -17.75 7.58 -38.15
CA ASP B 584 -18.96 7.65 -38.96
C ASP B 584 -18.94 8.85 -39.91
N GLY B 585 -17.77 9.46 -40.05
CA GLY B 585 -17.60 10.57 -40.97
C GLY B 585 -17.97 11.94 -40.43
N THR B 586 -18.31 12.02 -39.15
CA THR B 586 -18.75 13.28 -38.56
C THR B 586 -17.67 13.89 -37.68
N ARG B 587 -17.96 15.06 -37.13
CA ARG B 587 -17.01 15.74 -36.25
C ARG B 587 -17.62 16.18 -34.91
N LYS B 588 -16.83 16.04 -33.85
CA LYS B 588 -17.25 16.45 -32.51
C LYS B 588 -16.10 17.15 -31.79
N PRO B 589 -16.41 18.00 -30.80
CA PRO B 589 -15.35 18.74 -30.10
C PRO B 589 -14.46 17.84 -29.24
N VAL B 590 -13.32 18.36 -28.82
CA VAL B 590 -12.28 17.57 -28.15
C VAL B 590 -12.71 16.94 -26.82
N GLU B 591 -13.76 17.47 -26.20
CA GLU B 591 -14.23 16.93 -24.93
C GLU B 591 -15.26 15.82 -25.15
N GLU B 592 -15.66 15.62 -26.40
CA GLU B 592 -16.62 14.58 -26.74
C GLU B 592 -15.93 13.33 -27.31
N TYR B 593 -14.76 13.03 -26.77
CA TYR B 593 -13.95 11.90 -27.20
C TYR B 593 -14.65 10.56 -27.00
N ALA B 594 -15.55 10.50 -26.03
CA ALA B 594 -16.20 9.25 -25.69
C ALA B 594 -17.15 8.78 -26.80
N ASN B 595 -17.63 9.72 -27.60
CA ASN B 595 -18.43 9.38 -28.77
C ASN B 595 -17.75 9.75 -30.07
N CYS B 596 -16.42 9.88 -30.04
CA CYS B 596 -15.67 10.28 -31.23
C CYS B 596 -14.19 9.93 -31.15
N HIS B 597 -13.89 8.64 -31.04
CA HIS B 597 -12.51 8.16 -30.95
C HIS B 597 -12.22 7.08 -31.98
N LEU B 598 -10.94 6.74 -32.12
CA LEU B 598 -10.55 5.64 -32.98
C LEU B 598 -10.68 4.32 -32.23
N ALA B 599 -10.11 4.29 -31.03
CA ALA B 599 -10.21 3.13 -30.15
C ALA B 599 -9.74 3.46 -28.73
N ARG B 600 -10.23 2.70 -27.76
CA ARG B 600 -9.78 2.84 -26.38
C ARG B 600 -8.47 2.08 -26.14
N ALA B 601 -7.53 2.74 -25.48
CA ALA B 601 -6.27 2.11 -25.10
C ALA B 601 -6.13 2.04 -23.57
N PRO B 602 -5.52 0.96 -23.07
CA PRO B 602 -5.38 0.78 -21.62
C PRO B 602 -4.21 1.58 -21.04
N ASN B 603 -4.27 1.85 -19.74
CA ASN B 603 -3.14 2.43 -19.02
C ASN B 603 -2.00 1.43 -18.99
N HIS B 604 -0.84 1.86 -18.53
CA HIS B 604 0.30 0.95 -18.42
C HIS B 604 -0.01 -0.19 -17.47
N ALA B 605 0.62 -1.33 -17.72
CA ALA B 605 0.39 -2.50 -16.89
C ALA B 605 1.71 -3.18 -16.59
N VAL B 606 1.81 -3.78 -15.42
CA VAL B 606 2.96 -4.61 -15.09
C VAL B 606 2.69 -5.97 -15.70
N VAL B 607 3.65 -6.49 -16.46
CA VAL B 607 3.50 -7.82 -17.04
C VAL B 607 4.57 -8.75 -16.49
N THR B 608 4.28 -10.04 -16.48
CA THR B 608 5.24 -11.03 -16.01
C THR B 608 4.95 -12.40 -16.62
N ARG B 609 5.74 -13.39 -16.24
CA ARG B 609 5.49 -14.77 -16.62
C ARG B 609 4.31 -15.33 -15.81
N LYS B 610 3.71 -16.39 -16.33
CA LYS B 610 2.52 -16.97 -15.71
C LYS B 610 2.88 -17.66 -14.39
N ASP B 611 4.10 -18.16 -14.29
CA ASP B 611 4.54 -18.87 -13.09
C ASP B 611 4.95 -17.90 -11.99
N LYS B 612 4.91 -16.61 -12.30
CA LYS B 612 5.33 -15.58 -11.37
C LYS B 612 4.16 -14.68 -11.00
N GLU B 613 3.04 -14.85 -11.70
CA GLU B 613 1.87 -13.99 -11.54
C GLU B 613 1.51 -13.74 -10.08
N ALA B 614 1.34 -14.81 -9.32
CA ALA B 614 0.96 -14.73 -7.91
C ALA B 614 1.96 -13.96 -7.05
N CYS B 615 3.25 -14.28 -7.21
CA CYS B 615 4.29 -13.63 -6.42
C CYS B 615 4.45 -12.15 -6.77
N VAL B 616 4.48 -11.85 -8.06
CA VAL B 616 4.57 -10.46 -8.49
C VAL B 616 3.38 -9.68 -7.97
N HIS B 617 2.20 -10.28 -8.07
CA HIS B 617 0.96 -9.72 -7.52
C HIS B 617 1.16 -9.40 -6.04
N LYS B 618 1.62 -10.39 -5.28
CA LYS B 618 1.80 -10.22 -3.84
C LYS B 618 2.79 -9.11 -3.48
N ILE B 619 3.98 -9.15 -4.06
CA ILE B 619 5.05 -8.26 -3.62
C ILE B 619 4.88 -6.80 -4.05
N LEU B 620 4.47 -6.59 -5.30
CA LEU B 620 4.28 -5.24 -5.79
C LEU B 620 3.17 -4.51 -5.02
N ARG B 621 2.16 -5.24 -4.55
CA ARG B 621 1.12 -4.62 -3.74
C ARG B 621 1.69 -4.29 -2.36
N GLN B 622 2.63 -5.12 -1.89
CA GLN B 622 3.30 -4.85 -0.63
C GLN B 622 4.20 -3.62 -0.76
N GLN B 623 4.82 -3.47 -1.93
CA GLN B 623 5.77 -2.39 -2.14
C GLN B 623 5.10 -1.01 -2.16
N GLN B 624 3.87 -0.96 -2.66
CA GLN B 624 3.17 0.31 -2.78
C GLN B 624 2.56 0.75 -1.46
N HIS B 625 2.55 -0.14 -0.47
CA HIS B 625 2.06 0.23 0.86
C HIS B 625 3.24 0.61 1.74
N LEU B 626 4.44 0.33 1.25
CA LEU B 626 5.68 0.69 1.93
C LEU B 626 6.20 2.02 1.39
N PHE B 627 6.14 2.19 0.07
CA PHE B 627 6.71 3.37 -0.58
C PHE B 627 5.74 4.03 -1.55
N GLY B 628 4.45 3.86 -1.31
CA GLY B 628 3.44 4.39 -2.20
C GLY B 628 3.35 5.91 -2.23
N SER B 629 2.45 6.42 -3.07
CA SER B 629 2.29 7.85 -3.33
C SER B 629 2.32 8.68 -2.05
N ASN B 630 1.29 8.52 -1.23
CA ASN B 630 1.30 9.10 0.11
C ASN B 630 1.85 8.08 1.10
N VAL B 631 1.25 8.00 2.28
CA VAL B 631 1.71 7.11 3.36
C VAL B 631 3.22 7.11 3.65
N THR B 632 3.93 8.11 3.14
CA THR B 632 5.36 8.30 3.40
C THR B 632 5.78 9.72 3.02
N ASP B 633 6.83 10.21 3.68
CA ASP B 633 7.40 11.52 3.36
C ASP B 633 8.40 11.37 2.22
N CYS B 634 7.99 11.79 1.03
CA CYS B 634 8.82 11.60 -0.17
C CYS B 634 10.11 12.41 -0.14
N SER B 635 10.18 13.37 0.77
CA SER B 635 11.38 14.17 0.95
C SER B 635 12.43 13.41 1.76
N GLY B 636 11.97 12.64 2.74
CA GLY B 636 12.88 11.95 3.65
C GLY B 636 13.21 10.52 3.25
N ASN B 637 12.30 9.86 2.56
CA ASN B 637 12.48 8.45 2.22
C ASN B 637 12.36 8.16 0.73
N PHE B 638 12.32 6.87 0.40
CA PHE B 638 12.14 6.44 -0.98
C PHE B 638 10.67 6.39 -1.36
N CYS B 639 10.36 6.88 -2.56
CA CYS B 639 9.00 6.81 -3.10
C CYS B 639 8.98 6.10 -4.45
N LEU B 640 8.19 5.03 -4.53
CA LEU B 640 8.12 4.21 -5.73
C LEU B 640 7.67 5.01 -6.96
N PHE B 641 6.79 5.98 -6.74
CA PHE B 641 6.16 6.71 -7.84
C PHE B 641 6.71 8.11 -8.01
N ARG B 642 7.98 8.28 -7.67
CA ARG B 642 8.70 9.53 -7.90
C ARG B 642 10.04 9.22 -8.56
N SER B 643 10.44 10.06 -9.50
CA SER B 643 11.68 9.81 -10.24
C SER B 643 12.55 11.05 -10.40
N GLU B 644 13.88 10.84 -10.42
CA GLU B 644 14.84 11.94 -10.48
C GLU B 644 14.67 12.79 -11.74
N THR B 645 14.27 12.15 -12.83
CA THR B 645 13.97 12.87 -14.06
C THR B 645 12.46 12.87 -14.30
N LYS B 646 12.00 11.94 -15.13
CA LYS B 646 10.57 11.78 -15.37
C LYS B 646 10.18 10.32 -15.62
N ASP B 647 9.09 9.90 -14.98
CA ASP B 647 8.42 8.63 -15.27
C ASP B 647 9.31 7.40 -15.38
N LEU B 648 10.14 7.16 -14.37
CA LEU B 648 11.01 5.99 -14.38
C LEU B 648 10.30 4.80 -13.74
N LEU B 649 10.44 3.63 -14.33
CA LEU B 649 9.78 2.41 -13.89
C LEU B 649 8.25 2.48 -14.01
N PHE B 650 7.65 3.45 -13.31
CA PHE B 650 6.21 3.69 -13.38
C PHE B 650 5.95 5.15 -13.73
N ARG B 651 4.74 5.50 -14.13
CA ARG B 651 4.42 6.90 -14.35
C ARG B 651 4.46 7.64 -13.00
N ASP B 652 4.86 8.91 -13.03
CA ASP B 652 5.02 9.67 -11.80
C ASP B 652 3.70 10.09 -11.16
N ASP B 653 2.62 10.02 -11.91
CA ASP B 653 1.30 10.34 -11.36
C ASP B 653 0.48 9.08 -11.10
N THR B 654 1.18 7.97 -10.94
CA THR B 654 0.56 6.73 -10.52
C THR B 654 0.06 6.88 -9.10
N VAL B 655 -1.25 6.66 -8.92
CA VAL B 655 -1.84 6.68 -7.59
C VAL B 655 -1.57 5.36 -6.88
N CYS B 656 -1.81 4.25 -7.58
CA CYS B 656 -1.56 2.92 -7.03
C CYS B 656 -1.58 1.87 -8.13
N LEU B 657 -1.14 0.66 -7.79
CA LEU B 657 -1.23 -0.49 -8.67
C LEU B 657 -2.50 -1.27 -8.37
N ALA B 658 -3.34 -1.46 -9.38
CA ALA B 658 -4.63 -2.12 -9.19
C ALA B 658 -4.59 -3.56 -9.71
N LYS B 659 -5.26 -4.45 -9.00
CA LYS B 659 -5.32 -5.87 -9.37
C LYS B 659 -6.28 -6.12 -10.53
N LEU B 660 -6.01 -7.17 -11.29
CA LEU B 660 -6.79 -7.48 -12.49
C LEU B 660 -7.56 -8.79 -12.34
N HIS B 661 -8.88 -8.72 -12.43
CA HIS B 661 -9.71 -9.91 -12.35
C HIS B 661 -10.06 -10.39 -13.75
N ASP B 662 -11.10 -9.79 -14.33
CA ASP B 662 -11.55 -10.16 -15.66
C ASP B 662 -10.46 -9.91 -16.69
N ARG B 663 -9.79 -8.77 -16.58
CA ARG B 663 -8.83 -8.35 -17.59
C ARG B 663 -7.41 -8.85 -17.29
N ASN B 664 -7.30 -10.12 -16.90
CA ASN B 664 -6.01 -10.70 -16.56
C ASN B 664 -5.28 -11.33 -17.75
N THR B 665 -5.83 -11.15 -18.95
CA THR B 665 -5.18 -11.62 -20.16
C THR B 665 -4.99 -10.45 -21.10
N TYR B 666 -4.02 -10.53 -22.00
CA TYR B 666 -3.69 -9.41 -22.86
C TYR B 666 -4.84 -9.01 -23.77
N GLU B 667 -5.61 -9.99 -24.23
CA GLU B 667 -6.74 -9.70 -25.11
C GLU B 667 -7.84 -8.98 -24.34
N LYS B 668 -8.03 -9.36 -23.07
CA LYS B 668 -9.08 -8.77 -22.25
C LYS B 668 -8.63 -7.46 -21.64
N TYR B 669 -7.33 -7.30 -21.45
CA TYR B 669 -6.80 -6.08 -20.87
C TYR B 669 -6.77 -4.94 -21.88
N LEU B 670 -6.49 -5.27 -23.14
CA LEU B 670 -6.42 -4.28 -24.21
C LEU B 670 -7.78 -3.83 -24.72
N GLY B 671 -8.75 -4.73 -24.74
CA GLY B 671 -10.08 -4.42 -25.22
C GLY B 671 -10.30 -4.86 -26.66
N GLU B 672 -11.55 -5.17 -27.00
CA GLU B 672 -11.86 -5.62 -28.35
C GLU B 672 -11.59 -4.53 -29.39
N GLU B 673 -11.80 -3.27 -29.03
CA GLU B 673 -11.55 -2.17 -29.94
C GLU B 673 -10.08 -2.11 -30.37
N TYR B 674 -9.17 -2.16 -29.39
CA TYR B 674 -7.74 -2.16 -29.70
C TYR B 674 -7.37 -3.37 -30.55
N VAL B 675 -7.84 -4.55 -30.15
CA VAL B 675 -7.49 -5.79 -30.84
C VAL B 675 -7.95 -5.79 -32.30
N LYS B 676 -9.20 -5.39 -32.53
CA LYS B 676 -9.73 -5.31 -33.89
C LYS B 676 -8.98 -4.28 -34.73
N ALA B 677 -8.55 -3.21 -34.08
CA ALA B 677 -7.83 -2.14 -34.77
C ALA B 677 -6.47 -2.62 -35.30
N VAL B 678 -5.65 -3.22 -34.47
CA VAL B 678 -4.39 -3.66 -34.98
C VAL B 678 -4.57 -4.92 -35.74
N GLY B 679 -3.93 -5.97 -35.28
CA GLY B 679 -3.97 -7.22 -36.01
C GLY B 679 -3.56 -6.94 -37.43
N ASN B 680 -4.53 -6.56 -38.24
CA ASN B 680 -4.17 -6.16 -39.57
C ASN B 680 -2.78 -5.53 -39.56
N LEU B 681 -2.68 -4.26 -39.18
CA LEU B 681 -1.43 -3.56 -39.28
C LEU B 681 -0.35 -4.49 -38.80
N ARG B 682 -0.73 -5.46 -38.01
CA ARG B 682 0.21 -6.47 -37.61
C ARG B 682 0.63 -7.07 -38.91
N LYS B 683 1.15 -8.28 -38.90
CA LYS B 683 1.50 -8.92 -40.14
C LYS B 683 1.72 -7.87 -41.21
N CYS B 684 2.78 -7.09 -41.08
CA CYS B 684 2.97 -5.96 -41.97
C CYS B 684 3.83 -5.06 -41.09
N SER B 685 4.01 -5.51 -39.85
CA SER B 685 4.76 -4.81 -38.82
C SER B 685 6.27 -4.93 -38.99
N THR B 686 7.01 -4.27 -38.11
CA THR B 686 8.46 -4.21 -38.18
C THR B 686 9.13 -4.86 -36.96
N SER B 687 8.40 -4.92 -35.85
CA SER B 687 8.89 -5.50 -34.60
C SER B 687 9.37 -6.93 -34.78
N SER B 688 10.66 -7.15 -34.53
CA SER B 688 11.24 -8.46 -34.76
C SER B 688 10.89 -9.45 -33.65
N LEU B 689 10.49 -8.92 -32.49
CA LEU B 689 10.05 -9.77 -31.39
C LEU B 689 8.67 -10.34 -31.70
N LEU B 690 7.77 -9.49 -32.20
CA LEU B 690 6.45 -9.93 -32.61
C LEU B 690 6.55 -11.01 -33.68
N GLU B 691 7.45 -10.80 -34.63
CA GLU B 691 7.68 -11.77 -35.69
C GLU B 691 8.08 -13.13 -35.13
N ALA B 692 8.98 -13.10 -34.15
CA ALA B 692 9.51 -14.33 -33.55
C ALA B 692 8.45 -15.10 -32.78
N CYS B 693 7.64 -14.39 -31.99
CA CYS B 693 6.62 -15.03 -31.18
C CYS B 693 5.43 -15.48 -32.03
N THR B 694 5.26 -14.86 -33.19
CA THR B 694 4.20 -15.24 -34.12
C THR B 694 4.58 -16.53 -34.84
N PHE B 695 5.86 -16.83 -34.89
CA PHE B 695 6.32 -18.08 -35.49
C PHE B 695 5.98 -19.28 -34.61
N ARG B 696 5.85 -19.05 -33.31
CA ARG B 696 5.52 -20.11 -32.37
C ARG B 696 4.03 -20.17 -32.04
N ARG B 697 3.36 -19.02 -32.15
CA ARG B 697 1.92 -18.97 -31.92
C ARG B 697 1.25 -17.93 -32.80
N PRO B 698 0.81 -18.34 -34.00
CA PRO B 698 0.94 -19.71 -34.51
C PRO B 698 2.27 -19.94 -35.21
C1 NAG C . -10.90 7.44 -13.94
C2 NAG C . -12.25 6.78 -13.68
C3 NAG C . -13.22 6.88 -14.87
C4 NAG C . -13.03 8.11 -15.75
C5 NAG C . -11.59 8.61 -15.81
C6 NAG C . -11.49 9.99 -16.48
C7 NAG C . -12.26 4.93 -12.10
C8 NAG C . -12.42 3.44 -11.95
N2 NAG C . -12.09 5.38 -13.34
O3 NAG C . -14.54 6.85 -14.39
O4 NAG C . -13.43 7.76 -17.04
O5 NAG C . -11.08 8.70 -14.51
O6 NAG C . -12.34 10.90 -15.82
O7 NAG C . -12.29 5.67 -11.11
C1 NAG C . -14.57 8.52 -17.45
C2 NAG C . -14.64 8.41 -18.97
C3 NAG C . -15.80 9.21 -19.50
C4 NAG C . -17.08 8.75 -18.82
C5 NAG C . -16.94 8.77 -17.29
C6 NAG C . -18.14 8.13 -16.59
C7 NAG C . -12.51 7.95 -19.99
C8 NAG C . -11.16 8.47 -20.40
N2 NAG C . -13.38 8.86 -19.55
O3 NAG C . -15.90 9.04 -20.90
O4 NAG C . -18.10 9.62 -19.25
O5 NAG C . -15.78 8.07 -16.85
O6 NAG C . -18.07 8.32 -15.19
O7 NAG C . -12.79 6.75 -20.08
C1 BMA C . -19.26 8.94 -19.74
C2 BMA C . -20.38 9.93 -19.49
C3 BMA C . -21.70 9.20 -19.84
C4 BMA C . -21.63 8.89 -21.34
C5 BMA C . -20.46 7.90 -21.52
C6 BMA C . -20.41 7.50 -22.99
O2 BMA C . -20.29 11.02 -20.36
O3 BMA C . -22.85 9.98 -19.64
O4 BMA C . -22.78 8.19 -21.72
O5 BMA C . -19.25 8.54 -21.12
O6 BMA C . -19.08 7.44 -23.36
C1 MAN C . -22.66 10.71 -18.41
C2 MAN C . -23.24 9.96 -17.24
C3 MAN C . -24.24 10.86 -16.52
C4 MAN C . -25.22 11.61 -17.43
C5 MAN C . -24.53 12.09 -18.68
C6 MAN C . -24.83 13.56 -18.76
O2 MAN C . -22.21 9.57 -16.36
O3 MAN C . -23.46 11.81 -15.83
O4 MAN C . -26.47 11.01 -17.79
O5 MAN C . -23.15 12.02 -18.48
O6 MAN C . -24.21 14.17 -17.65
C1 NAG C . -26.47 9.63 -18.16
C2 NAG C . -27.18 8.86 -17.03
C3 NAG C . -28.10 7.72 -17.44
C4 NAG C . -28.69 7.88 -18.84
C5 NAG C . -27.60 8.28 -19.82
C6 NAG C . -28.16 8.41 -21.22
C7 NAG C . -26.17 8.71 -14.82
C8 NAG C . -25.23 7.97 -13.91
N2 NAG C . -26.19 8.33 -16.10
O3 NAG C . -29.13 7.67 -16.49
O4 NAG C . -29.30 6.67 -19.23
O5 NAG C . -27.05 9.52 -19.44
O6 NAG C . -29.08 9.47 -21.26
O7 NAG C . -26.87 9.62 -14.38
C1 GAL C . -30.71 6.77 -19.00
C2 GAL C . -31.46 6.48 -20.30
C3 GAL C . -32.36 5.27 -20.17
C4 GAL C . -33.30 5.40 -18.98
C5 GAL C . -32.56 5.99 -17.79
C6 GAL C . -32.94 5.28 -16.50
O2 GAL C . -32.23 7.61 -20.65
O3 GAL C . -31.57 4.11 -20.02
O4 GAL C . -33.81 4.14 -18.63
O5 GAL C . -31.17 5.88 -17.99
O6 GAL C . -32.85 6.17 -15.41
C1 SIA C . -32.82 5.79 -13.61
C2 SIA C . -31.68 6.22 -14.51
C3 SIA C . -30.82 7.26 -13.78
C4 SIA C . -29.62 6.66 -13.08
C5 SIA C . -28.89 5.74 -14.04
C6 SIA C . -29.80 4.56 -14.40
C7 SIA C . -29.23 3.47 -15.31
C8 SIA C . -28.00 2.70 -14.79
C9 SIA C . -28.28 1.93 -13.50
C10 SIA C . -27.22 4.96 -12.30
C11 SIA C . -25.76 4.77 -12.08
N5 SIA C . -27.54 5.44 -13.51
O1A SIA C . -33.92 6.38 -13.70
O1B SIA C . -32.62 4.88 -12.78
O4 SIA C . -28.75 7.69 -12.63
O6 SIA C . -31.00 5.05 -15.06
O7 SIA C . -30.25 2.50 -15.55
O8 SIA C . -27.54 1.79 -15.79
O9 SIA C . -27.07 1.30 -13.05
O10 SIA C . -28.03 4.70 -11.43
C1 MAN C . -18.71 6.05 -23.41
C2 MAN C . -17.39 5.76 -22.70
C3 MAN C . -17.10 4.27 -22.88
C4 MAN C . -18.40 3.58 -23.30
C5 MAN C . -18.78 4.11 -24.69
C6 MAN C . -20.22 3.90 -25.07
O2 MAN C . -17.47 6.10 -21.33
O3 MAN C . -16.53 3.75 -21.68
O4 MAN C . -18.38 2.17 -23.19
O5 MAN C . -18.60 5.51 -24.71
O6 MAN C . -20.59 4.98 -25.90
C1 NAG C . -18.83 1.85 -21.85
C2 NAG C . -20.06 0.94 -21.83
C3 NAG C . -20.48 0.62 -20.39
C4 NAG C . -19.29 0.33 -19.48
C5 NAG C . -18.19 1.37 -19.69
C6 NAG C . -17.00 1.14 -18.77
C7 NAG C . -22.41 1.61 -22.26
C8 NAG C . -23.02 2.98 -22.19
N2 NAG C . -21.13 1.54 -22.62
O3 NAG C . -21.34 -0.51 -20.41
O4 NAG C . -19.66 0.35 -18.11
O5 NAG C . -17.80 1.33 -21.04
O6 NAG C . -16.68 -0.22 -18.72
O7 NAG C . -23.10 0.62 -22.02
C1 GAL C . -19.73 -0.97 -17.54
C2 GAL C . -20.74 -0.92 -16.38
C3 GAL C . -21.32 -2.27 -15.95
C4 GAL C . -21.35 -3.32 -17.06
C5 GAL C . -20.07 -3.25 -17.88
C6 GAL C . -20.01 -4.35 -18.93
O2 GAL C . -20.08 -0.36 -15.26
O3 GAL C . -22.64 -2.05 -15.52
O4 GAL C . -22.47 -3.11 -17.88
O5 GAL C . -20.05 -1.97 -18.48
O6 GAL C . -21.29 -4.59 -19.46
C1 NAG D . -0.84 12.66 -1.35
C2 NAG D . -1.24 14.08 -0.93
C3 NAG D . -0.65 15.26 -1.75
C4 NAG D . 0.31 14.90 -2.87
C5 NAG D . 0.14 13.46 -3.32
C6 NAG D . 1.20 13.06 -4.35
C7 NAG D . -3.44 14.24 0.12
C8 NAG D . -4.92 14.32 -0.09
N2 NAG D . -2.69 14.17 -0.99
O3 NAG D . 0.00 16.15 -0.85
O4 NAG D . 0.05 15.77 -3.96
O5 NAG D . 0.28 12.63 -2.20
O6 NAG D . 0.89 11.78 -4.85
O7 NAG D . -2.97 14.23 1.26
C1 NAG D . 1.17 16.60 -4.29
C2 NAG D . 1.00 16.94 -5.78
C3 NAG D . 1.58 18.28 -6.22
C4 NAG D . 1.33 19.35 -5.17
C5 NAG D . 1.98 18.87 -3.87
C6 NAG D . 1.93 19.93 -2.77
C7 NAG D . 0.79 15.33 -7.60
C8 NAG D . 1.51 14.44 -8.57
N2 NAG D . 1.52 15.88 -6.63
O3 NAG D . 0.97 18.66 -7.44
O4 NAG D . 1.66 20.70 -5.53
O5 NAG D . 1.30 17.71 -3.41
O6 NAG D . 0.60 20.08 -2.33
O7 NAG D . -0.42 15.53 -7.73
C1 BMA D . 3.00 21.09 -5.95
C2 BMA D . 3.26 20.84 -7.53
C3 BMA D . 4.11 21.96 -8.20
C4 BMA D . 3.73 23.30 -7.59
C5 BMA D . 4.20 23.20 -6.14
C6 BMA D . 4.25 24.64 -5.56
O2 BMA D . 2.08 20.79 -8.28
O3 BMA D . 3.86 22.09 -9.56
O4 BMA D . 4.48 24.32 -8.16
O5 BMA D . 3.22 22.45 -5.45
O6 BMA D . 5.07 24.62 -4.42
C1 MAN D . 4.31 24.74 -3.18
C2 MAN D . 2.90 25.30 -3.41
C3 MAN D . 2.71 26.66 -2.75
C4 MAN D . 3.89 27.60 -3.03
C5 MAN D . 5.20 26.89 -2.75
C6 MAN D . 6.06 27.67 -1.74
O2 MAN D . 1.95 24.38 -2.93
O3 MAN D . 2.59 26.48 -1.36
O4 MAN D . 3.87 28.07 -4.37
O5 MAN D . 4.96 25.58 -2.25
O6 MAN D . 5.39 27.76 -0.49
C1 NAG D . 3.70 29.50 -4.50
C2 NAG D . 2.48 30.05 -3.72
C3 NAG D . 2.40 31.58 -3.83
C4 NAG D . 3.74 32.18 -3.41
C5 NAG D . 4.84 31.62 -4.30
C6 NAG D . 6.19 32.22 -3.96
C7 NAG D . 0.33 28.99 -3.35
C8 NAG D . -0.71 28.07 -3.94
N2 NAG D . 1.25 29.46 -4.20
O3 NAG D . 1.34 32.06 -3.05
O4 NAG D . 3.70 33.59 -3.45
O5 NAG D . 4.89 30.21 -4.15
O6 NAG D . 6.38 32.18 -2.56
O7 NAG D . 0.32 29.25 -2.16
C1 GAL D . 3.63 34.08 -2.10
C2 GAL D . 4.46 35.36 -1.93
C3 GAL D . 3.75 36.50 -2.65
C4 GAL D . 2.39 36.71 -1.98
C5 GAL D . 2.18 35.56 -1.00
C6 GAL D . 0.87 35.66 -0.25
O2 GAL D . 5.15 35.59 -0.71
O3 GAL D . 3.55 36.19 -4.01
O4 GAL D . 1.38 36.73 -2.96
O5 GAL D . 2.30 34.33 -1.70
O6 GAL D . 0.86 37.03 0.11
C1 SIA D . -0.27 37.60 1.30
C2 SIA D . 1.22 37.40 1.53
C3 SIA D . 1.66 38.47 2.51
C4 SIA D . 0.96 38.21 3.82
C5 SIA D . 1.47 36.89 4.37
C6 SIA D . 1.34 35.73 3.37
C7 SIA D . 2.26 34.61 3.86
C8 SIA D . 2.13 33.32 3.06
C9 SIA D . 3.13 32.29 3.58
C10 SIA D . 1.31 36.43 6.79
C11 SIA D . 2.80 36.57 6.84
N5 SIA D . 0.73 36.58 5.59
O1A SIA D . -1.08 36.74 1.69
O1B SIA D . -0.63 38.64 0.73
O4 SIA D . 1.24 39.26 4.75
O6 SIA D . 1.54 36.05 1.97
O7 SIA D . 3.63 35.04 3.84
O8 SIA D . 0.80 32.81 3.16
O9 SIA D . 2.74 30.98 3.13
O10 SIA D . 0.66 36.19 7.79
C1 MAN D . 5.06 21.93 -10.34
C2 MAN D . 4.74 21.48 -11.76
C3 MAN D . 5.94 21.77 -12.63
C4 MAN D . 7.23 21.21 -12.01
C5 MAN D . 7.27 21.09 -10.47
C6 MAN D . 8.04 22.26 -9.86
O2 MAN D . 3.61 22.17 -12.24
O3 MAN D . 6.05 23.16 -12.81
O4 MAN D . 7.58 19.99 -12.64
O5 MAN D . 5.99 20.99 -9.84
O6 MAN D . 9.38 22.23 -10.32
C1 NAG D . 8.14 20.30 -13.93
C2 NAG D . 9.53 19.67 -14.07
C3 NAG D . 9.64 18.91 -15.39
C4 NAG D . 9.14 19.76 -16.56
C5 NAG D . 7.78 20.40 -16.24
C6 NAG D . 6.76 20.12 -17.34
C7 NAG D . 11.59 20.53 -13.10
C8 NAG D . 12.19 21.79 -12.56
N2 NAG D . 10.58 20.67 -13.96
O3 NAG D . 8.90 17.71 -15.32
O4 NAG D . 10.08 20.76 -16.88
O5 NAG D . 7.31 19.92 -15.00
O6 NAG D . 6.62 18.73 -17.55
O7 NAG D . 12.03 19.43 -12.75
C1 C8E E . -20.11 -8.95 26.03
C2 C8E E . -19.52 -7.56 26.27
C3 C8E E . -19.94 -7.01 27.62
C4 C8E E . -18.94 -5.97 28.12
C5 C8E E . -19.59 -4.60 28.22
C6 C8E E . -19.33 -3.96 29.58
C7 C8E E . -19.74 -2.48 29.59
C8 C8E E . -21.18 -2.31 29.12
O9 C8E E . -21.31 -1.11 28.40
C10 C8E E . -20.87 -1.23 27.06
C11 C8E E . -21.37 -0.03 26.25
O12 C8E E . -20.66 1.14 26.59
C13 C8E E . -20.00 1.72 25.49
C14 C8E E . -18.61 1.12 25.33
O15 C8E E . -18.49 0.56 24.03
C16 C8E E . -18.53 -0.85 24.03
C17 C8E E . -17.21 -1.41 24.52
O18 C8E E . -17.21 -2.81 24.37
C19 C8E E . -17.06 -3.22 23.02
C20 C8E E . -15.65 -3.79 22.80
O21 C8E E . -15.73 -5.20 22.65
C1 C8E F . 18.60 15.56 8.79
C2 C8E F . 18.62 17.08 8.88
C3 C8E F . 17.21 17.68 8.76
C4 C8E F . 17.03 18.92 9.63
C5 C8E F . 15.79 18.81 10.54
C6 C8E F . 15.70 19.99 11.50
C7 C8E F . 15.76 21.32 10.75
C8 C8E F . 16.11 22.52 11.63
O9 C8E F . 14.99 23.02 12.35
C10 C8E F . 15.03 24.42 12.50
C11 C8E F . 14.93 24.77 13.98
O12 C8E F . 14.47 26.09 14.15
C13 C8E F . 13.24 26.05 14.86
C14 C8E F . 12.28 27.18 14.54
O15 C8E F . 11.22 27.02 15.46
C16 C8E F . 10.95 28.07 16.38
C17 C8E F . 11.55 29.41 15.99
O18 C8E F . 10.50 30.28 15.71
C19 C8E F . 9.47 30.25 16.70
C20 C8E F . 8.47 31.39 16.54
O21 C8E F . 8.16 31.90 17.82
#